data_7DGE
#
_entry.id   7DGE
#
_cell.length_a   1.00
_cell.length_b   1.00
_cell.length_c   1.00
_cell.angle_alpha   90.00
_cell.angle_beta   90.00
_cell.angle_gamma   90.00
#
_symmetry.space_group_name_H-M   'P 1'
#
loop_
_entity.id
_entity.type
_entity.pdbx_description
1 polymer 'Metabotropic glutamate receptor 1'
2 polymer nanobody
3 non-polymer '(S)-2-AMINO-3-(3,5-DIOXO-[1,2,4]OXADIAZOLIDIN-2-YL)-PROPIONIC ACID'
#
loop_
_entity_poly.entity_id
_entity_poly.type
_entity_poly.pdbx_seq_one_letter_code
_entity_poly.pdbx_strand_id
1 'polypeptide(L)'
;GASSQRSVARMDGDVIIGALFSVHHQPPAEKVPERKCGEIREQYGIQRVEAMFHTLDKINADPVLLPNITLGSEIRDSCW
HSSVALEQSIEFIRDSLISIRDEKDGINRCLPDGQSLPPGRTKKPIAGVIGPGSSSVAIQVQNLLQLFDIPQIAYSATSI
DLSDKTLYKYFLRVVPSDTLQARAMLDIVKRYNWTYVSAVHTEGNYGESGMDAFKELAAQEGLCIAHSDKIYSNAGEKSF
DRLLRKLRERLPKARVVVCFCEGMTVRGLLSAMRRLGVVGEFSLIGSDGWADRDEVIEGYEVEANGGITIKLQSPEVRSF
DDYFLKLRLDTNHRNPWFQEFWQHRFQCRLEGFPQENSNFKRICTGNESLEENYVQDSKMGFVINAIYAMAHGLQNMHHA
LCPGHVGLCDAMKPIDGSKLLDFLIKSSFIGVSGEEVWFDEKGDAPGRYDIMNLQYTEANRYDYVHVGTWHEGVLNIDDY
KIQMNKSGVVRSVCSEPCLKGQIKVIRKGEVSCCWICTACKENEYVQDEFTCKACDLGWWPNADLTGCEPIPVRYLEWSN
IESIIAIAFSCLGILVTLFVTLIFVLYRDTPVVKSSSRELCYIILAGIFLGYVCPFTLIAKPTTTSCYLQRLLVGLSSAM
CYSALVTKTNRIARILAGSKKKICTRKPRFMSAWAQVIIASILISVQLTLVVTLIIMEPPMPILSYPSIKEVYLICNTSN
LGVVAPLGYNGLLIMSCTYYAFKTRNVPANFNEAKYIAFTMYTTCIIWLAFVPIYFGSNYKIITTCFAVSLSVTVALGCM
FTPKMYIIIAKPERNVRSAFTTSDVVRMHVGDG
;
A,B
2 'polypeptide(L)'
;QVQLVESGGGLVQAGGSLRLSCAASGRTFTSYAMGWFRQAPGKERESVAAISSSGGSTHYADSVKGRFTISRDNSKNTVY
LQMNSLKPEDTAVYYCAAAMYGSRWPDWEYDYWGQGTQVTVSS
;
C,D
#
# COMPACT_ATOMS: atom_id res chain seq x y z
N GLN A 5 -3.90 -25.52 38.44
CA GLN A 5 -5.05 -25.58 39.42
C GLN A 5 -5.36 -24.12 39.80
N ARG A 6 -6.65 -23.84 40.02
CA ARG A 6 -7.17 -22.48 40.16
C ARG A 6 -8.23 -22.38 41.25
N SER A 7 -8.24 -21.22 41.92
CA SER A 7 -9.14 -20.91 43.03
C SER A 7 -10.51 -20.49 42.48
N VAL A 8 -11.56 -20.92 43.18
CA VAL A 8 -12.94 -20.51 42.94
C VAL A 8 -13.48 -19.86 44.22
N ALA A 9 -14.06 -18.67 44.07
CA ALA A 9 -14.65 -17.92 45.17
C ALA A 9 -16.14 -18.27 45.21
N ARG A 10 -16.47 -19.27 46.02
CA ARG A 10 -17.81 -19.82 46.13
C ARG A 10 -18.48 -19.38 47.43
N MET A 11 -19.60 -18.68 47.30
CA MET A 11 -20.54 -18.40 48.38
C MET A 11 -21.79 -19.25 48.12
N ASP A 12 -22.37 -19.78 49.21
CA ASP A 12 -23.58 -20.59 49.14
C ASP A 12 -24.85 -19.79 48.86
N GLY A 13 -25.75 -20.46 48.15
CA GLY A 13 -27.13 -20.04 48.02
C GLY A 13 -27.92 -21.25 47.53
N ASP A 14 -29.22 -21.00 47.31
CA ASP A 14 -30.13 -21.94 46.69
C ASP A 14 -30.28 -21.66 45.19
N VAL A 15 -29.71 -20.54 44.72
CA VAL A 15 -29.41 -20.30 43.31
C VAL A 15 -28.00 -19.74 43.24
N ILE A 16 -27.19 -20.27 42.31
CA ILE A 16 -25.78 -19.94 42.25
C ILE A 16 -25.52 -19.31 40.88
N ILE A 17 -24.80 -18.19 40.90
CA ILE A 17 -24.53 -17.37 39.73
C ILE A 17 -23.01 -17.29 39.60
N GLY A 18 -22.47 -18.12 38.70
CA GLY A 18 -21.07 -18.09 38.34
C GLY A 18 -20.69 -16.74 37.72
N ALA A 19 -19.39 -16.48 37.59
CA ALA A 19 -18.90 -15.28 36.93
C ALA A 19 -17.48 -15.49 36.47
N LEU A 20 -17.08 -14.68 35.48
CA LEU A 20 -15.76 -14.79 34.87
C LEU A 20 -15.12 -13.41 34.89
N PHE A 21 -14.42 -13.12 35.99
CA PHE A 21 -13.68 -11.89 36.15
C PHE A 21 -12.21 -12.15 35.85
N SER A 22 -11.61 -11.21 35.11
CA SER A 22 -10.21 -11.22 34.74
C SER A 22 -9.33 -10.87 35.96
N VAL A 23 -9.29 -11.75 36.97
CA VAL A 23 -8.53 -11.53 38.19
C VAL A 23 -7.05 -11.28 37.89
N HIS A 24 -6.41 -12.27 37.26
CA HIS A 24 -5.04 -12.13 36.81
C HIS A 24 -5.01 -11.53 35.40
N HIS A 25 -3.86 -10.97 35.03
CA HIS A 25 -3.54 -10.59 33.67
C HIS A 25 -3.59 -11.79 32.73
N GLN A 26 -3.53 -11.50 31.41
CA GLN A 26 -3.33 -12.49 30.38
C GLN A 26 -2.01 -13.24 30.60
N PRO A 27 -1.94 -14.56 30.27
CA PRO A 27 -0.66 -15.26 30.33
C PRO A 27 0.37 -14.62 29.36
N PRO A 28 1.66 -14.66 29.74
CA PRO A 28 2.75 -14.22 28.85
C PRO A 28 2.76 -15.02 27.54
N ALA A 29 3.21 -14.37 26.46
CA ALA A 29 3.07 -14.83 25.08
C ALA A 29 3.43 -16.30 24.82
N GLU A 30 4.62 -16.71 25.29
CA GLU A 30 5.10 -18.09 25.16
C GLU A 30 4.39 -19.08 26.10
N LYS A 31 3.87 -18.61 27.24
CA LYS A 31 3.36 -19.46 28.31
C LYS A 31 1.89 -19.83 28.21
N VAL A 32 1.13 -19.22 27.30
CA VAL A 32 -0.29 -19.53 27.10
C VAL A 32 -0.66 -21.01 26.81
N PRO A 33 0.17 -21.83 26.07
CA PRO A 33 -0.06 -23.29 26.01
C PRO A 33 0.05 -24.05 27.34
N GLU A 34 0.69 -23.43 28.34
CA GLU A 34 0.75 -23.90 29.72
C GLU A 34 -0.34 -23.26 30.60
N ARG A 35 -0.83 -22.08 30.17
CA ARG A 35 -1.97 -21.31 30.70
C ARG A 35 -1.83 -20.82 32.14
N LYS A 36 -0.62 -20.40 32.49
CA LYS A 36 -0.34 -19.73 33.75
C LYS A 36 -0.44 -18.22 33.58
N CYS A 37 -1.36 -17.62 34.33
CA CYS A 37 -1.68 -16.20 34.26
C CYS A 37 -0.80 -15.45 35.24
N GLY A 38 -0.26 -14.30 34.79
CA GLY A 38 0.78 -13.55 35.49
C GLY A 38 0.28 -12.94 36.80
N GLU A 39 -0.01 -11.63 36.75
CA GLU A 39 -0.12 -10.79 37.92
C GLU A 39 -1.54 -10.30 38.11
N ILE A 40 -1.94 -10.19 39.38
CA ILE A 40 -3.29 -9.78 39.76
C ILE A 40 -3.52 -8.34 39.30
N ARG A 41 -4.73 -8.09 38.77
CA ARG A 41 -5.02 -6.88 38.03
C ARG A 41 -5.40 -5.68 38.89
N GLU A 42 -5.79 -5.89 40.16
CA GLU A 42 -5.85 -4.83 41.19
C GLU A 42 -6.94 -3.76 41.00
N GLN A 43 -7.50 -3.67 39.79
CA GLN A 43 -8.48 -2.68 39.39
C GLN A 43 -9.57 -3.33 38.52
N TYR A 44 -9.32 -4.54 38.03
CA TYR A 44 -10.02 -5.02 36.87
C TYR A 44 -10.66 -6.39 37.07
N GLY A 45 -10.20 -7.16 38.06
CA GLY A 45 -10.85 -8.43 38.36
C GLY A 45 -11.12 -8.56 39.84
N ILE A 46 -10.24 -8.06 40.72
CA ILE A 46 -10.37 -8.26 42.17
C ILE A 46 -11.38 -7.31 42.84
N GLN A 47 -11.41 -6.04 42.41
CA GLN A 47 -12.52 -5.16 42.75
C GLN A 47 -13.86 -5.70 42.27
N ARG A 48 -13.86 -6.42 41.14
CA ARG A 48 -15.05 -7.01 40.57
C ARG A 48 -15.51 -8.28 41.28
N VAL A 49 -14.58 -9.06 41.87
CA VAL A 49 -14.97 -10.14 42.77
C VAL A 49 -15.60 -9.58 44.04
N GLU A 50 -15.05 -8.45 44.53
CA GLU A 50 -15.61 -7.72 45.66
C GLU A 50 -16.92 -7.01 45.36
N ALA A 51 -17.07 -6.52 44.12
CA ALA A 51 -18.32 -6.02 43.58
C ALA A 51 -19.40 -7.09 43.67
N MET A 52 -19.12 -8.26 43.08
CA MET A 52 -20.06 -9.35 43.04
C MET A 52 -20.43 -9.93 44.40
N PHE A 53 -19.46 -10.04 45.31
CA PHE A 53 -19.77 -10.44 46.68
C PHE A 53 -20.63 -9.43 47.41
N HIS A 54 -20.24 -8.14 47.36
CA HIS A 54 -21.03 -7.03 47.88
C HIS A 54 -22.48 -7.02 47.37
N THR A 55 -22.66 -7.22 46.06
CA THR A 55 -23.96 -7.15 45.42
C THR A 55 -24.86 -8.33 45.78
N LEU A 56 -24.28 -9.52 45.90
CA LEU A 56 -25.04 -10.67 46.33
C LEU A 56 -25.31 -10.67 47.83
N ASP A 57 -24.42 -10.09 48.67
CA ASP A 57 -24.76 -9.72 50.05
C ASP A 57 -26.01 -8.84 50.12
N LYS A 58 -25.97 -7.73 49.38
CA LYS A 58 -27.05 -6.79 49.25
C LYS A 58 -28.37 -7.45 48.82
N ILE A 59 -28.34 -8.29 47.78
CA ILE A 59 -29.51 -8.94 47.21
C ILE A 59 -30.04 -10.14 48.03
N ASN A 60 -29.16 -10.84 48.78
CA ASN A 60 -29.57 -11.76 49.84
C ASN A 60 -30.27 -11.03 50.99
N ALA A 61 -29.88 -9.77 51.24
CA ALA A 61 -30.38 -8.94 52.33
C ALA A 61 -31.57 -8.05 51.95
N ASP A 62 -31.86 -7.88 50.65
CA ASP A 62 -32.97 -7.06 50.16
C ASP A 62 -34.30 -7.76 50.52
N PRO A 63 -35.30 -7.00 51.03
CA PRO A 63 -36.59 -7.61 51.39
C PRO A 63 -37.52 -7.92 50.20
N VAL A 64 -37.23 -7.38 49.00
CA VAL A 64 -38.12 -7.47 47.84
C VAL A 64 -37.51 -8.23 46.66
N LEU A 65 -36.19 -8.12 46.44
CA LEU A 65 -35.52 -8.90 45.41
C LEU A 65 -35.21 -10.27 45.98
N LEU A 66 -35.83 -11.29 45.35
CA LEU A 66 -35.58 -12.69 45.64
C LEU A 66 -35.83 -13.00 47.13
N PRO A 67 -36.97 -12.55 47.71
CA PRO A 67 -37.17 -12.68 49.16
C PRO A 67 -37.38 -14.17 49.48
N ASN A 68 -36.56 -14.68 50.41
CA ASN A 68 -36.51 -16.10 50.77
C ASN A 68 -35.98 -17.01 49.64
N ILE A 69 -35.51 -16.39 48.52
CA ILE A 69 -34.51 -16.97 47.64
C ILE A 69 -33.16 -16.43 48.14
N THR A 70 -32.20 -17.32 48.30
CA THR A 70 -30.85 -16.94 48.66
C THR A 70 -29.93 -17.26 47.49
N LEU A 71 -29.03 -16.31 47.19
CA LEU A 71 -28.08 -16.34 46.12
C LEU A 71 -26.71 -16.71 46.65
N GLY A 72 -26.06 -17.58 45.88
CA GLY A 72 -24.66 -17.90 46.00
C GLY A 72 -23.95 -17.18 44.86
N SER A 73 -22.71 -17.62 44.66
CA SER A 73 -21.89 -17.25 43.52
C SER A 73 -20.77 -18.26 43.45
N GLU A 74 -20.19 -18.38 42.25
CA GLU A 74 -18.93 -19.06 42.05
C GLU A 74 -18.14 -18.23 41.07
N ILE A 75 -17.39 -17.26 41.56
CA ILE A 75 -16.48 -16.52 40.71
C ILE A 75 -15.29 -17.41 40.37
N ARG A 76 -14.97 -17.46 39.08
CA ARG A 76 -13.78 -18.12 38.58
C ARG A 76 -13.00 -17.12 37.75
N ASP A 77 -11.73 -17.43 37.56
CA ASP A 77 -10.83 -16.55 36.86
C ASP A 77 -10.96 -16.75 35.34
N SER A 78 -11.22 -15.65 34.61
CA SER A 78 -11.18 -15.61 33.15
C SER A 78 -9.73 -15.61 32.61
N CYS A 79 -8.86 -14.82 33.27
CA CYS A 79 -7.48 -14.48 32.95
C CYS A 79 -7.28 -13.63 31.70
N TRP A 80 -8.34 -13.23 30.99
CA TRP A 80 -8.24 -12.51 29.71
C TRP A 80 -7.58 -13.39 28.62
N HIS A 81 -7.85 -14.70 28.65
CA HIS A 81 -7.37 -15.65 27.65
C HIS A 81 -8.45 -16.70 27.45
N SER A 82 -8.71 -17.00 26.18
CA SER A 82 -9.77 -17.91 25.73
C SER A 82 -9.62 -19.32 26.31
N SER A 83 -8.40 -19.87 26.25
CA SER A 83 -8.07 -21.19 26.79
C SER A 83 -8.22 -21.26 28.32
N VAL A 84 -7.79 -20.20 29.02
CA VAL A 84 -7.87 -20.15 30.48
C VAL A 84 -9.33 -20.04 30.97
N ALA A 85 -10.14 -19.21 30.30
CA ALA A 85 -11.56 -19.02 30.62
C ALA A 85 -12.41 -20.24 30.27
N LEU A 86 -12.14 -20.87 29.11
CA LEU A 86 -12.90 -22.03 28.64
C LEU A 86 -12.67 -23.27 29.53
N GLU A 87 -11.49 -23.39 30.17
CA GLU A 87 -11.26 -24.31 31.27
C GLU A 87 -12.27 -24.11 32.40
N GLN A 88 -12.42 -22.85 32.83
CA GLN A 88 -13.31 -22.48 33.93
C GLN A 88 -14.79 -22.63 33.60
N SER A 89 -15.15 -22.44 32.33
CA SER A 89 -16.51 -22.67 31.84
C SER A 89 -16.87 -24.14 31.94
N ILE A 90 -15.94 -25.02 31.52
CA ILE A 90 -16.00 -26.43 31.80
C ILE A 90 -16.11 -26.73 33.29
N GLU A 91 -15.43 -25.99 34.17
CA GLU A 91 -15.61 -26.15 35.61
C GLU A 91 -17.00 -25.74 36.13
N PHE A 92 -17.67 -24.78 35.47
CA PHE A 92 -19.06 -24.43 35.75
C PHE A 92 -20.04 -25.53 35.36
N ILE A 93 -20.01 -25.90 34.07
CA ILE A 93 -20.86 -26.93 33.51
C ILE A 93 -20.53 -28.33 34.09
N ARG A 94 -19.26 -28.62 34.42
CA ARG A 94 -18.71 -29.88 34.94
C ARG A 94 -19.50 -30.45 36.13
N ASP A 95 -19.94 -29.58 37.05
CA ASP A 95 -20.69 -29.95 38.25
C ASP A 95 -21.88 -30.86 37.94
N SER A 96 -22.66 -30.48 36.91
CA SER A 96 -23.80 -31.24 36.42
C SER A 96 -23.55 -32.00 35.09
N LEU A 97 -22.47 -31.68 34.37
CA LEU A 97 -22.09 -32.33 33.10
C LEU A 97 -21.81 -33.83 33.30
N ILE A 98 -21.16 -34.19 34.42
CA ILE A 98 -20.72 -35.56 34.68
C ILE A 98 -21.32 -35.90 36.01
N GLY A 120 -25.08 -40.03 46.04
CA GLY A 120 -26.30 -39.33 46.37
C GLY A 120 -26.30 -37.95 45.72
N ARG A 121 -25.81 -36.93 46.45
CA ARG A 121 -25.66 -35.57 45.95
C ARG A 121 -24.27 -35.06 46.35
N THR A 122 -23.65 -34.30 45.45
CA THR A 122 -22.33 -33.69 45.68
C THR A 122 -22.42 -32.16 45.46
N LYS A 123 -22.76 -31.71 44.25
CA LYS A 123 -22.66 -30.31 43.85
C LYS A 123 -24.00 -29.72 43.40
N LYS A 124 -23.94 -28.46 42.96
CA LYS A 124 -25.08 -27.61 42.68
C LYS A 124 -24.88 -26.82 41.39
N PRO A 125 -25.94 -26.71 40.56
CA PRO A 125 -25.83 -26.21 39.19
C PRO A 125 -25.79 -24.67 39.13
N ILE A 126 -24.83 -24.17 38.35
CA ILE A 126 -24.73 -22.75 38.01
C ILE A 126 -25.89 -22.35 37.08
N ALA A 127 -26.70 -21.40 37.55
CA ALA A 127 -27.89 -20.93 36.83
C ALA A 127 -27.54 -19.89 35.76
N GLY A 128 -26.73 -18.90 36.15
CA GLY A 128 -26.34 -17.79 35.30
C GLY A 128 -24.82 -17.70 35.25
N VAL A 129 -24.32 -16.86 34.33
CA VAL A 129 -22.90 -16.51 34.27
C VAL A 129 -22.80 -15.02 33.98
N ILE A 130 -21.98 -14.33 34.79
CA ILE A 130 -21.68 -12.92 34.57
C ILE A 130 -20.41 -12.89 33.70
N GLY A 131 -20.68 -13.01 32.39
CA GLY A 131 -19.77 -13.13 31.26
C GLY A 131 -18.54 -12.23 31.35
N PRO A 132 -17.42 -12.67 30.78
CA PRO A 132 -16.15 -11.95 30.87
C PRO A 132 -16.10 -10.68 30.01
N GLY A 133 -15.03 -9.90 30.25
CA GLY A 133 -14.92 -8.52 29.77
C GLY A 133 -14.36 -8.45 28.35
N SER A 134 -13.37 -9.28 27.97
CA SER A 134 -12.95 -9.32 26.58
C SER A 134 -14.08 -9.94 25.74
N SER A 135 -14.34 -9.35 24.57
CA SER A 135 -15.28 -9.87 23.61
C SER A 135 -14.95 -11.31 23.20
N SER A 136 -13.65 -11.59 23.06
CA SER A 136 -13.13 -12.88 22.61
C SER A 136 -13.34 -13.98 23.64
N VAL A 137 -12.96 -13.76 24.90
CA VAL A 137 -13.22 -14.73 25.96
C VAL A 137 -14.73 -14.93 26.19
N ALA A 138 -15.55 -13.88 25.98
CA ALA A 138 -17.00 -13.98 26.02
C ALA A 138 -17.58 -14.80 24.88
N ILE A 139 -17.02 -14.70 23.66
CA ILE A 139 -17.36 -15.57 22.54
C ILE A 139 -17.07 -17.04 22.81
N GLN A 140 -15.84 -17.35 23.27
CA GLN A 140 -15.44 -18.72 23.57
C GLN A 140 -16.30 -19.36 24.66
N VAL A 141 -16.48 -18.63 25.77
CA VAL A 141 -17.36 -19.02 26.85
C VAL A 141 -18.82 -19.12 26.39
N GLN A 142 -19.25 -18.25 25.45
CA GLN A 142 -20.58 -18.32 24.87
C GLN A 142 -20.82 -19.60 24.07
N ASN A 143 -19.87 -19.94 23.19
CA ASN A 143 -19.88 -21.15 22.38
C ASN A 143 -19.87 -22.43 23.20
N LEU A 144 -19.45 -22.37 24.48
CA LEU A 144 -19.55 -23.50 25.39
C LEU A 144 -20.80 -23.45 26.28
N LEU A 145 -21.23 -22.26 26.74
CA LEU A 145 -22.35 -22.14 27.66
C LEU A 145 -23.71 -22.38 27.00
N GLN A 146 -23.94 -21.84 25.79
CA GLN A 146 -25.23 -21.97 25.09
C GLN A 146 -25.62 -23.41 24.80
N LEU A 147 -24.61 -24.30 24.73
CA LEU A 147 -24.79 -25.74 24.59
C LEU A 147 -25.46 -26.39 25.82
N PHE A 148 -25.45 -25.69 26.96
CA PHE A 148 -25.88 -26.17 28.26
C PHE A 148 -27.07 -25.42 28.86
N ASP A 149 -27.57 -24.39 28.15
CA ASP A 149 -28.66 -23.56 28.62
C ASP A 149 -28.30 -22.84 29.94
N ILE A 150 -27.32 -21.93 29.83
CA ILE A 150 -26.76 -21.19 30.95
C ILE A 150 -26.51 -19.76 30.46
N PRO A 151 -27.39 -18.79 30.79
CA PRO A 151 -27.33 -17.42 30.24
C PRO A 151 -26.06 -16.70 30.65
N GLN A 152 -25.60 -15.83 29.76
CA GLN A 152 -24.40 -15.05 29.94
C GLN A 152 -24.71 -13.56 29.78
N ILE A 153 -24.25 -12.76 30.75
CA ILE A 153 -24.40 -11.32 30.71
C ILE A 153 -23.01 -10.70 30.78
N ALA A 154 -22.58 -10.01 29.72
CA ALA A 154 -21.22 -9.54 29.59
C ALA A 154 -21.15 -8.05 29.87
N TYR A 155 -20.87 -7.74 31.14
CA TYR A 155 -20.84 -6.38 31.71
C TYR A 155 -20.04 -5.33 30.93
N SER A 156 -19.15 -5.75 30.02
CA SER A 156 -18.54 -4.88 29.02
C SER A 156 -17.85 -5.70 27.94
N ALA A 157 -18.62 -6.32 27.04
CA ALA A 157 -18.10 -7.02 25.88
C ALA A 157 -18.80 -6.44 24.65
N THR A 158 -18.10 -5.52 24.01
CA THR A 158 -18.63 -4.56 23.07
C THR A 158 -18.80 -5.10 21.64
N SER A 159 -17.87 -5.92 21.12
CA SER A 159 -17.78 -6.32 19.70
C SER A 159 -19.10 -6.72 19.05
N ILE A 160 -19.41 -6.13 17.89
CA ILE A 160 -20.71 -6.27 17.26
C ILE A 160 -21.06 -7.71 16.89
N ASP A 161 -20.07 -8.58 16.63
CA ASP A 161 -20.25 -10.00 16.29
C ASP A 161 -21.24 -10.73 17.22
N LEU A 162 -21.19 -10.36 18.52
CA LEU A 162 -22.15 -10.69 19.56
C LEU A 162 -23.51 -9.96 19.44
N SER A 163 -23.95 -9.54 18.25
CA SER A 163 -25.25 -8.93 17.99
C SER A 163 -26.08 -9.81 17.06
N ASP A 164 -25.62 -11.05 16.80
CA ASP A 164 -26.34 -12.02 16.01
C ASP A 164 -26.70 -13.18 16.95
N LYS A 165 -27.97 -13.16 17.40
CA LYS A 165 -28.50 -14.12 18.38
C LYS A 165 -28.85 -15.50 17.80
N THR A 166 -28.40 -15.77 16.57
CA THR A 166 -28.44 -17.11 15.99
C THR A 166 -27.22 -17.90 16.49
N LEU A 167 -25.99 -17.40 16.27
CA LEU A 167 -24.78 -17.97 16.85
C LEU A 167 -24.83 -17.85 18.38
N TYR A 168 -24.75 -16.60 18.86
CA TYR A 168 -24.59 -16.24 20.27
C TYR A 168 -25.96 -15.97 20.85
N LYS A 169 -26.70 -17.05 21.07
CA LYS A 169 -28.06 -16.99 21.56
C LYS A 169 -28.16 -16.34 22.94
N TYR A 170 -27.36 -16.87 23.87
CA TYR A 170 -27.47 -16.64 25.31
C TYR A 170 -26.85 -15.36 25.80
N PHE A 171 -26.53 -14.47 24.86
CA PHE A 171 -25.67 -13.35 25.11
C PHE A 171 -26.50 -12.11 25.33
N LEU A 172 -26.40 -11.64 26.57
CA LEU A 172 -26.92 -10.37 26.98
C LEU A 172 -25.74 -9.50 27.31
N ARG A 173 -25.89 -8.21 27.06
CA ARG A 173 -24.99 -7.20 27.54
C ARG A 173 -25.73 -6.38 28.57
N VAL A 174 -25.00 -5.44 29.15
CA VAL A 174 -25.59 -4.28 29.80
C VAL A 174 -24.89 -3.02 29.26
N VAL A 175 -24.41 -3.12 28.01
CA VAL A 175 -23.53 -2.16 27.37
C VAL A 175 -23.94 -1.91 25.91
N PRO A 176 -23.33 -0.90 25.26
CA PRO A 176 -23.57 -0.65 23.85
C PRO A 176 -22.64 -1.51 22.99
N SER A 177 -23.19 -2.12 21.93
CA SER A 177 -22.38 -2.75 20.89
C SER A 177 -21.46 -1.73 20.19
N ASP A 178 -20.37 -2.24 19.61
CA ASP A 178 -19.29 -1.44 19.05
C ASP A 178 -19.69 -0.49 17.93
N THR A 179 -20.77 -0.79 17.20
CA THR A 179 -21.24 0.04 16.09
C THR A 179 -21.45 1.50 16.49
N LEU A 180 -21.98 1.73 17.71
CA LEU A 180 -22.10 3.05 18.29
C LEU A 180 -20.73 3.71 18.47
N GLN A 181 -19.72 2.94 18.89
CA GLN A 181 -18.39 3.44 19.22
C GLN A 181 -17.53 3.76 18.02
N ALA A 182 -17.62 2.88 17.02
CA ALA A 182 -17.18 3.14 15.66
C ALA A 182 -17.77 4.45 15.12
N ARG A 183 -19.09 4.60 15.29
CA ARG A 183 -19.86 5.78 14.94
C ARG A 183 -19.41 7.05 15.68
N ALA A 184 -19.14 6.96 16.99
CA ALA A 184 -18.67 8.07 17.81
C ALA A 184 -17.28 8.55 17.38
N MET A 185 -16.28 7.66 17.42
CA MET A 185 -14.91 7.96 17.01
C MET A 185 -14.82 8.45 15.56
N LEU A 186 -15.71 7.97 14.68
CA LEU A 186 -15.90 8.52 13.35
C LEU A 186 -16.37 9.98 13.39
N ASP A 187 -17.45 10.26 14.14
CA ASP A 187 -17.93 11.61 14.40
C ASP A 187 -16.89 12.56 14.98
N ILE A 188 -16.01 12.07 15.87
CA ILE A 188 -14.85 12.81 16.34
C ILE A 188 -13.90 13.13 15.17
N VAL A 189 -13.27 12.11 14.58
CA VAL A 189 -12.24 12.32 13.56
C VAL A 189 -12.72 13.13 12.34
N LYS A 190 -13.99 12.99 11.93
CA LYS A 190 -14.57 13.85 10.89
C LYS A 190 -14.80 15.30 11.36
N ARG A 191 -15.18 15.49 12.64
CA ARG A 191 -15.49 16.81 13.21
C ARG A 191 -14.26 17.70 13.26
N TYR A 192 -13.10 17.12 13.64
CA TYR A 192 -11.82 17.82 13.72
C TYR A 192 -11.21 18.10 12.35
N ASN A 193 -11.91 17.71 11.27
CA ASN A 193 -11.51 17.78 9.87
C ASN A 193 -10.48 16.69 9.51
N TRP A 194 -10.07 15.84 10.48
CA TRP A 194 -9.10 14.77 10.26
C TRP A 194 -9.63 13.76 9.23
N THR A 195 -8.77 13.45 8.25
CA THR A 195 -9.12 12.55 7.16
C THR A 195 -8.20 11.32 7.20
N TYR A 196 -6.89 11.54 7.06
CA TYR A 196 -5.90 10.50 6.81
C TYR A 196 -5.23 10.15 8.12
N VAL A 197 -5.69 9.03 8.69
CA VAL A 197 -5.35 8.62 10.04
C VAL A 197 -4.90 7.17 10.02
N SER A 198 -3.81 6.88 10.76
CA SER A 198 -3.39 5.52 11.07
C SER A 198 -4.47 4.79 11.88
N ALA A 199 -4.44 3.46 11.87
CA ALA A 199 -5.41 2.69 12.62
C ALA A 199 -4.78 1.38 13.05
N VAL A 200 -4.15 1.39 14.23
CA VAL A 200 -3.78 0.15 14.90
C VAL A 200 -4.98 -0.36 15.70
N HIS A 201 -5.08 -1.67 15.88
CA HIS A 201 -6.16 -2.24 16.67
C HIS A 201 -5.69 -3.58 17.24
N THR A 202 -6.46 -4.06 18.22
CA THR A 202 -6.22 -5.34 18.85
C THR A 202 -6.65 -6.51 17.96
N GLU A 203 -5.81 -7.56 17.85
CA GLU A 203 -6.25 -8.83 17.29
C GLU A 203 -7.16 -9.57 18.27
N GLY A 204 -8.24 -10.16 17.75
CA GLY A 204 -9.32 -10.71 18.54
C GLY A 204 -10.60 -9.97 18.16
N ASN A 205 -11.73 -10.39 18.73
CA ASN A 205 -13.02 -10.02 18.22
C ASN A 205 -13.43 -8.56 18.47
N TYR A 206 -13.05 -7.99 19.63
CA TYR A 206 -13.27 -6.59 19.94
C TYR A 206 -12.69 -5.66 18.90
N GLY A 207 -11.35 -5.72 18.80
CA GLY A 207 -10.61 -4.92 17.85
C GLY A 207 -11.10 -5.23 16.44
N GLU A 208 -11.21 -6.51 16.02
CA GLU A 208 -11.62 -6.87 14.66
C GLU A 208 -12.99 -6.32 14.25
N SER A 209 -14.07 -6.77 14.89
CA SER A 209 -15.42 -6.40 14.50
C SER A 209 -15.69 -4.88 14.66
N GLY A 210 -15.23 -4.29 15.77
CA GLY A 210 -15.37 -2.86 16.04
C GLY A 210 -14.56 -2.00 15.07
N MET A 211 -13.28 -2.36 14.83
CA MET A 211 -12.39 -1.65 13.91
C MET A 211 -12.86 -1.73 12.46
N ASP A 212 -13.35 -2.91 12.04
CA ASP A 212 -13.93 -3.12 10.71
C ASP A 212 -15.17 -2.25 10.47
N ALA A 213 -16.05 -2.15 11.47
CA ALA A 213 -17.20 -1.25 11.44
C ALA A 213 -16.79 0.23 11.31
N PHE A 214 -15.83 0.68 12.13
CA PHE A 214 -15.23 2.00 12.02
C PHE A 214 -14.65 2.30 10.64
N LYS A 215 -13.83 1.37 10.13
CA LYS A 215 -13.09 1.54 8.90
C LYS A 215 -14.02 1.62 7.69
N GLU A 216 -15.06 0.79 7.70
CA GLU A 216 -16.13 0.78 6.70
C GLU A 216 -16.82 2.14 6.61
N LEU A 217 -17.11 2.75 7.78
CA LEU A 217 -17.69 4.07 7.81
C LEU A 217 -16.70 5.13 7.30
N ALA A 218 -15.46 5.15 7.83
CA ALA A 218 -14.39 6.06 7.40
C ALA A 218 -14.16 6.07 5.88
N ALA A 219 -14.35 4.93 5.20
CA ALA A 219 -14.39 4.83 3.74
C ALA A 219 -15.43 5.78 3.12
N GLN A 220 -16.70 5.63 3.55
CA GLN A 220 -17.84 6.40 3.05
C GLN A 220 -17.86 7.87 3.48
N GLU A 221 -17.28 8.20 4.65
CA GLU A 221 -17.36 9.55 5.24
C GLU A 221 -16.05 10.34 5.03
N GLY A 222 -15.40 10.12 3.88
CA GLY A 222 -14.35 10.98 3.34
C GLY A 222 -12.95 10.66 3.83
N LEU A 223 -12.78 9.92 4.95
CA LEU A 223 -11.49 9.60 5.54
C LEU A 223 -10.62 8.70 4.65
N CYS A 224 -9.41 8.47 5.14
CA CYS A 224 -8.44 7.55 4.55
C CYS A 224 -7.78 6.72 5.65
N ILE A 225 -6.68 6.03 5.33
CA ILE A 225 -5.95 5.18 6.27
C ILE A 225 -4.45 5.29 6.00
N ALA A 226 -3.65 5.47 7.07
CA ALA A 226 -2.19 5.43 6.97
C ALA A 226 -1.65 4.00 7.04
N HIS A 227 -2.08 3.19 8.02
CA HIS A 227 -1.72 1.77 8.07
C HIS A 227 -2.68 1.02 8.97
N SER A 228 -3.47 0.12 8.38
CA SER A 228 -4.39 -0.73 9.13
C SER A 228 -3.58 -1.89 9.74
N ASP A 229 -3.24 -1.71 11.01
CA ASP A 229 -2.42 -2.65 11.77
C ASP A 229 -3.24 -3.39 12.81
N LYS A 230 -2.79 -4.60 13.10
CA LYS A 230 -3.46 -5.52 13.99
C LYS A 230 -2.38 -6.22 14.81
N ILE A 231 -2.44 -5.99 16.12
CA ILE A 231 -1.49 -6.55 17.05
C ILE A 231 -2.26 -7.09 18.25
N TYR A 232 -1.84 -8.27 18.74
CA TYR A 232 -2.46 -8.92 19.89
C TYR A 232 -2.21 -8.11 21.17
N SER A 233 -3.05 -8.34 22.18
CA SER A 233 -2.88 -7.74 23.49
C SER A 233 -1.56 -8.15 24.16
N ASN A 234 -1.49 -9.43 24.57
CA ASN A 234 -0.36 -9.98 25.30
C ASN A 234 0.94 -10.12 24.48
N ALA A 235 0.96 -9.60 23.24
CA ALA A 235 2.11 -9.64 22.35
C ALA A 235 3.38 -9.15 23.05
N GLY A 236 4.49 -9.83 22.76
CA GLY A 236 5.80 -9.45 23.26
C GLY A 236 6.20 -8.07 22.71
N GLU A 237 7.26 -7.49 23.26
CA GLU A 237 7.72 -6.15 22.96
C GLU A 237 8.11 -5.96 21.50
N LYS A 238 8.81 -6.95 20.92
CA LYS A 238 9.35 -6.82 19.57
C LYS A 238 8.29 -6.56 18.49
N SER A 239 7.11 -7.17 18.68
CA SER A 239 5.92 -6.88 17.87
C SER A 239 5.42 -5.44 18.05
N PHE A 240 5.40 -4.90 19.28
CA PHE A 240 5.04 -3.50 19.54
C PHE A 240 6.03 -2.47 19.03
N ASP A 241 7.33 -2.77 19.14
CA ASP A 241 8.41 -2.01 18.50
C ASP A 241 8.18 -1.94 16.98
N ARG A 242 7.87 -3.11 16.40
CA ARG A 242 7.58 -3.26 14.99
C ARG A 242 6.37 -2.44 14.55
N LEU A 243 5.33 -2.40 15.39
CA LEU A 243 4.17 -1.58 15.13
C LEU A 243 4.48 -0.09 15.22
N LEU A 244 5.33 0.34 16.16
CA LEU A 244 5.75 1.74 16.18
C LEU A 244 6.61 2.18 15.01
N ARG A 245 7.35 1.25 14.41
CA ARG A 245 8.00 1.49 13.14
C ARG A 245 6.97 1.75 12.03
N LYS A 246 6.07 0.77 11.83
CA LYS A 246 4.98 0.82 10.84
C LYS A 246 3.93 1.92 11.07
N LEU A 247 3.92 2.54 12.26
CA LEU A 247 3.00 3.61 12.66
C LEU A 247 3.68 4.99 12.71
N ARG A 248 5.02 5.03 12.82
CA ARG A 248 5.80 6.27 12.83
C ARG A 248 6.32 6.63 11.44
N GLU A 249 6.54 5.67 10.54
CA GLU A 249 6.56 5.99 9.12
C GLU A 249 5.16 6.57 8.77
N ARG A 250 5.13 7.60 7.91
CA ARG A 250 3.95 8.42 7.64
C ARG A 250 3.47 9.29 8.81
N LEU A 251 4.16 9.30 9.96
CA LEU A 251 4.00 10.35 10.96
C LEU A 251 4.28 11.79 10.46
N PRO A 252 5.24 12.04 9.53
CA PRO A 252 5.41 13.38 8.95
C PRO A 252 4.13 14.06 8.42
N LYS A 253 3.09 13.26 8.11
CA LYS A 253 1.81 13.70 7.60
C LYS A 253 0.61 13.34 8.49
N ALA A 254 0.43 12.04 8.76
CA ALA A 254 -0.83 11.43 9.21
C ALA A 254 -0.77 11.12 10.71
N ARG A 255 -1.03 12.16 11.51
CA ARG A 255 -0.59 12.22 12.90
C ARG A 255 -1.59 11.70 13.93
N VAL A 256 -2.76 11.22 13.51
CA VAL A 256 -3.79 10.82 14.45
C VAL A 256 -4.07 9.33 14.29
N VAL A 257 -3.35 8.51 15.06
CA VAL A 257 -3.62 7.09 15.11
C VAL A 257 -4.88 6.82 15.95
N VAL A 258 -5.89 6.25 15.28
CA VAL A 258 -7.16 5.89 15.90
C VAL A 258 -7.11 4.43 16.35
N CYS A 259 -6.51 4.25 17.53
CA CYS A 259 -6.33 2.95 18.15
C CYS A 259 -7.68 2.46 18.70
N PHE A 260 -8.09 1.23 18.31
CA PHE A 260 -9.36 0.65 18.74
C PHE A 260 -9.15 -0.35 19.88
N CYS A 261 -7.98 -0.29 20.53
CA CYS A 261 -7.43 -1.42 21.23
C CYS A 261 -8.04 -1.57 22.63
N GLU A 262 -7.75 -2.72 23.27
CA GLU A 262 -7.92 -2.90 24.71
C GLU A 262 -6.93 -2.05 25.48
N GLY A 263 -7.07 -2.05 26.80
CA GLY A 263 -6.16 -1.35 27.69
C GLY A 263 -4.70 -1.77 27.45
N MET A 264 -4.42 -3.07 27.56
CA MET A 264 -3.06 -3.61 27.55
C MET A 264 -2.34 -3.55 26.20
N THR A 265 -3.10 -3.49 25.10
CA THR A 265 -2.51 -3.26 23.78
C THR A 265 -2.05 -1.80 23.62
N VAL A 266 -2.92 -0.85 24.02
CA VAL A 266 -2.54 0.55 24.10
C VAL A 266 -1.38 0.73 25.08
N ARG A 267 -1.34 0.01 26.20
CA ARG A 267 -0.22 0.03 27.12
C ARG A 267 1.11 -0.40 26.49
N GLY A 268 1.09 -1.47 25.68
CA GLY A 268 2.24 -1.96 24.95
C GLY A 268 2.72 -0.95 23.90
N LEU A 269 1.77 -0.21 23.28
CA LEU A 269 2.07 0.94 22.45
C LEU A 269 2.86 2.00 23.23
N LEU A 270 2.35 2.42 24.40
CA LEU A 270 3.02 3.43 25.24
C LEU A 270 4.39 2.97 25.75
N SER A 271 4.55 1.65 25.98
CA SER A 271 5.82 1.03 26.33
C SER A 271 6.86 1.19 25.22
N ALA A 272 6.46 0.89 23.98
CA ALA A 272 7.28 1.15 22.81
C ALA A 272 7.49 2.65 22.53
N MET A 273 6.58 3.52 23.00
CA MET A 273 6.72 4.97 22.89
C MET A 273 7.80 5.54 23.82
N ARG A 274 7.95 4.93 25.00
CA ARG A 274 9.08 5.20 25.89
C ARG A 274 10.38 4.62 25.35
N ARG A 275 10.38 3.29 25.07
CA ARG A 275 11.55 2.49 24.70
C ARG A 275 12.39 3.06 23.55
N LEU A 276 11.80 3.97 22.77
CA LEU A 276 12.35 4.50 21.54
C LEU A 276 12.32 6.03 21.45
N GLY A 277 11.46 6.72 22.21
CA GLY A 277 11.42 8.18 22.23
C GLY A 277 10.36 8.75 21.28
N VAL A 278 9.22 8.05 21.13
CA VAL A 278 8.04 8.48 20.38
C VAL A 278 7.22 9.55 21.13
N VAL A 279 7.68 9.93 22.33
CA VAL A 279 6.93 10.48 23.44
C VAL A 279 5.86 11.54 23.08
N GLY A 280 6.18 12.48 22.19
CA GLY A 280 5.27 13.55 21.77
C GLY A 280 4.87 13.48 20.30
N GLU A 281 5.16 12.39 19.58
CA GLU A 281 5.04 12.27 18.13
C GLU A 281 3.63 12.47 17.57
N PHE A 282 2.75 11.51 17.85
CA PHE A 282 1.39 11.48 17.35
C PHE A 282 0.41 11.31 18.51
N SER A 283 -0.84 11.70 18.24
CA SER A 283 -1.95 11.59 19.18
C SER A 283 -2.34 10.13 19.45
N LEU A 284 -3.42 9.94 20.20
CA LEU A 284 -3.90 8.60 20.47
C LEU A 284 -5.37 8.72 20.80
N ILE A 285 -6.22 8.61 19.76
CA ILE A 285 -7.66 8.62 19.91
C ILE A 285 -8.16 7.19 20.08
N GLY A 286 -8.52 6.89 21.33
CA GLY A 286 -8.74 5.55 21.82
C GLY A 286 -10.15 5.05 21.57
N SER A 287 -10.54 4.15 22.46
CA SER A 287 -11.82 3.44 22.47
C SER A 287 -12.00 2.88 23.88
N ASP A 288 -13.19 2.33 24.15
CA ASP A 288 -13.70 1.79 25.41
C ASP A 288 -12.77 0.77 26.11
N GLY A 289 -11.91 0.11 25.35
CA GLY A 289 -10.87 -0.73 25.92
C GLY A 289 -9.89 0.08 26.79
N TRP A 290 -9.55 1.29 26.33
CA TRP A 290 -8.80 2.31 27.05
C TRP A 290 -9.74 3.43 27.58
N ALA A 291 -10.99 3.08 27.93
CA ALA A 291 -12.06 4.02 28.31
C ALA A 291 -11.65 5.14 29.28
N ASP A 292 -11.46 4.75 30.53
CA ASP A 292 -11.10 5.60 31.65
C ASP A 292 -10.34 4.65 32.56
N ARG A 293 -9.06 4.46 32.22
CA ARG A 293 -8.20 3.46 32.83
C ARG A 293 -6.90 4.12 33.24
N ASP A 294 -6.76 4.28 34.56
CA ASP A 294 -5.56 4.79 35.20
C ASP A 294 -4.58 3.63 35.50
N GLU A 295 -4.71 2.48 34.80
CA GLU A 295 -3.77 1.37 34.81
C GLU A 295 -3.10 1.15 33.44
N VAL A 296 -3.53 1.87 32.40
CA VAL A 296 -2.93 1.72 31.07
C VAL A 296 -2.07 2.93 30.71
N ILE A 297 -2.25 4.05 31.43
CA ILE A 297 -1.33 5.18 31.38
C ILE A 297 -0.40 5.19 32.62
N GLU A 298 -0.61 4.30 33.60
CA GLU A 298 0.14 4.30 34.86
C GLU A 298 1.62 3.95 34.64
N GLY A 299 2.46 4.98 34.61
CA GLY A 299 3.88 4.90 34.30
C GLY A 299 4.18 5.26 32.84
N TYR A 300 3.22 5.83 32.09
CA TYR A 300 3.34 6.22 30.68
C TYR A 300 2.62 7.54 30.35
N GLU A 301 2.49 8.40 31.36
CA GLU A 301 1.67 9.60 31.35
C GLU A 301 2.03 10.55 30.22
N VAL A 302 3.22 11.14 30.29
CA VAL A 302 3.75 12.05 29.27
C VAL A 302 3.78 11.46 27.84
N GLU A 303 3.96 10.14 27.72
CA GLU A 303 4.02 9.41 26.46
C GLU A 303 2.74 9.52 25.62
N ALA A 304 1.57 9.73 26.24
CA ALA A 304 0.30 9.78 25.51
C ALA A 304 -0.69 10.78 26.09
N ASN A 305 -0.22 12.01 26.35
CA ASN A 305 -1.11 13.08 26.78
C ASN A 305 -1.99 13.58 25.66
N GLY A 306 -3.20 14.01 26.05
CA GLY A 306 -4.13 14.54 25.08
C GLY A 306 -4.88 13.43 24.33
N GLY A 307 -4.82 12.17 24.79
CA GLY A 307 -5.50 11.06 24.14
C GLY A 307 -7.02 11.20 24.30
N ILE A 308 -7.76 11.08 23.20
CA ILE A 308 -9.20 11.32 23.15
C ILE A 308 -9.89 9.95 23.24
N THR A 309 -10.05 9.47 24.47
CA THR A 309 -10.68 8.18 24.73
C THR A 309 -12.21 8.35 24.93
N ILE A 310 -12.93 7.22 24.95
CA ILE A 310 -14.38 7.18 25.05
C ILE A 310 -14.75 6.03 25.98
N LYS A 311 -15.32 6.36 27.15
CA LYS A 311 -15.90 5.35 28.03
C LYS A 311 -17.41 5.29 27.83
N LEU A 312 -18.03 4.31 28.50
CA LEU A 312 -19.47 4.20 28.60
C LEU A 312 -19.95 5.02 29.78
N GLN A 313 -21.10 5.70 29.63
CA GLN A 313 -21.75 6.34 30.76
C GLN A 313 -22.19 5.28 31.77
N SER A 314 -21.53 5.33 32.92
CA SER A 314 -21.79 4.53 34.10
C SER A 314 -21.31 5.41 35.25
N PRO A 315 -22.24 5.87 36.11
CA PRO A 315 -21.83 6.49 37.37
C PRO A 315 -21.08 5.48 38.23
N GLU A 316 -19.98 5.93 38.86
CA GLU A 316 -19.26 5.11 39.81
C GLU A 316 -20.13 4.79 41.02
N VAL A 317 -20.23 3.49 41.35
CA VAL A 317 -21.05 3.02 42.46
C VAL A 317 -20.37 3.38 43.78
N ARG A 318 -21.07 4.00 44.74
CA ARG A 318 -20.41 4.56 45.92
C ARG A 318 -20.56 3.72 47.19
N SER A 319 -21.67 2.95 47.29
CA SER A 319 -21.78 1.89 48.30
C SER A 319 -20.67 0.83 48.15
N PHE A 320 -20.19 0.63 46.91
CA PHE A 320 -19.03 -0.20 46.66
C PHE A 320 -17.72 0.41 47.14
N ASP A 321 -17.43 1.70 46.87
CA ASP A 321 -16.26 2.37 47.44
C ASP A 321 -16.19 2.28 48.96
N ASP A 322 -17.34 2.43 49.63
CA ASP A 322 -17.48 2.17 51.05
C ASP A 322 -17.03 0.75 51.38
N TYR A 323 -17.79 -0.26 50.94
CA TYR A 323 -17.55 -1.66 51.25
C TYR A 323 -16.14 -2.14 50.90
N PHE A 324 -15.53 -1.59 49.84
CA PHE A 324 -14.22 -1.99 49.36
C PHE A 324 -13.06 -1.38 50.14
N LEU A 325 -13.05 -0.05 50.31
CA LEU A 325 -12.03 0.62 51.12
C LEU A 325 -12.25 0.41 52.63
N LYS A 326 -13.24 -0.40 53.03
CA LYS A 326 -13.44 -0.93 54.37
C LYS A 326 -13.18 -2.45 54.42
N LEU A 327 -12.22 -2.95 53.62
CA LEU A 327 -11.83 -4.36 53.63
C LEU A 327 -10.48 -4.52 54.29
N ARG A 328 -10.53 -5.03 55.54
CA ARG A 328 -9.36 -5.54 56.23
C ARG A 328 -9.00 -6.92 55.70
N LEU A 329 -7.74 -7.31 55.89
CA LEU A 329 -7.18 -8.59 55.49
C LEU A 329 -7.53 -9.75 56.45
N ASP A 330 -8.61 -9.57 57.20
CA ASP A 330 -9.09 -10.50 58.21
C ASP A 330 -10.60 -10.76 58.06
N THR A 331 -11.32 -9.90 57.32
CA THR A 331 -12.75 -10.03 57.11
C THR A 331 -13.11 -10.74 55.81
N ASN A 332 -12.19 -10.79 54.82
CA ASN A 332 -12.36 -11.54 53.59
C ASN A 332 -11.94 -12.99 53.82
N HIS A 333 -12.92 -13.83 54.14
CA HIS A 333 -12.81 -15.28 54.23
C HIS A 333 -13.55 -15.95 53.06
N ARG A 334 -13.61 -15.27 51.91
CA ARG A 334 -14.40 -15.71 50.75
C ARG A 334 -13.85 -15.20 49.42
N ASN A 335 -12.70 -14.52 49.40
CA ASN A 335 -12.11 -13.97 48.18
C ASN A 335 -10.68 -14.53 48.04
N PRO A 336 -10.50 -15.72 47.43
CA PRO A 336 -9.20 -16.43 47.52
C PRO A 336 -7.99 -15.68 46.98
N TRP A 337 -8.22 -14.85 45.95
CA TRP A 337 -7.17 -14.01 45.38
C TRP A 337 -6.88 -12.76 46.20
N PHE A 338 -7.53 -12.59 47.37
CA PHE A 338 -7.39 -11.41 48.20
C PHE A 338 -5.98 -11.23 48.76
N GLN A 339 -5.39 -12.26 49.36
CA GLN A 339 -4.07 -12.15 49.96
C GLN A 339 -2.98 -11.83 48.94
N GLU A 340 -3.02 -12.54 47.81
CA GLU A 340 -2.12 -12.31 46.67
C GLU A 340 -2.35 -10.93 46.05
N PHE A 341 -3.62 -10.49 46.01
CA PHE A 341 -4.00 -9.11 45.70
C PHE A 341 -3.29 -8.10 46.58
N TRP A 342 -3.35 -8.34 47.90
CA TRP A 342 -2.83 -7.44 48.90
C TRP A 342 -1.31 -7.31 48.83
N GLN A 343 -0.64 -8.47 48.83
CA GLN A 343 0.81 -8.59 48.68
C GLN A 343 1.32 -7.90 47.42
N HIS A 344 0.52 -7.97 46.35
CA HIS A 344 0.79 -7.28 45.11
C HIS A 344 0.52 -5.77 45.18
N ARG A 345 -0.57 -5.37 45.83
CA ARG A 345 -0.97 -3.96 45.94
C ARG A 345 0.09 -3.10 46.62
N PHE A 346 0.68 -3.65 47.70
CA PHE A 346 1.56 -2.91 48.60
C PHE A 346 3.02 -3.36 48.52
N GLN A 347 3.35 -4.23 47.56
CA GLN A 347 4.70 -4.76 47.29
C GLN A 347 5.38 -5.31 48.56
N CYS A 348 4.58 -5.98 49.39
CA CYS A 348 4.98 -6.39 50.73
C CYS A 348 4.60 -7.84 50.95
N ARG A 349 5.57 -8.63 51.43
CA ARG A 349 5.36 -10.02 51.81
C ARG A 349 4.63 -10.08 53.16
N LEU A 350 3.96 -11.20 53.43
CA LEU A 350 3.29 -11.41 54.70
C LEU A 350 4.13 -12.38 55.52
N GLU A 351 4.60 -11.96 56.71
CA GLU A 351 5.52 -12.73 57.54
C GLU A 351 4.99 -14.11 57.98
N GLY A 352 3.72 -14.19 58.40
CA GLY A 352 3.15 -15.48 58.77
C GLY A 352 1.73 -15.67 58.25
N PHE A 353 1.17 -14.80 57.39
CA PHE A 353 -0.07 -15.12 56.68
C PHE A 353 0.15 -16.29 55.68
N PRO A 354 -0.90 -17.08 55.39
CA PRO A 354 -0.82 -18.17 54.41
C PRO A 354 -0.75 -17.64 52.97
N GLN A 355 -0.16 -18.46 52.08
CA GLN A 355 0.08 -18.13 50.67
C GLN A 355 0.91 -16.85 50.50
N GLU A 356 1.93 -16.70 51.35
CA GLU A 356 2.91 -15.62 51.26
C GLU A 356 3.84 -15.86 50.06
N ASN A 357 4.15 -14.79 49.33
CA ASN A 357 5.00 -14.86 48.14
C ASN A 357 6.42 -14.45 48.52
N SER A 358 7.37 -15.36 48.25
CA SER A 358 8.79 -15.20 48.55
C SER A 358 9.47 -14.04 47.81
N ASN A 359 9.01 -13.73 46.58
CA ASN A 359 9.53 -12.64 45.74
C ASN A 359 9.32 -11.27 46.37
N PHE A 360 8.15 -11.07 47.01
CA PHE A 360 7.83 -9.85 47.75
C PHE A 360 8.76 -9.69 48.96
N LYS A 361 9.06 -8.42 49.30
CA LYS A 361 9.98 -8.00 50.36
C LYS A 361 9.36 -6.85 51.13
N ARG A 362 9.98 -6.47 52.27
CA ARG A 362 9.52 -5.38 53.15
C ARG A 362 8.14 -5.72 53.75
N ILE A 363 8.12 -6.60 54.76
CA ILE A 363 6.89 -7.15 55.35
C ILE A 363 5.86 -6.06 55.72
N CYS A 364 4.60 -6.27 55.30
CA CYS A 364 3.50 -5.32 55.43
C CYS A 364 3.21 -4.96 56.89
N THR A 365 3.01 -3.67 57.14
CA THR A 365 2.43 -3.15 58.38
C THR A 365 0.90 -3.10 58.19
N GLY A 366 0.15 -3.54 59.21
CA GLY A 366 -1.31 -3.69 59.13
C GLY A 366 -2.05 -2.39 58.76
N ASN A 367 -1.48 -1.22 59.07
CA ASN A 367 -1.99 0.13 58.84
C ASN A 367 -1.96 0.58 57.36
N GLU A 368 -2.39 -0.29 56.45
CA GLU A 368 -2.40 -0.04 55.01
C GLU A 368 -3.83 0.17 54.54
N SER A 369 -4.01 1.33 53.90
CA SER A 369 -5.25 1.72 53.25
C SER A 369 -5.17 1.35 51.77
N LEU A 370 -6.31 1.42 51.07
CA LEU A 370 -6.45 1.14 49.64
C LEU A 370 -6.67 2.42 48.81
N GLU A 371 -6.62 3.59 49.46
CA GLU A 371 -6.91 4.92 48.92
C GLU A 371 -5.77 5.50 48.06
N GLU A 372 -4.69 4.73 47.87
CA GLU A 372 -3.42 5.13 47.29
C GLU A 372 -3.51 5.03 45.77
N ASN A 373 -3.69 6.20 45.15
CA ASN A 373 -3.81 6.38 43.70
C ASN A 373 -4.95 5.51 43.12
N TYR A 374 -6.11 5.64 43.78
CA TYR A 374 -7.20 4.69 43.70
C TYR A 374 -8.27 5.19 42.74
N VAL A 375 -8.26 4.66 41.52
CA VAL A 375 -9.41 4.73 40.62
C VAL A 375 -10.16 3.42 40.80
N GLN A 376 -11.46 3.53 41.13
CA GLN A 376 -12.36 2.40 41.32
C GLN A 376 -12.46 1.59 40.03
N ASP A 377 -13.38 1.92 39.14
CA ASP A 377 -13.34 1.47 37.76
C ASP A 377 -14.49 2.16 37.01
N SER A 378 -14.37 2.13 35.68
CA SER A 378 -15.45 2.46 34.76
C SER A 378 -16.58 1.42 34.87
N LYS A 379 -16.24 0.17 34.54
CA LYS A 379 -17.20 -0.91 34.36
C LYS A 379 -17.83 -1.41 35.65
N MET A 380 -17.52 -0.79 36.79
CA MET A 380 -18.08 -1.13 38.08
C MET A 380 -19.59 -0.88 38.18
N GLY A 381 -20.09 0.21 37.57
CA GLY A 381 -21.54 0.41 37.39
C GLY A 381 -22.17 -0.78 36.66
N PHE A 382 -21.56 -1.22 35.55
CA PHE A 382 -22.06 -2.32 34.74
C PHE A 382 -21.97 -3.69 35.38
N VAL A 383 -20.88 -3.99 36.09
CA VAL A 383 -20.72 -5.26 36.77
C VAL A 383 -21.84 -5.47 37.79
N ILE A 384 -22.15 -4.40 38.53
CA ILE A 384 -23.25 -4.39 39.48
C ILE A 384 -24.61 -4.54 38.77
N ASN A 385 -24.86 -3.77 37.68
CA ASN A 385 -26.05 -3.92 36.82
C ASN A 385 -26.25 -5.34 36.28
N ALA A 386 -25.17 -5.99 35.84
CA ALA A 386 -25.21 -7.33 35.27
C ALA A 386 -25.61 -8.39 36.31
N ILE A 387 -25.08 -8.28 37.53
CA ILE A 387 -25.47 -9.14 38.64
C ILE A 387 -26.95 -8.91 39.02
N TYR A 388 -27.42 -7.64 38.93
CA TYR A 388 -28.83 -7.30 39.07
C TYR A 388 -29.73 -7.85 37.99
N ALA A 389 -29.25 -7.89 36.73
CA ALA A 389 -30.00 -8.44 35.62
C ALA A 389 -30.32 -9.92 35.89
N MET A 390 -29.32 -10.69 36.36
CA MET A 390 -29.52 -12.06 36.81
C MET A 390 -30.47 -12.18 38.01
N ALA A 391 -30.35 -11.26 38.99
CA ALA A 391 -31.22 -11.19 40.16
C ALA A 391 -32.69 -10.98 39.79
N HIS A 392 -32.94 -9.98 38.92
CA HIS A 392 -34.27 -9.70 38.38
C HIS A 392 -34.83 -10.84 37.56
N GLY A 393 -34.09 -11.35 36.55
CA GLY A 393 -34.52 -12.47 35.72
C GLY A 393 -34.98 -13.68 36.56
N LEU A 394 -34.25 -13.98 37.64
CA LEU A 394 -34.62 -14.98 38.63
C LEU A 394 -35.93 -14.67 39.37
N GLN A 395 -36.16 -13.40 39.74
CA GLN A 395 -37.32 -13.00 40.54
C GLN A 395 -38.58 -12.87 39.68
N ASN A 396 -38.43 -12.38 38.43
CA ASN A 396 -39.46 -12.41 37.38
C ASN A 396 -39.90 -13.84 37.12
N MET A 397 -38.93 -14.77 37.04
CA MET A 397 -39.21 -16.19 36.93
C MET A 397 -39.97 -16.72 38.16
N HIS A 398 -39.57 -16.32 39.37
CA HIS A 398 -40.21 -16.80 40.59
C HIS A 398 -41.69 -16.38 40.74
N HIS A 399 -42.05 -15.22 40.21
CA HIS A 399 -43.46 -14.79 40.19
C HIS A 399 -44.07 -14.80 38.78
N ALA A 400 -43.50 -15.56 37.83
CA ALA A 400 -44.14 -15.85 36.55
C ALA A 400 -44.40 -17.34 36.36
N LEU A 401 -43.66 -18.21 37.06
CA LEU A 401 -43.83 -19.66 36.96
C LEU A 401 -44.63 -20.24 38.11
N CYS A 402 -44.27 -19.87 39.34
CA CYS A 402 -44.90 -20.39 40.54
C CYS A 402 -45.40 -19.27 41.47
N PRO A 403 -46.11 -18.24 40.92
CA PRO A 403 -46.57 -17.11 41.73
C PRO A 403 -47.61 -17.56 42.77
N GLY A 404 -47.69 -16.80 43.85
CA GLY A 404 -48.46 -17.16 45.03
C GLY A 404 -47.62 -18.03 45.99
N HIS A 405 -46.48 -18.58 45.57
CA HIS A 405 -45.52 -19.23 46.46
C HIS A 405 -44.33 -18.30 46.73
N VAL A 406 -43.44 -18.78 47.60
CA VAL A 406 -42.37 -17.99 48.20
C VAL A 406 -41.04 -18.75 48.08
N GLY A 407 -39.95 -17.97 47.97
CA GLY A 407 -38.59 -18.47 47.92
C GLY A 407 -38.38 -19.39 46.72
N LEU A 408 -38.22 -20.69 47.00
CA LEU A 408 -38.12 -21.71 45.97
C LEU A 408 -39.46 -22.44 45.84
N CYS A 409 -39.73 -22.82 44.60
CA CYS A 409 -40.88 -23.62 44.17
C CYS A 409 -40.36 -24.74 43.27
N ASP A 410 -41.24 -25.69 42.93
CA ASP A 410 -40.87 -26.86 42.12
C ASP A 410 -40.37 -26.49 40.71
N ALA A 411 -41.07 -25.56 40.03
CA ALA A 411 -40.57 -24.91 38.83
C ALA A 411 -39.34 -24.05 39.15
N MET A 412 -38.48 -23.82 38.15
CA MET A 412 -37.16 -23.19 38.32
C MET A 412 -36.21 -23.99 39.24
N LYS A 413 -36.61 -25.19 39.67
CA LYS A 413 -35.84 -26.05 40.52
C LYS A 413 -35.77 -27.41 39.82
N PRO A 414 -34.74 -27.63 38.99
CA PRO A 414 -33.65 -26.70 38.60
C PRO A 414 -34.12 -25.71 37.53
N ILE A 415 -33.44 -24.54 37.46
CA ILE A 415 -33.74 -23.48 36.51
C ILE A 415 -33.60 -24.03 35.08
N ASP A 416 -34.44 -23.52 34.16
CA ASP A 416 -34.25 -23.74 32.74
C ASP A 416 -33.64 -22.43 32.22
N GLY A 417 -32.37 -22.51 31.79
CA GLY A 417 -31.64 -21.34 31.30
C GLY A 417 -32.31 -20.67 30.10
N SER A 418 -33.05 -21.40 29.25
CA SER A 418 -33.83 -20.82 28.16
C SER A 418 -34.99 -19.95 28.66
N LYS A 419 -35.78 -20.45 29.63
CA LYS A 419 -36.87 -19.70 30.25
C LYS A 419 -36.36 -18.44 30.95
N LEU A 420 -35.34 -18.61 31.80
CA LEU A 420 -34.63 -17.52 32.46
C LEU A 420 -34.12 -16.46 31.48
N LEU A 421 -33.58 -16.88 30.34
CA LEU A 421 -33.15 -15.98 29.27
C LEU A 421 -34.30 -15.15 28.72
N ASP A 422 -35.48 -15.76 28.51
CA ASP A 422 -36.71 -15.07 28.11
C ASP A 422 -37.05 -13.93 29.07
N PHE A 423 -37.01 -14.21 30.38
CA PHE A 423 -37.19 -13.18 31.40
C PHE A 423 -36.13 -12.10 31.33
N LEU A 424 -34.84 -12.46 31.23
CA LEU A 424 -33.75 -11.50 31.14
C LEU A 424 -33.91 -10.50 29.99
N ILE A 425 -34.09 -10.99 28.74
CA ILE A 425 -34.32 -10.14 27.57
C ILE A 425 -35.55 -9.23 27.69
N LYS A 426 -36.60 -9.69 28.38
CA LYS A 426 -37.78 -8.86 28.62
C LYS A 426 -37.52 -7.79 29.70
N SER A 427 -36.96 -8.22 30.83
CA SER A 427 -37.05 -7.51 32.10
C SER A 427 -36.16 -6.28 32.17
N SER A 428 -36.81 -5.14 32.42
CA SER A 428 -36.17 -3.87 32.70
C SER A 428 -36.12 -3.64 34.21
N PHE A 429 -35.25 -2.71 34.59
CA PHE A 429 -34.99 -2.29 35.94
C PHE A 429 -34.00 -1.12 35.88
N ILE A 430 -33.99 -0.32 36.94
CA ILE A 430 -32.96 0.66 37.18
C ILE A 430 -31.96 0.03 38.17
N GLY A 431 -30.72 -0.18 37.70
CA GLY A 431 -29.65 -0.71 38.54
C GLY A 431 -29.21 0.34 39.55
N VAL A 432 -28.28 -0.03 40.45
CA VAL A 432 -27.83 0.78 41.59
C VAL A 432 -27.52 2.24 41.25
N SER A 433 -26.77 2.41 40.15
CA SER A 433 -26.23 3.68 39.71
C SER A 433 -27.31 4.72 39.33
N GLY A 434 -28.59 4.30 39.31
CA GLY A 434 -29.76 5.12 39.03
C GLY A 434 -30.18 4.98 37.56
N GLU A 435 -29.26 4.54 36.68
CA GLU A 435 -29.51 4.41 35.25
C GLU A 435 -30.45 3.23 34.94
N GLU A 436 -31.21 3.40 33.86
CA GLU A 436 -32.18 2.46 33.34
C GLU A 436 -31.52 1.51 32.34
N VAL A 437 -31.86 0.23 32.48
CA VAL A 437 -31.27 -0.84 31.69
C VAL A 437 -32.35 -1.90 31.43
N TRP A 438 -32.56 -2.14 30.13
CA TRP A 438 -33.58 -3.01 29.57
C TRP A 438 -32.98 -3.60 28.31
N PHE A 439 -33.40 -4.82 28.00
CA PHE A 439 -32.77 -5.58 26.93
C PHE A 439 -33.62 -5.59 25.68
N ASP A 440 -32.92 -5.42 24.56
CA ASP A 440 -33.47 -5.45 23.22
C ASP A 440 -33.80 -6.88 22.81
N GLU A 441 -34.36 -6.99 21.60
CA GLU A 441 -34.63 -8.27 20.93
C GLU A 441 -33.34 -9.07 20.69
N LYS A 442 -32.18 -8.38 20.67
CA LYS A 442 -30.86 -8.96 20.53
C LYS A 442 -29.98 -8.74 21.77
N GLY A 443 -30.58 -8.77 22.97
CA GLY A 443 -29.88 -8.84 24.26
C GLY A 443 -28.92 -7.67 24.53
N ASP A 444 -28.91 -6.62 23.70
CA ASP A 444 -28.10 -5.44 23.87
C ASP A 444 -28.67 -4.60 25.03
N ALA A 445 -28.15 -3.38 25.23
CA ALA A 445 -28.72 -2.45 26.19
C ALA A 445 -28.27 -1.05 25.80
N PRO A 446 -29.04 -0.01 26.17
CA PRO A 446 -28.71 1.37 25.79
C PRO A 446 -27.46 1.87 26.51
N GLY A 447 -26.76 2.81 25.89
CA GLY A 447 -25.74 3.53 26.63
C GLY A 447 -25.28 4.76 25.85
N ARG A 448 -25.02 5.80 26.64
CA ARG A 448 -24.28 6.97 26.22
C ARG A 448 -22.80 6.63 26.27
N TYR A 449 -22.03 7.42 25.51
CA TYR A 449 -20.59 7.42 25.60
C TYR A 449 -20.14 8.77 26.10
N ASP A 450 -19.31 8.70 27.12
CA ASP A 450 -18.68 9.86 27.72
C ASP A 450 -17.30 9.91 27.13
N ILE A 451 -17.05 10.91 26.28
CA ILE A 451 -15.70 11.19 25.80
C ILE A 451 -14.85 11.66 26.99
N MET A 452 -13.56 11.34 26.93
CA MET A 452 -12.58 11.86 27.87
C MET A 452 -11.37 12.37 27.12
N ASN A 453 -10.65 13.24 27.81
CA ASN A 453 -9.35 13.68 27.38
C ASN A 453 -8.41 13.64 28.58
N LEU A 454 -7.38 12.79 28.46
CA LEU A 454 -6.24 12.75 29.35
C LEU A 454 -5.49 14.09 29.32
N GLN A 455 -5.19 14.66 30.49
CA GLN A 455 -4.61 16.00 30.58
C GLN A 455 -3.68 16.16 31.78
N TYR A 456 -2.67 17.02 31.62
CA TYR A 456 -2.01 17.75 32.70
C TYR A 456 -3.05 18.65 33.39
N THR A 457 -3.46 18.29 34.61
CA THR A 457 -4.56 18.92 35.33
C THR A 457 -4.10 19.83 36.48
N GLU A 458 -2.79 19.91 36.73
CA GLU A 458 -2.23 20.67 37.86
C GLU A 458 -0.79 21.04 37.49
N ALA A 459 0.04 21.29 38.52
CA ALA A 459 1.50 21.25 38.39
C ALA A 459 1.93 19.79 38.26
N ASN A 460 1.86 19.26 37.03
CA ASN A 460 2.25 17.91 36.61
C ASN A 460 1.43 16.82 37.32
N ARG A 461 0.15 16.71 36.95
CA ARG A 461 -0.76 15.71 37.51
C ARG A 461 -1.83 15.36 36.47
N TYR A 462 -2.33 14.12 36.50
CA TYR A 462 -3.07 13.55 35.37
C TYR A 462 -4.47 13.07 35.70
N ASP A 463 -5.43 13.39 34.83
CA ASP A 463 -6.81 12.87 34.91
C ASP A 463 -7.38 12.64 33.52
N TYR A 464 -8.37 11.74 33.48
CA TYR A 464 -9.39 11.73 32.44
C TYR A 464 -10.54 12.60 32.93
N VAL A 465 -10.94 13.55 32.08
CA VAL A 465 -11.98 14.52 32.37
C VAL A 465 -13.07 14.40 31.30
N HIS A 466 -14.34 14.52 31.71
CA HIS A 466 -15.48 14.64 30.80
C HIS A 466 -15.33 15.92 29.97
N VAL A 467 -14.81 15.76 28.75
CA VAL A 467 -14.68 16.86 27.82
C VAL A 467 -15.76 16.79 26.75
N GLY A 468 -16.80 16.01 27.01
CA GLY A 468 -17.90 15.89 26.11
C GLY A 468 -18.60 14.55 26.24
N THR A 469 -19.70 14.45 25.50
CA THR A 469 -20.55 13.28 25.50
C THR A 469 -21.07 13.04 24.08
N TRP A 470 -20.94 11.79 23.66
CA TRP A 470 -21.74 11.20 22.62
C TRP A 470 -23.04 10.64 23.19
N HIS A 471 -24.13 10.84 22.44
CA HIS A 471 -25.41 10.21 22.71
C HIS A 471 -26.27 10.27 21.44
N GLU A 472 -26.22 9.24 20.58
CA GLU A 472 -27.24 9.00 19.56
C GLU A 472 -27.27 10.14 18.53
N GLY A 473 -26.14 10.26 17.80
CA GLY A 473 -25.88 11.35 16.86
C GLY A 473 -25.38 12.60 17.59
N VAL A 474 -25.86 12.86 18.83
CA VAL A 474 -25.42 13.96 19.67
C VAL A 474 -23.94 13.80 19.98
N LEU A 475 -23.20 14.91 19.86
CA LEU A 475 -21.79 14.93 20.12
C LEU A 475 -21.39 16.34 20.55
N ASN A 476 -20.99 16.47 21.81
CA ASN A 476 -20.83 17.76 22.46
C ASN A 476 -19.42 17.80 23.01
N ILE A 477 -18.52 18.58 22.40
CA ILE A 477 -17.12 18.66 22.79
C ILE A 477 -16.60 20.09 22.51
N ASP A 478 -15.91 20.65 23.51
CA ASP A 478 -15.63 22.08 23.62
C ASP A 478 -14.12 22.31 23.52
N ASP A 479 -13.62 22.47 22.28
CA ASP A 479 -12.20 22.23 21.96
C ASP A 479 -11.17 23.06 22.77
N TYR A 480 -11.53 24.29 23.19
CA TYR A 480 -10.69 25.12 24.05
C TYR A 480 -10.33 24.42 25.39
N LYS A 481 -11.30 23.67 25.93
CA LYS A 481 -11.16 22.84 27.12
C LYS A 481 -10.49 21.48 26.81
N ILE A 482 -10.49 21.06 25.54
CA ILE A 482 -9.87 19.80 25.10
C ILE A 482 -8.38 20.00 24.87
N GLN A 483 -7.59 19.28 25.66
CA GLN A 483 -6.12 19.29 25.71
C GLN A 483 -5.56 20.67 26.14
N MET A 484 -6.46 21.63 26.39
CA MET A 484 -6.20 23.04 26.61
C MET A 484 -5.51 23.70 25.41
N ASN A 485 -5.92 23.32 24.18
CA ASN A 485 -5.37 23.91 22.98
C ASN A 485 -6.34 23.78 21.80
N LYS A 486 -6.49 24.88 21.04
CA LYS A 486 -7.46 25.01 19.96
C LYS A 486 -6.83 24.73 18.59
N SER A 487 -5.63 25.29 18.33
CA SER A 487 -4.78 24.87 17.22
C SER A 487 -4.31 23.42 17.42
N GLY A 488 -4.00 23.07 18.70
CA GLY A 488 -3.92 21.75 19.30
C GLY A 488 -3.28 20.68 18.41
N VAL A 489 -4.10 19.72 17.99
CA VAL A 489 -3.69 18.68 17.04
C VAL A 489 -3.92 19.19 15.61
N VAL A 490 -3.16 18.64 14.67
CA VAL A 490 -3.04 19.17 13.31
C VAL A 490 -4.22 18.78 12.41
N ARG A 491 -4.33 19.50 11.28
CA ARG A 491 -5.19 19.14 10.16
C ARG A 491 -4.61 17.92 9.42
N SER A 492 -4.91 16.72 9.94
CA SER A 492 -4.26 15.47 9.55
C SER A 492 -4.83 14.96 8.23
N VAL A 493 -4.02 15.04 7.18
CA VAL A 493 -4.38 14.66 5.82
C VAL A 493 -3.09 14.42 5.02
N CYS A 494 -3.10 13.42 4.12
CA CYS A 494 -1.96 13.09 3.25
C CYS A 494 -1.51 14.24 2.35
N SER A 495 -2.48 15.03 1.89
CA SER A 495 -2.24 16.20 1.06
C SER A 495 -3.24 17.25 1.49
N GLU A 496 -2.73 18.47 1.73
CA GLU A 496 -3.46 19.63 2.22
C GLU A 496 -4.72 19.93 1.38
N PRO A 497 -5.49 20.96 1.79
CA PRO A 497 -6.23 21.77 0.81
C PRO A 497 -5.30 22.64 -0.07
N CYS A 498 -4.15 22.07 -0.49
CA CYS A 498 -3.18 22.59 -1.44
C CYS A 498 -3.75 22.85 -2.83
N LEU A 499 -4.96 22.35 -3.11
CA LEU A 499 -5.78 22.72 -4.26
C LEU A 499 -6.28 24.17 -4.15
N LYS A 500 -5.33 25.12 -4.06
CA LYS A 500 -5.52 26.51 -4.41
C LYS A 500 -5.78 26.59 -5.93
N GLY A 501 -6.44 27.65 -6.41
CA GLY A 501 -6.67 27.90 -7.84
C GLY A 501 -5.41 27.65 -8.69
N GLN A 502 -5.57 27.16 -9.93
CA GLN A 502 -4.46 26.76 -10.80
C GLN A 502 -3.66 25.55 -10.29
N ILE A 503 -4.32 24.57 -9.63
CA ILE A 503 -3.71 23.33 -9.14
C ILE A 503 -4.72 22.18 -9.30
N LYS A 504 -4.17 20.99 -9.60
CA LYS A 504 -4.90 19.75 -9.82
C LYS A 504 -4.48 18.67 -8.80
N VAL A 505 -4.98 17.46 -9.06
CA VAL A 505 -4.70 16.25 -8.31
C VAL A 505 -4.15 15.17 -9.25
N ILE A 506 -3.05 14.53 -8.84
CA ILE A 506 -2.38 13.48 -9.60
C ILE A 506 -2.87 12.06 -9.24
N ARG A 507 -3.81 11.95 -8.27
CA ARG A 507 -4.49 10.73 -7.81
C ARG A 507 -3.60 9.66 -7.15
N LYS A 508 -2.26 9.84 -7.14
CA LYS A 508 -1.24 8.99 -6.54
C LYS A 508 -1.05 7.61 -7.19
N GLY A 509 -2.10 7.04 -7.79
CA GLY A 509 -2.13 5.67 -8.26
C GLY A 509 -3.13 4.88 -7.41
N GLU A 510 -2.91 4.78 -6.09
CA GLU A 510 -3.54 3.75 -5.25
C GLU A 510 -4.53 4.29 -4.24
N VAL A 511 -4.33 5.52 -3.73
CA VAL A 511 -5.27 6.15 -2.81
C VAL A 511 -5.64 7.50 -3.42
N SER A 512 -6.94 7.68 -3.69
CA SER A 512 -7.48 8.91 -4.27
C SER A 512 -7.54 10.01 -3.21
N CYS A 513 -8.01 9.68 -1.99
CA CYS A 513 -8.05 10.54 -0.81
C CYS A 513 -6.68 11.13 -0.44
N CYS A 514 -5.66 10.26 -0.44
CA CYS A 514 -4.26 10.64 -0.30
C CYS A 514 -3.68 10.88 -1.68
N TRP A 515 -4.02 12.01 -2.30
CA TRP A 515 -3.50 12.33 -3.62
C TRP A 515 -2.16 13.09 -3.54
N ILE A 516 -1.63 13.45 -4.71
CA ILE A 516 -0.43 14.25 -4.84
C ILE A 516 -0.79 15.58 -5.52
N CYS A 517 -0.49 16.68 -4.80
CA CYS A 517 -0.79 18.04 -5.22
C CYS A 517 0.27 18.56 -6.18
N THR A 518 -0.16 19.38 -7.15
CA THR A 518 0.71 19.98 -8.14
C THR A 518 -0.04 21.08 -8.90
N ALA A 519 0.64 22.22 -9.10
CA ALA A 519 0.24 23.24 -10.05
C ALA A 519 0.43 22.70 -11.47
N CYS A 520 -0.65 22.70 -12.26
CA CYS A 520 -0.58 22.28 -13.65
C CYS A 520 0.20 23.31 -14.50
N LYS A 521 0.50 22.93 -15.74
CA LYS A 521 1.11 23.82 -16.74
C LYS A 521 0.20 25.03 -16.92
N GLU A 522 0.66 26.23 -16.54
CA GLU A 522 -0.16 27.45 -16.48
C GLU A 522 -0.81 27.88 -17.82
N ASN A 523 -0.30 27.34 -18.93
CA ASN A 523 -0.90 27.38 -20.26
C ASN A 523 -2.20 26.55 -20.33
N GLU A 524 -2.31 25.55 -19.46
CA GLU A 524 -3.47 24.71 -19.22
C GLU A 524 -4.32 25.27 -18.10
N TYR A 525 -5.62 25.35 -18.39
CA TYR A 525 -6.64 25.90 -17.54
C TYR A 525 -7.52 24.76 -16.99
N VAL A 526 -7.53 24.65 -15.66
CA VAL A 526 -8.29 23.65 -14.93
C VAL A 526 -9.77 23.98 -14.88
N GLN A 527 -10.58 23.08 -15.48
CA GLN A 527 -12.02 23.12 -15.41
C GLN A 527 -12.50 22.13 -14.35
N ASP A 528 -12.28 20.82 -14.62
CA ASP A 528 -12.63 19.74 -13.70
C ASP A 528 -11.49 19.54 -12.70
N GLU A 529 -11.85 19.05 -11.49
CA GLU A 529 -10.94 18.80 -10.38
C GLU A 529 -9.78 17.82 -10.60
N PHE A 530 -9.78 17.06 -11.71
CA PHE A 530 -8.69 16.13 -12.02
C PHE A 530 -8.17 16.29 -13.46
N THR A 531 -8.67 17.29 -14.21
CA THR A 531 -8.31 17.49 -15.62
C THR A 531 -7.98 18.98 -15.88
N CYS A 532 -6.70 19.34 -15.71
CA CYS A 532 -6.19 20.61 -16.20
C CYS A 532 -5.90 20.50 -17.70
N LYS A 533 -6.39 21.46 -18.49
CA LYS A 533 -6.43 21.35 -19.96
C LYS A 533 -5.95 22.63 -20.63
N ALA A 534 -5.01 22.53 -21.60
CA ALA A 534 -4.53 23.61 -22.48
C ALA A 534 -5.66 24.23 -23.28
N CYS A 535 -5.91 25.55 -23.11
CA CYS A 535 -6.95 26.25 -23.85
C CYS A 535 -6.65 26.34 -25.35
N ASP A 536 -7.74 26.48 -26.14
CA ASP A 536 -7.71 26.74 -27.57
C ASP A 536 -7.06 28.10 -27.89
N LEU A 537 -6.51 28.19 -29.10
CA LEU A 537 -5.78 29.36 -29.56
C LEU A 537 -6.71 30.53 -29.87
N GLY A 538 -6.14 31.75 -29.75
CA GLY A 538 -6.89 33.01 -29.73
C GLY A 538 -7.61 33.24 -28.40
N TRP A 539 -7.56 32.27 -27.47
CA TRP A 539 -8.03 32.39 -26.11
C TRP A 539 -6.90 32.00 -25.17
N TRP A 540 -6.41 32.97 -24.38
CA TRP A 540 -5.41 32.67 -23.37
C TRP A 540 -6.13 32.54 -22.03
N PRO A 541 -5.85 31.45 -21.29
CA PRO A 541 -6.38 31.25 -19.93
C PRO A 541 -6.46 32.49 -19.03
N ASN A 542 -7.69 32.77 -18.59
CA ASN A 542 -8.03 33.91 -17.74
C ASN A 542 -7.63 33.63 -16.28
N ALA A 543 -8.04 34.54 -15.39
CA ALA A 543 -7.87 34.42 -13.95
C ALA A 543 -8.43 33.12 -13.39
N ASP A 544 -7.69 32.52 -12.45
CA ASP A 544 -8.03 31.26 -11.78
C ASP A 544 -8.15 30.05 -12.71
N LEU A 545 -7.72 30.20 -13.98
CA LEU A 545 -7.79 29.20 -15.04
C LEU A 545 -9.21 28.65 -15.25
N THR A 546 -10.25 29.40 -14.84
CA THR A 546 -11.64 28.96 -14.93
C THR A 546 -12.20 29.09 -16.36
N GLY A 547 -11.43 29.72 -17.25
CA GLY A 547 -11.72 29.83 -18.64
C GLY A 547 -10.49 30.42 -19.31
N CYS A 548 -10.71 30.89 -20.53
CA CYS A 548 -9.74 31.61 -21.31
C CYS A 548 -10.46 32.77 -21.98
N GLU A 549 -9.73 33.89 -22.05
CA GLU A 549 -10.16 35.21 -22.49
C GLU A 549 -9.40 35.59 -23.76
N PRO A 550 -9.98 36.47 -24.60
CA PRO A 550 -9.33 36.88 -25.84
C PRO A 550 -8.00 37.59 -25.60
N ILE A 551 -6.91 37.00 -26.12
CA ILE A 551 -5.67 37.71 -26.45
C ILE A 551 -6.10 38.87 -27.37
N PRO A 552 -6.11 40.12 -26.85
CA PRO A 552 -6.83 41.19 -27.53
C PRO A 552 -6.20 41.53 -28.88
N VAL A 553 -6.87 42.39 -29.64
CA VAL A 553 -6.31 42.89 -30.89
C VAL A 553 -5.24 43.97 -30.55
N ARG A 554 -4.14 43.99 -31.30
CA ARG A 554 -2.99 44.86 -31.04
C ARG A 554 -2.98 46.03 -32.02
N TYR A 555 -4.08 46.77 -32.05
CA TYR A 555 -4.45 47.70 -33.11
C TYR A 555 -3.33 48.66 -33.57
N LEU A 556 -2.84 48.42 -34.79
CA LEU A 556 -1.80 49.23 -35.45
C LEU A 556 -2.46 50.23 -36.42
N GLU A 557 -3.70 50.64 -36.14
CA GLU A 557 -4.55 51.46 -37.02
C GLU A 557 -4.59 52.93 -36.59
N TRP A 558 -4.29 53.22 -35.32
CA TRP A 558 -4.37 54.58 -34.80
C TRP A 558 -3.06 55.32 -35.09
N SER A 559 -1.98 54.92 -34.42
CA SER A 559 -0.74 55.65 -34.20
C SER A 559 0.14 54.77 -33.28
N ASN A 560 1.18 55.39 -32.71
CA ASN A 560 1.90 55.02 -31.49
C ASN A 560 3.02 56.05 -31.38
N ILE A 561 3.28 56.68 -30.23
CA ILE A 561 4.20 57.83 -30.13
C ILE A 561 5.61 57.57 -30.70
N GLU A 562 6.18 56.42 -30.33
CA GLU A 562 7.42 55.86 -30.87
C GLU A 562 7.43 55.71 -32.40
N SER A 563 6.23 55.58 -33.01
CA SER A 563 5.98 55.56 -34.44
C SER A 563 5.46 56.92 -34.95
N ILE A 564 4.81 57.74 -34.12
CA ILE A 564 4.24 59.06 -34.42
C ILE A 564 5.33 60.04 -34.88
N ILE A 565 6.56 59.84 -34.39
CA ILE A 565 7.73 60.53 -34.91
C ILE A 565 7.85 60.36 -36.44
N ALA A 566 7.83 59.12 -36.94
CA ALA A 566 7.82 58.81 -38.37
C ALA A 566 6.50 59.18 -39.06
N ILE A 567 5.36 59.09 -38.35
CA ILE A 567 4.05 59.49 -38.89
C ILE A 567 4.01 60.99 -39.22
N ALA A 568 4.43 61.86 -38.30
CA ALA A 568 4.46 63.30 -38.53
C ALA A 568 5.58 63.73 -39.49
N PHE A 569 6.72 63.00 -39.51
CA PHE A 569 7.77 63.19 -40.51
C PHE A 569 7.30 62.92 -41.93
N SER A 570 6.53 61.84 -42.11
CA SER A 570 5.85 61.54 -43.36
C SER A 570 4.78 62.56 -43.72
N CYS A 571 4.09 63.14 -42.72
CA CYS A 571 3.11 64.21 -42.90
C CYS A 571 3.78 65.49 -43.41
N LEU A 572 5.01 65.78 -42.96
CA LEU A 572 5.85 66.85 -43.49
C LEU A 572 6.40 66.51 -44.89
N GLY A 573 6.60 65.21 -45.16
CA GLY A 573 6.87 64.68 -46.49
C GLY A 573 5.72 65.00 -47.43
N ILE A 574 4.47 64.78 -46.99
CA ILE A 574 3.22 65.12 -47.67
C ILE A 574 3.06 66.63 -47.88
N LEU A 575 3.49 67.44 -46.87
CA LEU A 575 3.56 68.89 -46.95
C LEU A 575 4.45 69.30 -48.12
N VAL A 576 5.74 68.92 -48.10
CA VAL A 576 6.66 69.22 -49.20
C VAL A 576 6.31 68.52 -50.54
N THR A 577 5.40 67.54 -50.52
CA THR A 577 4.79 67.01 -51.74
C THR A 577 3.83 68.01 -52.37
N LEU A 578 2.96 68.61 -51.55
CA LEU A 578 2.17 69.79 -51.90
C LEU A 578 3.07 70.97 -52.35
N PHE A 579 4.26 71.15 -51.74
CA PHE A 579 5.19 72.19 -52.18
C PHE A 579 5.83 71.94 -53.54
N VAL A 580 6.22 70.68 -53.84
CA VAL A 580 6.71 70.39 -55.19
C VAL A 580 5.58 70.46 -56.22
N THR A 581 4.33 70.08 -55.86
CA THR A 581 3.18 70.37 -56.72
C THR A 581 2.98 71.88 -56.94
N LEU A 582 3.21 72.71 -55.91
CA LEU A 582 3.17 74.17 -56.06
C LEU A 582 4.23 74.71 -57.02
N ILE A 583 5.48 74.26 -56.86
CA ILE A 583 6.59 74.77 -57.64
C ILE A 583 6.67 74.19 -59.07
N PHE A 584 6.05 73.02 -59.30
CA PHE A 584 6.14 72.26 -60.54
C PHE A 584 4.81 72.16 -61.31
N VAL A 585 3.73 71.72 -60.64
CA VAL A 585 2.43 71.49 -61.27
C VAL A 585 1.70 72.80 -61.62
N LEU A 586 1.90 73.87 -60.82
CA LEU A 586 1.28 75.17 -61.10
C LEU A 586 2.03 75.92 -62.21
N TYR A 587 3.27 76.34 -61.94
CA TYR A 587 4.05 77.15 -62.86
C TYR A 587 5.10 76.25 -63.54
N ARG A 588 4.72 75.78 -64.74
CA ARG A 588 5.54 74.99 -65.65
C ARG A 588 6.76 75.74 -66.20
N ASP A 589 6.78 77.08 -66.10
CA ASP A 589 7.79 78.03 -66.62
C ASP A 589 9.12 77.93 -65.87
N THR A 590 9.74 76.76 -65.98
CA THR A 590 11.09 76.50 -65.53
C THR A 590 11.79 75.78 -66.69
N PRO A 591 13.01 76.20 -67.08
CA PRO A 591 13.83 75.44 -68.04
C PRO A 591 13.90 73.93 -67.83
N VAL A 592 13.78 73.43 -66.59
CA VAL A 592 13.77 72.00 -66.35
C VAL A 592 12.48 71.32 -66.83
N VAL A 593 11.33 72.00 -66.90
CA VAL A 593 10.04 71.43 -67.32
C VAL A 593 9.44 72.11 -68.57
N LYS A 594 9.90 73.31 -68.90
CA LYS A 594 9.85 73.86 -70.26
C LYS A 594 10.89 73.23 -71.20
N SER A 595 11.75 72.32 -70.69
CA SER A 595 12.61 71.51 -71.53
C SER A 595 12.26 70.02 -71.43
N SER A 596 12.37 69.42 -70.23
CA SER A 596 12.25 67.97 -70.09
C SER A 596 10.83 67.44 -70.36
N SER A 597 10.72 66.13 -70.61
CA SER A 597 9.45 65.43 -70.77
C SER A 597 8.64 65.56 -69.48
N ARG A 598 7.61 66.42 -69.52
CA ARG A 598 6.92 66.93 -68.34
C ARG A 598 6.42 65.82 -67.42
N GLU A 599 5.93 64.74 -68.04
CA GLU A 599 5.28 63.63 -67.38
C GLU A 599 6.20 62.67 -66.61
N LEU A 600 7.52 62.68 -66.89
CA LEU A 600 8.51 61.99 -66.06
C LEU A 600 8.58 62.62 -64.66
N CYS A 601 8.53 63.96 -64.62
CA CYS A 601 8.53 64.75 -63.40
C CYS A 601 7.17 64.66 -62.68
N TYR A 602 6.05 64.61 -63.45
CA TYR A 602 4.72 64.34 -62.88
C TYR A 602 4.64 62.96 -62.22
N ILE A 603 5.27 61.92 -62.81
CA ILE A 603 5.17 60.57 -62.26
C ILE A 603 6.15 60.31 -61.11
N ILE A 604 7.30 61.00 -61.05
CA ILE A 604 8.10 60.99 -59.82
C ILE A 604 7.34 61.74 -58.71
N LEU A 605 6.51 62.74 -59.07
CA LEU A 605 5.59 63.41 -58.14
C LEU A 605 4.43 62.51 -57.67
N ALA A 606 3.92 61.64 -58.55
CA ALA A 606 2.92 60.64 -58.21
C ALA A 606 3.52 59.58 -57.28
N GLY A 607 4.72 59.07 -57.63
CA GLY A 607 5.41 58.02 -56.90
C GLY A 607 5.92 58.51 -55.53
N ILE A 608 6.30 59.79 -55.40
CA ILE A 608 6.70 60.35 -54.12
C ILE A 608 5.48 60.58 -53.21
N PHE A 609 4.36 61.10 -53.75
CA PHE A 609 3.11 61.23 -53.01
C PHE A 609 2.57 59.87 -52.57
N LEU A 610 2.89 58.82 -53.35
CA LEU A 610 2.63 57.45 -53.00
C LEU A 610 3.50 56.98 -51.82
N GLY A 611 4.80 57.27 -51.87
CA GLY A 611 5.76 57.01 -50.79
C GLY A 611 5.50 57.85 -49.53
N TYR A 612 4.51 58.77 -49.54
CA TYR A 612 4.15 59.63 -48.42
C TYR A 612 2.73 59.44 -47.90
N VAL A 613 1.78 59.14 -48.79
CA VAL A 613 0.48 58.61 -48.38
C VAL A 613 0.62 57.14 -47.91
N CYS A 614 1.80 56.54 -48.16
CA CYS A 614 2.20 55.24 -47.66
C CYS A 614 1.98 55.14 -46.14
N PRO A 615 2.62 55.99 -45.31
CA PRO A 615 2.30 56.16 -43.88
C PRO A 615 0.83 56.33 -43.43
N PHE A 616 -0.04 56.98 -44.22
CA PHE A 616 -1.46 57.07 -43.89
C PHE A 616 -2.15 55.71 -43.97
N THR A 617 -2.10 55.11 -45.16
CA THR A 617 -2.64 53.78 -45.43
C THR A 617 -1.76 52.63 -44.89
N LEU A 618 -0.64 52.91 -44.21
CA LEU A 618 0.34 51.92 -43.73
C LEU A 618 0.02 51.38 -42.34
N ILE A 619 -0.40 52.28 -41.44
CA ILE A 619 -1.11 51.87 -40.24
C ILE A 619 -2.45 51.25 -40.68
N ALA A 620 -2.78 50.12 -40.06
CA ALA A 620 -3.92 49.33 -40.48
C ALA A 620 -4.42 48.54 -39.30
N LYS A 621 -5.73 48.24 -39.32
CA LYS A 621 -6.31 47.44 -38.25
C LYS A 621 -5.94 45.96 -38.46
N PRO A 622 -5.90 45.15 -37.40
CA PRO A 622 -5.62 43.72 -37.56
C PRO A 622 -6.87 42.93 -37.99
N THR A 623 -7.45 43.28 -39.15
CA THR A 623 -8.44 42.49 -39.86
C THR A 623 -8.00 42.37 -41.33
N THR A 624 -8.37 41.27 -42.00
CA THR A 624 -7.84 40.88 -43.32
C THR A 624 -7.88 41.96 -44.43
N THR A 625 -8.91 42.82 -44.41
CA THR A 625 -9.04 43.96 -45.32
C THR A 625 -7.82 44.90 -45.25
N SER A 626 -7.54 45.37 -44.04
CA SER A 626 -6.41 46.17 -43.64
C SER A 626 -5.10 45.35 -43.55
N CYS A 627 -5.19 44.02 -43.65
CA CYS A 627 -4.02 43.16 -43.75
C CYS A 627 -3.46 43.19 -45.18
N TYR A 628 -4.34 42.98 -46.19
CA TYR A 628 -4.01 43.25 -47.59
C TYR A 628 -3.61 44.72 -47.84
N LEU A 629 -4.18 45.66 -47.08
CA LEU A 629 -3.76 47.06 -47.07
C LEU A 629 -2.28 47.18 -46.69
N GLN A 630 -1.87 46.62 -45.55
CA GLN A 630 -0.46 46.54 -45.15
C GLN A 630 0.46 45.89 -46.19
N ARG A 631 -0.06 44.92 -46.95
CA ARG A 631 0.66 44.31 -48.08
C ARG A 631 0.80 45.28 -49.25
N LEU A 632 -0.31 45.96 -49.58
CA LEU A 632 -0.44 47.10 -50.49
C LEU A 632 0.49 48.28 -50.15
N LEU A 633 1.09 48.28 -48.95
CA LEU A 633 2.07 49.27 -48.52
C LEU A 633 3.50 48.72 -48.41
N VAL A 634 3.67 47.43 -48.10
CA VAL A 634 4.99 46.89 -47.83
C VAL A 634 5.71 46.38 -49.10
N GLY A 635 4.96 45.81 -50.05
CA GLY A 635 5.51 45.29 -51.29
C GLY A 635 5.11 46.19 -52.45
N LEU A 636 3.84 46.61 -52.50
CA LEU A 636 3.27 47.36 -53.61
C LEU A 636 3.77 48.79 -53.57
N SER A 637 3.59 49.51 -52.45
CA SER A 637 4.07 50.88 -52.34
C SER A 637 5.60 51.01 -52.38
N SER A 638 6.31 49.92 -52.07
CA SER A 638 7.73 49.77 -52.35
C SER A 638 8.01 49.65 -53.86
N ALA A 639 7.19 48.85 -54.57
CA ALA A 639 7.21 48.76 -56.03
C ALA A 639 6.94 50.10 -56.73
N MET A 640 6.10 50.94 -56.12
CA MET A 640 5.74 52.27 -56.61
C MET A 640 6.72 53.36 -56.16
N CYS A 641 7.37 53.17 -55.01
CA CYS A 641 8.54 53.95 -54.60
C CYS A 641 9.63 53.79 -55.65
N TYR A 642 9.95 52.55 -56.01
CA TYR A 642 10.82 52.28 -57.14
C TYR A 642 10.17 52.53 -58.51
N SER A 643 8.85 52.81 -58.59
CA SER A 643 8.30 53.34 -59.83
C SER A 643 8.90 54.71 -60.17
N ALA A 644 8.94 55.59 -59.17
CA ALA A 644 9.64 56.86 -59.23
C ALA A 644 11.12 56.66 -59.55
N LEU A 645 11.78 55.72 -58.87
CA LEU A 645 13.23 55.56 -59.00
C LEU A 645 13.65 54.89 -60.32
N VAL A 646 12.86 53.91 -60.81
CA VAL A 646 13.10 53.27 -62.10
C VAL A 646 12.76 54.18 -63.29
N THR A 647 11.75 55.06 -63.12
CA THR A 647 11.48 56.12 -64.07
C THR A 647 12.65 57.11 -64.14
N LYS A 648 13.28 57.49 -63.01
CA LYS A 648 14.50 58.32 -63.01
C LYS A 648 15.62 57.72 -63.87
N THR A 649 16.00 56.48 -63.53
CA THR A 649 17.11 55.81 -64.19
C THR A 649 16.86 55.55 -65.68
N ASN A 650 15.74 54.89 -66.02
CA ASN A 650 15.43 54.59 -67.42
C ASN A 650 15.12 55.87 -68.21
N ARG A 651 14.66 56.96 -67.58
CA ARG A 651 14.49 58.24 -68.26
C ARG A 651 15.81 58.82 -68.71
N ILE A 652 16.71 59.06 -67.75
CA ILE A 652 18.00 59.64 -68.08
C ILE A 652 18.79 58.69 -68.99
N ALA A 653 18.61 57.37 -68.83
CA ALA A 653 19.22 56.32 -69.64
C ALA A 653 18.66 56.13 -71.05
N ARG A 654 17.35 56.39 -71.27
CA ARG A 654 16.77 56.46 -72.61
C ARG A 654 17.29 57.68 -73.34
N ILE A 655 17.63 58.76 -72.64
CA ILE A 655 18.36 59.86 -73.24
C ILE A 655 19.88 59.52 -73.33
N LEU A 656 20.42 58.65 -72.45
CA LEU A 656 21.80 58.14 -72.51
C LEU A 656 22.05 57.10 -73.61
N ALA A 657 21.00 56.55 -74.23
CA ALA A 657 21.13 55.47 -75.21
C ALA A 657 21.94 55.91 -76.44
N GLY A 658 21.45 56.95 -77.12
CA GLY A 658 22.14 57.59 -78.23
C GLY A 658 23.07 58.71 -77.77
N SER A 659 23.48 58.76 -76.49
CA SER A 659 24.42 59.75 -75.98
C SER A 659 25.83 59.16 -75.91
N LYS A 660 26.81 60.04 -75.71
CA LYS A 660 28.21 59.67 -75.46
C LYS A 660 28.43 59.11 -74.05
N LYS A 661 27.62 59.56 -73.07
CA LYS A 661 27.79 59.24 -71.65
C LYS A 661 27.69 57.74 -71.36
N LYS A 662 26.95 57.01 -72.19
CA LYS A 662 26.96 55.55 -72.24
C LYS A 662 27.42 55.09 -73.62
N ILE A 663 27.99 53.88 -73.67
CA ILE A 663 28.47 53.26 -74.90
C ILE A 663 27.57 52.05 -75.20
N CYS A 664 26.81 52.15 -76.30
CA CYS A 664 25.88 51.13 -76.76
C CYS A 664 25.45 51.46 -78.19
N THR A 665 25.18 50.40 -78.97
CA THR A 665 24.71 50.52 -80.35
C THR A 665 23.20 50.25 -80.46
N ARG A 666 22.70 49.24 -79.72
CA ARG A 666 21.28 48.96 -79.58
C ARG A 666 20.71 49.89 -78.50
N LYS A 667 20.12 51.00 -78.95
CA LYS A 667 19.56 52.01 -78.07
C LYS A 667 18.23 51.53 -77.47
N PRO A 668 18.07 51.50 -76.14
CA PRO A 668 16.74 51.35 -75.53
C PRO A 668 15.88 52.63 -75.55
N ARG A 669 15.97 53.47 -76.60
CA ARG A 669 15.25 54.74 -76.70
C ARG A 669 14.40 54.84 -77.96
N PHE A 670 13.50 55.83 -77.94
CA PHE A 670 12.63 56.18 -79.06
C PHE A 670 12.64 57.70 -79.27
N MET A 671 11.97 58.16 -80.34
CA MET A 671 11.91 59.58 -80.71
C MET A 671 10.68 60.33 -80.18
N SER A 672 9.65 59.61 -79.73
CA SER A 672 8.51 60.16 -79.00
C SER A 672 8.85 60.22 -77.50
N ALA A 673 8.64 61.38 -76.89
CA ALA A 673 8.81 61.60 -75.46
C ALA A 673 7.76 60.84 -74.63
N TRP A 674 6.53 60.74 -75.15
CA TRP A 674 5.49 59.89 -74.59
C TRP A 674 5.85 58.39 -74.70
N ALA A 675 6.65 58.00 -75.71
CA ALA A 675 7.19 56.64 -75.81
C ALA A 675 8.29 56.34 -74.79
N GLN A 676 9.06 57.36 -74.36
CA GLN A 676 9.99 57.24 -73.25
C GLN A 676 9.26 56.97 -71.93
N VAL A 677 8.19 57.74 -71.67
CA VAL A 677 7.30 57.53 -70.54
C VAL A 677 6.60 56.16 -70.62
N ILE A 678 6.27 55.67 -71.83
CA ILE A 678 5.78 54.31 -72.07
C ILE A 678 6.74 53.22 -71.57
N ILE A 679 8.03 53.33 -71.93
CA ILE A 679 9.03 52.32 -71.58
C ILE A 679 9.32 52.29 -70.07
N ALA A 680 9.45 53.47 -69.43
CA ALA A 680 9.57 53.56 -67.98
C ALA A 680 8.33 53.02 -67.26
N SER A 681 7.12 53.45 -67.71
CA SER A 681 5.84 53.00 -67.17
C SER A 681 5.63 51.49 -67.24
N ILE A 682 5.94 50.85 -68.37
CA ILE A 682 5.78 49.40 -68.50
C ILE A 682 6.78 48.62 -67.64
N LEU A 683 8.03 49.11 -67.49
CA LEU A 683 9.00 48.47 -66.60
C LEU A 683 8.78 48.75 -65.11
N ILE A 684 7.82 49.61 -64.78
CA ILE A 684 7.21 49.65 -63.46
C ILE A 684 6.11 48.58 -63.38
N SER A 685 5.22 48.62 -64.37
CA SER A 685 3.94 47.90 -64.36
C SER A 685 4.11 46.38 -64.46
N VAL A 686 5.26 45.88 -64.94
CA VAL A 686 5.61 44.46 -64.91
C VAL A 686 5.74 43.97 -63.46
N GLN A 687 6.57 44.67 -62.67
CA GLN A 687 6.65 44.48 -61.23
C GLN A 687 5.29 44.63 -60.54
N LEU A 688 4.55 45.71 -60.87
CA LEU A 688 3.23 45.96 -60.31
C LEU A 688 2.26 44.80 -60.53
N THR A 689 2.16 44.33 -61.77
CA THR A 689 1.23 43.28 -62.13
C THR A 689 1.59 41.95 -61.45
N LEU A 690 2.88 41.61 -61.41
CA LEU A 690 3.40 40.43 -60.70
C LEU A 690 3.16 40.49 -59.19
N VAL A 691 3.33 41.66 -58.55
CA VAL A 691 3.01 41.82 -57.14
C VAL A 691 1.50 41.68 -56.89
N VAL A 692 0.64 42.34 -57.71
CA VAL A 692 -0.82 42.20 -57.63
C VAL A 692 -1.27 40.73 -57.84
N THR A 693 -0.54 39.99 -58.69
CA THR A 693 -0.79 38.59 -58.97
C THR A 693 -0.50 37.70 -57.75
N LEU A 694 0.68 37.82 -57.14
CA LEU A 694 1.03 37.02 -55.96
C LEU A 694 0.24 37.42 -54.70
N ILE A 695 -0.20 38.67 -54.56
CA ILE A 695 -0.91 39.12 -53.37
C ILE A 695 -2.43 38.85 -53.44
N ILE A 696 -3.01 38.82 -54.65
CA ILE A 696 -4.33 38.24 -54.89
C ILE A 696 -4.28 36.71 -54.72
N MET A 697 -3.12 36.10 -55.02
CA MET A 697 -2.83 34.70 -54.75
C MET A 697 -2.65 34.41 -53.25
N GLU A 698 -1.72 35.09 -52.57
CA GLU A 698 -1.45 34.92 -51.14
C GLU A 698 -2.67 35.36 -50.35
N PRO A 699 -3.25 34.47 -49.52
CA PRO A 699 -4.27 34.86 -48.54
C PRO A 699 -3.60 35.49 -47.29
N PRO A 700 -3.58 36.84 -47.17
CA PRO A 700 -2.99 37.49 -46.00
C PRO A 700 -3.99 37.51 -44.85
N MET A 701 -3.51 37.50 -43.60
CA MET A 701 -4.41 37.49 -42.46
C MET A 701 -3.70 37.93 -41.17
N PRO A 702 -4.39 38.72 -40.32
CA PRO A 702 -4.06 38.81 -38.88
C PRO A 702 -4.03 37.41 -38.24
N ILE A 703 -2.96 37.12 -37.50
CA ILE A 703 -2.69 35.81 -36.95
C ILE A 703 -2.43 35.86 -35.44
N LEU A 704 -3.05 34.92 -34.70
CA LEU A 704 -2.78 34.65 -33.29
C LEU A 704 -1.64 33.62 -33.20
N SER A 705 -0.48 33.97 -33.77
CA SER A 705 0.75 33.19 -33.61
C SER A 705 1.37 33.48 -32.24
N TYR A 706 2.21 32.55 -31.78
CA TYR A 706 2.93 32.65 -30.53
C TYR A 706 4.45 32.67 -30.76
N PRO A 707 5.00 33.84 -31.19
CA PRO A 707 6.36 34.27 -30.79
C PRO A 707 6.59 34.30 -29.27
N SER A 708 5.53 34.60 -28.49
CA SER A 708 5.50 34.45 -27.05
C SER A 708 4.05 34.34 -26.58
N ILE A 709 3.83 33.59 -25.47
CA ILE A 709 2.55 33.40 -24.79
C ILE A 709 1.86 34.70 -24.31
N LYS A 710 2.64 35.77 -24.15
CA LYS A 710 2.22 36.98 -23.45
C LYS A 710 1.73 38.09 -24.36
N GLU A 711 2.16 38.11 -25.64
CA GLU A 711 1.81 39.21 -26.52
C GLU A 711 0.33 39.18 -26.90
N VAL A 712 -0.19 40.40 -27.08
CA VAL A 712 -1.56 40.66 -27.46
C VAL A 712 -1.72 40.67 -28.99
N TYR A 713 -0.83 39.96 -29.69
CA TYR A 713 -0.47 40.14 -31.09
C TYR A 713 -1.67 40.19 -32.02
N LEU A 714 -2.15 39.03 -32.50
CA LEU A 714 -3.24 38.97 -33.48
C LEU A 714 -2.86 39.57 -34.85
N ILE A 715 -1.67 40.20 -34.96
CA ILE A 715 -1.19 40.96 -36.10
C ILE A 715 -0.91 40.07 -37.29
N CYS A 716 -0.88 40.68 -38.48
CA CYS A 716 -0.65 40.03 -39.77
C CYS A 716 0.58 39.10 -39.83
N ASN A 717 0.41 38.02 -40.59
CA ASN A 717 1.45 37.04 -40.93
C ASN A 717 2.08 37.39 -42.28
N THR A 718 3.23 36.80 -42.65
CA THR A 718 3.75 36.78 -44.02
C THR A 718 5.00 35.87 -44.06
N SER A 719 5.19 35.14 -45.18
CA SER A 719 6.48 34.56 -45.56
C SER A 719 7.34 35.68 -46.16
N ASN A 720 8.52 35.95 -45.58
CA ASN A 720 9.36 37.09 -46.01
C ASN A 720 9.83 36.98 -47.47
N LEU A 721 10.12 35.77 -47.97
CA LEU A 721 10.45 35.59 -49.39
C LEU A 721 9.32 36.00 -50.35
N GLY A 722 8.09 36.12 -49.84
CA GLY A 722 6.92 36.65 -50.52
C GLY A 722 6.97 38.18 -50.72
N VAL A 723 7.71 38.94 -49.88
CA VAL A 723 7.98 40.37 -50.11
C VAL A 723 9.43 40.63 -50.54
N VAL A 724 10.30 39.60 -50.52
CA VAL A 724 11.62 39.69 -51.15
C VAL A 724 11.48 39.92 -52.66
N ALA A 725 10.44 39.40 -53.33
CA ALA A 725 10.20 39.66 -54.76
C ALA A 725 9.87 41.12 -55.13
N PRO A 726 9.02 41.84 -54.34
CA PRO A 726 8.96 43.31 -54.36
C PRO A 726 10.31 44.02 -54.22
N LEU A 727 11.05 43.73 -53.13
CA LEU A 727 12.44 44.16 -52.97
C LEU A 727 13.35 43.74 -54.13
N GLY A 728 13.11 42.55 -54.69
CA GLY A 728 13.95 41.87 -55.65
C GLY A 728 13.90 42.60 -56.99
N TYR A 729 12.70 43.03 -57.41
CA TYR A 729 12.51 43.79 -58.64
C TYR A 729 12.90 45.24 -58.47
N ASN A 730 12.54 45.85 -57.34
CA ASN A 730 13.09 47.15 -56.99
C ASN A 730 14.62 47.16 -56.95
N GLY A 731 15.21 46.06 -56.49
CA GLY A 731 16.63 45.87 -56.17
C GLY A 731 17.48 45.49 -57.37
N LEU A 732 16.95 44.70 -58.32
CA LEU A 732 17.61 44.50 -59.62
C LEU A 732 17.59 45.80 -60.42
N LEU A 733 16.49 46.55 -60.28
CA LEU A 733 16.39 47.89 -60.84
C LEU A 733 17.21 48.93 -60.05
N ILE A 734 17.53 48.69 -58.76
CA ILE A 734 18.54 49.44 -58.00
C ILE A 734 19.91 49.23 -58.61
N MET A 735 20.23 47.96 -58.95
CA MET A 735 21.46 47.63 -59.65
C MET A 735 21.56 48.39 -60.98
N SER A 736 20.47 48.43 -61.75
CA SER A 736 20.39 49.21 -62.98
C SER A 736 20.56 50.73 -62.76
N CYS A 737 19.92 51.30 -61.73
CA CYS A 737 20.00 52.74 -61.42
C CYS A 737 21.41 53.20 -61.03
N THR A 738 22.05 52.44 -60.13
CA THR A 738 23.41 52.69 -59.72
C THR A 738 24.42 52.42 -60.85
N TYR A 739 24.15 51.38 -61.66
CA TYR A 739 24.83 51.06 -62.92
C TYR A 739 24.83 52.21 -63.94
N TYR A 740 23.73 52.99 -63.98
CA TYR A 740 23.67 54.23 -64.74
C TYR A 740 24.30 55.42 -64.01
N ALA A 741 24.31 55.41 -62.67
CA ALA A 741 25.06 56.36 -61.85
C ALA A 741 26.59 56.20 -61.94
N PHE A 742 27.08 55.18 -62.67
CA PHE A 742 28.50 54.93 -62.91
C PHE A 742 29.23 56.13 -63.52
N LYS A 743 28.73 56.61 -64.66
CA LYS A 743 29.30 57.76 -65.34
C LYS A 743 28.54 59.04 -65.04
N THR A 744 27.22 58.98 -64.77
CA THR A 744 26.45 60.19 -64.50
C THR A 744 26.86 60.94 -63.23
N ARG A 745 27.49 60.24 -62.28
CA ARG A 745 28.20 60.85 -61.15
C ARG A 745 29.35 61.78 -61.57
N ASN A 746 29.95 61.51 -62.74
CA ASN A 746 31.11 62.19 -63.31
C ASN A 746 30.83 62.64 -64.75
N VAL A 747 29.57 63.02 -65.05
CA VAL A 747 29.24 63.82 -66.23
C VAL A 747 28.56 65.13 -65.77
N PRO A 748 29.30 66.01 -65.04
CA PRO A 748 28.74 67.26 -64.51
C PRO A 748 28.35 68.25 -65.62
N ALA A 749 27.05 68.29 -65.94
CA ALA A 749 26.49 69.16 -66.97
C ALA A 749 25.45 70.10 -66.36
N ASN A 750 24.35 69.53 -65.84
CA ASN A 750 23.35 70.32 -65.12
C ASN A 750 23.91 70.84 -63.79
N PHE A 751 23.15 71.73 -63.10
CA PHE A 751 23.69 72.55 -62.03
C PHE A 751 24.11 71.75 -60.79
N ASN A 752 25.33 71.21 -60.87
CA ASN A 752 25.97 70.28 -59.93
C ASN A 752 25.13 69.04 -59.60
N GLU A 753 24.10 68.72 -60.40
CA GLU A 753 23.33 67.50 -60.21
C GLU A 753 24.11 66.23 -60.51
N ALA A 754 25.32 66.31 -61.07
CA ALA A 754 26.32 65.24 -60.97
C ALA A 754 26.54 64.82 -59.52
N LYS A 755 26.93 65.79 -58.66
CA LYS A 755 27.11 65.63 -57.23
C LYS A 755 25.90 65.00 -56.53
N TYR A 756 24.74 65.67 -56.68
CA TYR A 756 23.56 65.33 -55.88
C TYR A 756 22.86 64.08 -56.38
N ILE A 757 22.72 63.90 -57.71
CA ILE A 757 22.16 62.66 -58.27
C ILE A 757 23.03 61.46 -57.88
N ALA A 758 24.36 61.59 -57.96
CA ALA A 758 25.31 60.56 -57.54
C ALA A 758 25.12 60.15 -56.08
N PHE A 759 25.25 61.12 -55.16
CA PHE A 759 25.16 60.88 -53.73
C PHE A 759 23.76 60.38 -53.31
N THR A 760 22.70 60.82 -53.99
CA THR A 760 21.35 60.39 -53.64
C THR A 760 20.99 59.01 -54.19
N MET A 761 21.52 58.60 -55.36
CA MET A 761 21.44 57.20 -55.77
C MET A 761 22.27 56.30 -54.85
N TYR A 762 23.37 56.85 -54.31
CA TYR A 762 24.07 56.31 -53.16
C TYR A 762 23.17 56.18 -51.92
N THR A 763 22.46 57.25 -51.50
CA THR A 763 21.54 57.20 -50.36
C THR A 763 20.43 56.13 -50.47
N THR A 764 19.78 56.04 -51.65
CA THR A 764 18.66 55.12 -51.84
C THR A 764 19.14 53.67 -51.89
N CYS A 765 20.24 53.40 -52.62
CA CYS A 765 20.84 52.07 -52.66
C CYS A 765 21.28 51.64 -51.24
N ILE A 766 22.08 52.46 -50.56
CA ILE A 766 22.63 52.12 -49.25
C ILE A 766 21.57 51.99 -48.17
N ILE A 767 20.48 52.78 -48.22
CA ILE A 767 19.45 52.68 -47.19
C ILE A 767 18.52 51.47 -47.39
N TRP A 768 18.37 51.00 -48.64
CA TRP A 768 17.66 49.77 -48.95
C TRP A 768 18.46 48.55 -48.54
N LEU A 769 19.72 48.53 -48.98
CA LEU A 769 20.74 47.58 -48.59
C LEU A 769 21.14 47.67 -47.09
N ALA A 770 20.66 48.71 -46.38
CA ALA A 770 20.80 48.86 -44.93
C ALA A 770 19.61 48.26 -44.21
N PHE A 771 18.38 48.65 -44.62
CA PHE A 771 17.18 48.20 -43.94
C PHE A 771 16.92 46.72 -44.19
N VAL A 772 17.35 46.09 -45.29
CA VAL A 772 16.94 44.71 -45.60
C VAL A 772 17.39 43.57 -44.65
N PRO A 773 18.61 43.59 -44.05
CA PRO A 773 18.90 42.70 -42.91
C PRO A 773 18.18 43.13 -41.62
N ILE A 774 17.91 44.43 -41.47
CA ILE A 774 17.14 44.99 -40.36
C ILE A 774 15.61 44.75 -40.54
N TYR A 775 15.14 44.58 -41.78
CA TYR A 775 13.77 44.27 -42.16
C TYR A 775 13.47 42.88 -41.66
N PHE A 776 14.37 41.94 -41.96
CA PHE A 776 14.30 40.61 -41.39
C PHE A 776 14.82 40.54 -39.94
N GLY A 777 15.44 41.62 -39.44
CA GLY A 777 15.82 41.78 -38.04
C GLY A 777 14.62 42.29 -37.21
N SER A 778 13.69 43.00 -37.85
CA SER A 778 12.45 43.46 -37.26
C SER A 778 11.47 42.30 -37.35
N ASN A 779 11.06 41.79 -36.18
CA ASN A 779 10.06 40.72 -36.04
C ASN A 779 8.73 41.08 -36.73
N TYR A 780 8.31 42.35 -36.55
CA TYR A 780 7.22 42.99 -37.25
C TYR A 780 7.82 44.09 -38.13
N LYS A 781 7.57 44.00 -39.43
CA LYS A 781 8.42 44.61 -40.43
C LYS A 781 8.01 46.01 -40.88
N ILE A 782 6.72 46.34 -40.83
CA ILE A 782 6.18 47.54 -41.47
C ILE A 782 6.62 48.84 -40.78
N ILE A 783 7.10 48.73 -39.52
CA ILE A 783 7.88 49.76 -38.84
C ILE A 783 9.11 50.17 -39.64
N THR A 784 9.96 49.20 -39.98
CA THR A 784 11.15 49.39 -40.78
C THR A 784 10.87 49.91 -42.20
N THR A 785 9.71 49.49 -42.77
CA THR A 785 9.30 49.89 -44.12
C THR A 785 8.94 51.36 -44.21
N CYS A 786 8.05 51.87 -43.33
CA CYS A 786 7.74 53.30 -43.27
C CYS A 786 8.99 54.15 -43.01
N PHE A 787 9.89 53.67 -42.14
CA PHE A 787 11.12 54.34 -41.80
C PHE A 787 12.08 54.46 -43.01
N ALA A 788 12.32 53.34 -43.71
CA ALA A 788 13.22 53.32 -44.88
C ALA A 788 12.64 54.06 -46.09
N VAL A 789 11.35 53.86 -46.38
CA VAL A 789 10.64 54.52 -47.47
C VAL A 789 10.52 56.03 -47.26
N SER A 790 10.29 56.46 -46.00
CA SER A 790 10.32 57.87 -45.63
C SER A 790 11.67 58.50 -45.94
N LEU A 791 12.78 57.95 -45.43
CA LEU A 791 14.13 58.43 -45.75
C LEU A 791 14.41 58.53 -47.26
N SER A 792 14.11 57.45 -48.01
CA SER A 792 14.41 57.35 -49.42
C SER A 792 13.69 58.40 -50.28
N VAL A 793 12.36 58.49 -50.12
CA VAL A 793 11.56 59.42 -50.89
C VAL A 793 11.72 60.86 -50.38
N THR A 794 11.93 61.10 -49.07
CA THR A 794 12.27 62.45 -48.55
C THR A 794 13.65 62.94 -48.98
N VAL A 795 14.61 62.03 -49.18
CA VAL A 795 15.83 62.36 -49.90
C VAL A 795 15.53 62.73 -51.36
N ALA A 796 14.72 61.93 -52.07
CA ALA A 796 14.29 62.24 -53.44
C ALA A 796 13.74 63.66 -53.58
N LEU A 797 12.93 64.12 -52.61
CA LEU A 797 12.42 65.49 -52.57
C LEU A 797 13.51 66.50 -52.23
N GLY A 798 13.96 66.51 -50.96
CA GLY A 798 14.87 67.52 -50.43
C GLY A 798 16.27 67.52 -51.07
N CYS A 799 16.54 66.66 -52.07
CA CYS A 799 17.84 66.54 -52.71
C CYS A 799 17.74 66.64 -54.24
N MET A 800 16.73 66.03 -54.88
CA MET A 800 16.50 66.18 -56.33
C MET A 800 15.51 67.31 -56.67
N PHE A 801 14.98 68.01 -55.66
CA PHE A 801 14.02 69.10 -55.86
C PHE A 801 14.42 70.39 -55.20
N THR A 802 15.12 70.35 -54.06
CA THR A 802 15.61 71.61 -53.51
C THR A 802 16.54 72.34 -54.51
N PRO A 803 17.53 71.73 -55.19
CA PRO A 803 18.51 72.49 -55.98
C PRO A 803 17.93 73.12 -57.25
N LYS A 804 17.27 72.29 -58.08
CA LYS A 804 16.69 72.70 -59.35
C LYS A 804 15.63 73.80 -59.22
N MET A 805 14.65 73.57 -58.35
CA MET A 805 13.54 74.50 -58.17
C MET A 805 13.87 75.67 -57.23
N TYR A 806 15.02 75.61 -56.55
CA TYR A 806 15.63 76.72 -55.80
C TYR A 806 16.45 77.66 -56.69
N ILE A 807 17.05 77.15 -57.78
CA ILE A 807 17.77 78.00 -58.72
C ILE A 807 16.81 78.60 -59.76
N ILE A 808 15.62 78.00 -59.94
CA ILE A 808 14.57 78.50 -60.83
C ILE A 808 13.29 78.76 -60.01
N ILE A 809 13.49 79.27 -58.78
CA ILE A 809 12.45 79.82 -57.89
C ILE A 809 11.94 81.13 -58.51
N GLN B 5 -29.75 -34.54 21.35
CA GLN B 5 -28.65 -35.57 21.39
C GLN B 5 -28.68 -36.28 20.03
N ARG B 6 -27.47 -36.55 19.53
CA ARG B 6 -27.20 -37.13 18.22
C ARG B 6 -26.88 -38.62 18.32
N SER B 7 -26.52 -39.18 17.15
CA SER B 7 -26.10 -40.57 17.00
C SER B 7 -24.57 -40.63 17.01
N VAL B 8 -24.03 -41.80 17.38
CA VAL B 8 -22.60 -42.00 17.57
C VAL B 8 -22.24 -43.43 17.17
N ALA B 9 -21.56 -43.55 16.02
CA ALA B 9 -21.14 -44.82 15.46
C ALA B 9 -19.82 -45.23 16.12
N ARG B 10 -19.82 -46.34 16.87
CA ARG B 10 -18.70 -46.69 17.73
C ARG B 10 -18.30 -48.16 17.60
N MET B 11 -16.98 -48.37 17.66
CA MET B 11 -16.37 -49.69 17.82
C MET B 11 -15.77 -49.76 19.22
N ASP B 12 -16.15 -50.78 19.98
CA ASP B 12 -15.48 -51.13 21.22
C ASP B 12 -14.15 -51.82 20.91
N GLY B 13 -13.06 -51.07 21.05
CA GLY B 13 -11.70 -51.58 20.98
C GLY B 13 -11.03 -51.28 22.32
N ASP B 14 -9.71 -51.04 22.32
CA ASP B 14 -8.92 -50.91 23.55
C ASP B 14 -8.49 -49.46 23.73
N VAL B 15 -7.72 -48.92 22.77
CA VAL B 15 -7.52 -47.47 22.68
C VAL B 15 -8.43 -46.96 21.57
N ILE B 16 -9.14 -45.86 21.87
CA ILE B 16 -10.24 -45.38 21.07
C ILE B 16 -9.88 -44.02 20.49
N ILE B 17 -9.94 -43.95 19.15
CA ILE B 17 -9.66 -42.74 18.42
C ILE B 17 -11.01 -42.17 18.00
N GLY B 18 -11.42 -41.10 18.69
CA GLY B 18 -12.64 -40.37 18.38
C GLY B 18 -12.55 -39.76 16.98
N ALA B 19 -13.69 -39.31 16.45
CA ALA B 19 -13.73 -38.73 15.11
C ALA B 19 -14.87 -37.73 15.03
N LEU B 20 -14.61 -36.62 14.33
CA LEU B 20 -15.62 -35.64 14.03
C LEU B 20 -15.60 -35.50 12.51
N PHE B 21 -16.65 -36.00 11.86
CA PHE B 21 -16.84 -35.83 10.43
C PHE B 21 -17.99 -34.88 10.18
N SER B 22 -18.04 -34.34 8.97
CA SER B 22 -19.06 -33.41 8.52
C SER B 22 -20.26 -34.17 7.95
N VAL B 23 -20.91 -35.03 8.78
CA VAL B 23 -21.93 -35.95 8.26
C VAL B 23 -23.05 -35.25 7.49
N HIS B 24 -23.73 -34.33 8.19
CA HIS B 24 -24.84 -33.58 7.65
C HIS B 24 -24.34 -32.26 7.04
N HIS B 25 -25.30 -31.40 6.69
CA HIS B 25 -25.04 -30.00 6.41
C HIS B 25 -25.17 -29.19 7.69
N GLN B 26 -24.49 -28.04 7.72
CA GLN B 26 -24.62 -27.10 8.84
C GLN B 26 -26.08 -26.68 8.97
N PRO B 27 -26.57 -26.53 10.21
CA PRO B 27 -27.93 -26.02 10.43
C PRO B 27 -28.17 -24.71 9.64
N PRO B 28 -29.25 -24.63 8.85
CA PRO B 28 -29.65 -23.36 8.23
C PRO B 28 -30.20 -22.43 9.32
N ALA B 29 -30.11 -21.11 9.09
CA ALA B 29 -30.38 -20.04 10.05
C ALA B 29 -31.67 -20.18 10.89
N GLU B 30 -32.68 -20.90 10.35
CA GLU B 30 -33.90 -21.33 11.03
C GLU B 30 -33.66 -21.92 12.43
N LYS B 31 -32.62 -22.75 12.54
CA LYS B 31 -32.40 -23.66 13.65
C LYS B 31 -30.91 -23.77 14.01
N VAL B 32 -30.08 -22.78 13.67
CA VAL B 32 -28.70 -22.72 14.18
C VAL B 32 -28.61 -22.74 15.72
N PRO B 33 -29.34 -21.87 16.46
CA PRO B 33 -29.41 -21.95 17.92
C PRO B 33 -30.13 -23.19 18.48
N GLU B 34 -31.02 -23.82 17.68
CA GLU B 34 -31.58 -25.14 18.00
C GLU B 34 -30.55 -26.25 17.78
N ARG B 35 -29.58 -26.01 16.87
CA ARG B 35 -28.52 -26.88 16.40
C ARG B 35 -29.03 -28.31 16.09
N LYS B 36 -29.86 -28.36 15.05
CA LYS B 36 -30.24 -29.58 14.36
C LYS B 36 -29.76 -29.47 12.92
N CYS B 37 -29.21 -30.58 12.43
CA CYS B 37 -28.48 -30.60 11.17
C CYS B 37 -29.36 -31.09 10.04
N GLY B 38 -29.03 -30.61 8.83
CA GLY B 38 -29.79 -30.82 7.60
C GLY B 38 -29.66 -32.26 7.09
N GLU B 39 -29.65 -32.41 5.77
CA GLU B 39 -29.49 -33.72 5.12
C GLU B 39 -28.02 -34.14 5.09
N ILE B 40 -27.81 -35.45 4.87
CA ILE B 40 -26.50 -36.09 4.79
C ILE B 40 -25.69 -35.51 3.63
N ARG B 41 -24.36 -35.59 3.71
CA ARG B 41 -23.49 -34.97 2.72
C ARG B 41 -22.90 -35.98 1.73
N GLU B 42 -22.82 -37.27 2.11
CA GLU B 42 -22.66 -38.41 1.18
C GLU B 42 -21.30 -38.51 0.46
N GLN B 43 -20.53 -37.42 0.53
CA GLN B 43 -19.24 -37.25 -0.09
C GLN B 43 -18.24 -36.64 0.90
N TYR B 44 -18.72 -36.15 2.05
CA TYR B 44 -17.89 -35.67 3.15
C TYR B 44 -18.24 -36.41 4.43
N GLY B 45 -19.48 -36.93 4.51
CA GLY B 45 -20.02 -37.43 5.74
C GLY B 45 -19.80 -38.91 5.89
N ILE B 46 -20.72 -39.68 5.31
CA ILE B 46 -20.83 -41.12 5.50
C ILE B 46 -19.86 -41.95 4.64
N GLN B 47 -19.40 -41.37 3.52
CA GLN B 47 -18.22 -41.85 2.81
C GLN B 47 -17.03 -42.01 3.79
N ARG B 48 -16.82 -40.98 4.61
CA ARG B 48 -15.73 -40.93 5.58
C ARG B 48 -15.95 -41.71 6.85
N VAL B 49 -17.19 -41.78 7.37
CA VAL B 49 -17.45 -42.66 8.51
C VAL B 49 -17.15 -44.13 8.14
N GLU B 50 -17.38 -44.49 6.87
CA GLU B 50 -16.99 -45.78 6.32
C GLU B 50 -15.52 -45.94 5.99
N ALA B 51 -14.84 -44.87 5.56
CA ALA B 51 -13.39 -44.89 5.43
C ALA B 51 -12.69 -45.13 6.75
N MET B 52 -13.21 -44.53 7.83
CA MET B 52 -12.67 -44.72 9.15
C MET B 52 -12.90 -46.11 9.71
N PHE B 53 -14.14 -46.64 9.58
CA PHE B 53 -14.39 -48.01 9.98
C PHE B 53 -13.55 -49.02 9.23
N HIS B 54 -13.42 -48.84 7.91
CA HIS B 54 -12.52 -49.60 7.05
C HIS B 54 -11.08 -49.61 7.54
N THR B 55 -10.54 -48.43 7.85
CA THR B 55 -9.14 -48.28 8.20
C THR B 55 -8.83 -48.83 9.60
N LEU B 56 -9.80 -48.80 10.53
CA LEU B 56 -9.67 -49.52 11.79
C LEU B 56 -9.77 -51.03 11.64
N ASP B 57 -10.55 -51.52 10.66
CA ASP B 57 -10.55 -52.93 10.28
C ASP B 57 -9.18 -53.38 9.80
N LYS B 58 -8.57 -52.59 8.91
CA LYS B 58 -7.19 -52.78 8.45
C LYS B 58 -6.19 -52.79 9.60
N ILE B 59 -6.14 -51.72 10.41
CA ILE B 59 -5.21 -51.60 11.52
C ILE B 59 -5.40 -52.64 12.65
N ASN B 60 -6.61 -53.20 12.79
CA ASN B 60 -6.86 -54.34 13.69
C ASN B 60 -6.66 -55.71 13.04
N ALA B 61 -6.36 -55.76 11.74
CA ALA B 61 -5.90 -56.96 11.06
C ALA B 61 -4.41 -56.91 10.73
N ASP B 62 -3.81 -55.71 10.70
CA ASP B 62 -2.39 -55.48 10.42
C ASP B 62 -1.59 -56.02 11.62
N PRO B 63 -0.58 -56.89 11.37
CA PRO B 63 0.20 -57.49 12.46
C PRO B 63 1.32 -56.59 12.98
N VAL B 64 1.75 -55.58 12.19
CA VAL B 64 2.79 -54.65 12.59
C VAL B 64 2.22 -53.57 13.53
N LEU B 65 1.26 -52.79 13.01
CA LEU B 65 0.63 -51.70 13.75
C LEU B 65 -0.35 -52.27 14.77
N LEU B 66 0.04 -52.20 16.05
CA LEU B 66 -0.77 -52.60 17.18
C LEU B 66 -1.16 -54.10 17.13
N PRO B 67 -0.17 -55.01 17.36
CA PRO B 67 -0.48 -56.41 17.62
C PRO B 67 -0.89 -56.59 19.08
N ASN B 68 -2.00 -57.31 19.30
CA ASN B 68 -2.61 -57.48 20.63
C ASN B 68 -3.12 -56.17 21.24
N ILE B 69 -3.51 -55.21 20.39
CA ILE B 69 -4.25 -54.02 20.78
C ILE B 69 -5.34 -53.78 19.75
N THR B 70 -6.58 -53.89 20.22
CA THR B 70 -7.73 -53.44 19.45
C THR B 70 -7.78 -51.89 19.44
N LEU B 71 -8.33 -51.34 18.36
CA LEU B 71 -8.34 -49.92 18.07
C LEU B 71 -9.78 -49.53 17.77
N GLY B 72 -10.51 -49.18 18.83
CA GLY B 72 -11.92 -48.81 18.74
C GLY B 72 -12.07 -47.42 18.14
N SER B 73 -13.30 -46.91 18.18
CA SER B 73 -13.63 -45.55 17.78
C SER B 73 -14.95 -45.12 18.40
N GLU B 74 -15.10 -43.79 18.45
CA GLU B 74 -16.36 -43.11 18.71
C GLU B 74 -16.43 -42.03 17.63
N ILE B 75 -17.19 -42.28 16.57
CA ILE B 75 -17.45 -41.25 15.57
C ILE B 75 -18.67 -40.44 15.99
N ARG B 76 -18.52 -39.11 15.92
CA ARG B 76 -19.60 -38.15 16.07
C ARG B 76 -19.79 -37.41 14.74
N ASP B 77 -20.67 -36.42 14.79
CA ASP B 77 -21.07 -35.63 13.64
C ASP B 77 -20.90 -34.13 13.98
N SER B 78 -19.89 -33.49 13.36
CA SER B 78 -19.63 -32.06 13.46
C SER B 78 -20.68 -31.18 12.76
N CYS B 79 -21.30 -31.71 11.69
CA CYS B 79 -22.25 -31.05 10.77
C CYS B 79 -21.65 -29.90 9.94
N TRP B 80 -20.32 -29.72 9.88
CA TRP B 80 -19.66 -28.55 9.28
C TRP B 80 -20.08 -27.24 9.98
N HIS B 81 -20.28 -27.29 11.31
CA HIS B 81 -20.69 -26.14 12.11
C HIS B 81 -19.97 -26.18 13.45
N SER B 82 -19.66 -25.00 13.98
CA SER B 82 -18.89 -24.84 15.20
C SER B 82 -19.65 -25.26 16.47
N SER B 83 -20.93 -24.87 16.61
CA SER B 83 -21.73 -25.17 17.80
C SER B 83 -22.01 -26.67 17.96
N VAL B 84 -22.29 -27.36 16.84
CA VAL B 84 -22.52 -28.79 16.85
C VAL B 84 -21.21 -29.57 17.03
N ALA B 85 -20.13 -29.12 16.35
CA ALA B 85 -18.79 -29.66 16.57
C ALA B 85 -18.38 -29.64 18.04
N LEU B 86 -18.76 -28.55 18.75
CA LEU B 86 -18.41 -28.34 20.13
C LEU B 86 -19.31 -29.11 21.10
N GLU B 87 -20.63 -29.22 20.83
CA GLU B 87 -21.49 -30.13 21.58
C GLU B 87 -20.94 -31.56 21.55
N GLN B 88 -20.54 -32.02 20.36
CA GLN B 88 -19.94 -33.33 20.18
C GLN B 88 -18.60 -33.51 20.91
N SER B 89 -17.70 -32.52 20.79
CA SER B 89 -16.43 -32.51 21.51
C SER B 89 -16.63 -32.67 23.02
N ILE B 90 -17.60 -31.93 23.59
CA ILE B 90 -17.99 -32.03 24.98
C ILE B 90 -18.47 -33.44 25.36
N GLU B 91 -19.23 -34.12 24.46
CA GLU B 91 -19.65 -35.51 24.66
C GLU B 91 -18.49 -36.51 24.75
N PHE B 92 -17.43 -36.31 23.95
CA PHE B 92 -16.22 -37.15 24.00
C PHE B 92 -15.48 -37.11 25.33
N ILE B 93 -15.41 -35.91 25.92
CA ILE B 93 -14.74 -35.71 27.19
C ILE B 93 -15.67 -35.99 28.37
N ARG B 94 -17.00 -36.03 28.17
CA ARG B 94 -18.02 -36.25 29.21
C ARG B 94 -17.74 -37.51 30.05
N ASP B 95 -17.66 -38.66 29.36
CA ASP B 95 -17.33 -39.97 29.93
C ASP B 95 -15.91 -40.00 30.54
N SER B 96 -14.93 -39.40 29.83
CA SER B 96 -13.53 -39.34 30.25
C SER B 96 -13.31 -38.54 31.55
N LEU B 97 -14.09 -37.47 31.72
CA LEU B 97 -13.98 -36.53 32.84
C LEU B 97 -14.23 -37.23 34.19
N ILE B 98 -15.23 -38.12 34.24
CA ILE B 98 -15.60 -38.89 35.44
C ILE B 98 -14.75 -40.14 35.43
N GLY B 120 -21.73 -48.90 33.93
CA GLY B 120 -22.31 -47.66 34.41
C GLY B 120 -21.24 -46.68 34.94
N ARG B 121 -20.01 -46.73 34.40
CA ARG B 121 -18.86 -45.94 34.82
C ARG B 121 -18.12 -45.43 33.58
N THR B 122 -16.89 -44.93 33.77
CA THR B 122 -15.96 -44.57 32.70
C THR B 122 -15.74 -45.72 31.72
N LYS B 123 -15.84 -45.44 30.42
CA LYS B 123 -15.69 -46.46 29.38
C LYS B 123 -14.32 -46.39 28.72
N LYS B 124 -13.95 -45.24 28.14
CA LYS B 124 -12.59 -45.04 27.69
C LYS B 124 -12.35 -43.57 27.34
N PRO B 125 -11.30 -42.94 27.95
CA PRO B 125 -10.73 -41.69 27.45
C PRO B 125 -10.29 -41.78 25.99
N ILE B 126 -10.81 -40.85 25.19
CA ILE B 126 -10.50 -40.74 23.78
C ILE B 126 -9.05 -40.28 23.58
N ALA B 127 -8.26 -41.10 22.89
CA ALA B 127 -6.83 -40.86 22.66
C ALA B 127 -6.58 -39.66 21.75
N GLY B 128 -7.37 -39.54 20.68
CA GLY B 128 -7.25 -38.41 19.78
C GLY B 128 -8.55 -38.20 19.05
N VAL B 129 -8.59 -37.17 18.20
CA VAL B 129 -9.79 -36.80 17.47
C VAL B 129 -9.41 -36.50 16.03
N ILE B 130 -9.96 -37.29 15.10
CA ILE B 130 -9.76 -37.06 13.68
C ILE B 130 -10.62 -35.83 13.29
N GLY B 131 -9.91 -34.71 13.18
CA GLY B 131 -10.35 -33.35 13.36
C GLY B 131 -11.35 -32.95 12.27
N PRO B 132 -12.47 -32.30 12.66
CA PRO B 132 -13.54 -31.91 11.74
C PRO B 132 -13.06 -30.97 10.63
N GLY B 133 -13.73 -31.12 9.48
CA GLY B 133 -13.17 -30.78 8.19
C GLY B 133 -13.30 -29.31 7.80
N SER B 134 -13.97 -28.45 8.57
CA SER B 134 -13.81 -27.01 8.42
C SER B 134 -12.51 -26.61 9.13
N SER B 135 -11.84 -25.56 8.65
CA SER B 135 -10.82 -24.90 9.45
C SER B 135 -11.41 -24.32 10.75
N SER B 136 -12.54 -23.64 10.63
CA SER B 136 -13.11 -22.80 11.68
C SER B 136 -14.13 -23.51 12.57
N VAL B 137 -14.26 -24.83 12.44
CA VAL B 137 -14.79 -25.67 13.51
C VAL B 137 -13.67 -26.55 14.07
N ALA B 138 -12.57 -26.75 13.31
CA ALA B 138 -11.36 -27.33 13.83
C ALA B 138 -10.78 -26.47 14.95
N ILE B 139 -10.49 -25.17 14.68
CA ILE B 139 -10.09 -24.16 15.67
C ILE B 139 -10.96 -24.19 16.93
N GLN B 140 -12.28 -24.12 16.73
CA GLN B 140 -13.24 -24.04 17.82
C GLN B 140 -13.36 -25.34 18.64
N VAL B 141 -13.02 -26.50 18.04
CA VAL B 141 -12.93 -27.76 18.77
C VAL B 141 -11.55 -27.95 19.39
N GLN B 142 -10.50 -27.49 18.70
CA GLN B 142 -9.13 -27.52 19.17
C GLN B 142 -8.98 -26.88 20.55
N ASN B 143 -9.64 -25.74 20.76
CA ASN B 143 -9.69 -25.07 22.06
C ASN B 143 -10.18 -26.00 23.15
N LEU B 144 -11.37 -26.59 22.98
CA LEU B 144 -11.92 -27.56 23.91
C LEU B 144 -11.06 -28.81 24.11
N LEU B 145 -10.32 -29.29 23.10
CA LEU B 145 -9.53 -30.51 23.27
C LEU B 145 -8.16 -30.27 23.88
N GLN B 146 -7.53 -29.15 23.53
CA GLN B 146 -6.29 -28.70 24.14
C GLN B 146 -6.38 -28.58 25.67
N LEU B 147 -7.58 -28.28 26.17
CA LEU B 147 -7.86 -28.33 27.59
C LEU B 147 -7.52 -29.68 28.23
N PHE B 148 -7.88 -30.77 27.54
CA PHE B 148 -7.90 -32.12 28.10
C PHE B 148 -6.74 -33.01 27.73
N ASP B 149 -5.78 -32.52 26.95
CA ASP B 149 -4.73 -33.34 26.38
C ASP B 149 -5.29 -34.43 25.46
N ILE B 150 -5.86 -34.00 24.34
CA ILE B 150 -6.42 -34.88 23.33
C ILE B 150 -5.93 -34.35 21.97
N PRO B 151 -4.84 -34.96 21.42
CA PRO B 151 -4.28 -34.54 20.14
C PRO B 151 -5.26 -34.77 18.98
N GLN B 152 -5.44 -33.72 18.17
CA GLN B 152 -6.46 -33.66 17.16
C GLN B 152 -5.79 -33.51 15.80
N ILE B 153 -6.10 -34.43 14.89
CA ILE B 153 -5.44 -34.51 13.58
C ILE B 153 -6.47 -34.16 12.52
N ALA B 154 -6.31 -33.01 11.86
CA ALA B 154 -7.34 -32.45 10.99
C ALA B 154 -6.94 -32.55 9.52
N TYR B 155 -7.57 -33.49 8.81
CA TYR B 155 -7.30 -33.80 7.40
C TYR B 155 -7.62 -32.69 6.39
N SER B 156 -8.50 -31.74 6.74
CA SER B 156 -8.79 -30.57 5.90
C SER B 156 -9.07 -29.37 6.80
N ALA B 157 -8.10 -29.03 7.64
CA ALA B 157 -8.09 -27.73 8.28
C ALA B 157 -6.85 -27.08 7.72
N THR B 158 -7.02 -26.29 6.66
CA THR B 158 -5.91 -25.83 5.83
C THR B 158 -5.62 -24.34 6.05
N SER B 159 -6.14 -23.72 7.12
CA SER B 159 -5.89 -22.31 7.44
C SER B 159 -4.49 -22.10 8.01
N ILE B 160 -3.96 -20.89 7.78
CA ILE B 160 -2.68 -20.45 8.30
C ILE B 160 -2.59 -20.47 9.84
N ASP B 161 -3.62 -19.97 10.53
CA ASP B 161 -3.60 -19.73 11.98
C ASP B 161 -3.38 -21.00 12.82
N LEU B 162 -3.60 -22.17 12.22
CA LEU B 162 -3.55 -23.46 12.88
C LEU B 162 -2.16 -24.12 12.91
N SER B 163 -1.14 -23.39 12.47
CA SER B 163 0.27 -23.74 12.68
C SER B 163 0.83 -23.14 13.98
N ASP B 164 0.25 -22.03 14.47
CA ASP B 164 0.61 -21.39 15.74
C ASP B 164 0.20 -22.21 16.95
N LYS B 165 1.13 -23.07 17.38
CA LYS B 165 0.95 -24.05 18.44
C LYS B 165 1.15 -23.49 19.85
N THR B 166 1.07 -22.17 20.00
CA THR B 166 0.85 -21.52 21.29
C THR B 166 -0.63 -21.69 21.68
N LEU B 167 -1.51 -21.28 20.75
CA LEU B 167 -2.94 -21.49 20.85
C LEU B 167 -3.21 -22.94 20.55
N TYR B 168 -3.12 -23.38 19.30
CA TYR B 168 -3.56 -24.72 18.91
C TYR B 168 -2.41 -25.71 19.03
N LYS B 169 -2.03 -26.04 20.26
CA LYS B 169 -0.87 -26.90 20.49
C LYS B 169 -1.08 -28.34 20.02
N TYR B 170 -2.31 -28.83 20.10
CA TYR B 170 -2.64 -30.25 19.95
C TYR B 170 -3.20 -30.51 18.54
N PHE B 171 -2.72 -29.74 17.56
CA PHE B 171 -3.35 -29.69 16.26
C PHE B 171 -2.39 -30.19 15.19
N LEU B 172 -2.45 -31.49 14.94
CA LEU B 172 -1.81 -32.09 13.78
C LEU B 172 -2.70 -31.96 12.56
N ARG B 173 -2.08 -32.24 11.42
CA ARG B 173 -2.79 -32.31 10.16
C ARG B 173 -1.86 -32.82 9.08
N VAL B 174 -2.49 -33.58 8.18
CA VAL B 174 -1.87 -34.21 7.03
C VAL B 174 -2.14 -33.42 5.73
N VAL B 175 -2.55 -32.16 5.90
CA VAL B 175 -2.62 -31.16 4.85
C VAL B 175 -1.67 -30.00 5.16
N PRO B 176 -1.21 -29.34 4.10
CA PRO B 176 -0.43 -28.12 4.25
C PRO B 176 -1.30 -26.92 4.63
N SER B 177 -0.73 -26.01 5.43
CA SER B 177 -1.24 -24.65 5.61
C SER B 177 -1.37 -23.93 4.26
N ASP B 178 -2.27 -22.95 4.16
CA ASP B 178 -2.36 -22.06 2.99
C ASP B 178 -1.09 -21.22 2.72
N THR B 179 -0.14 -21.18 3.66
CA THR B 179 1.24 -20.74 3.40
C THR B 179 1.92 -21.53 2.27
N LEU B 180 1.55 -22.81 2.07
CA LEU B 180 2.14 -23.62 1.00
C LEU B 180 1.46 -23.37 -0.36
N GLN B 181 0.17 -22.99 -0.38
CA GLN B 181 -0.46 -22.43 -1.58
C GLN B 181 0.14 -21.09 -1.96
N ALA B 182 0.45 -20.28 -0.93
CA ALA B 182 1.18 -19.04 -1.08
C ALA B 182 2.54 -19.27 -1.76
N ARG B 183 3.27 -20.29 -1.27
CA ARG B 183 4.52 -20.70 -1.88
C ARG B 183 4.36 -21.18 -3.33
N ALA B 184 3.37 -22.05 -3.58
CA ALA B 184 3.11 -22.64 -4.90
C ALA B 184 2.71 -21.62 -5.96
N MET B 185 1.92 -20.62 -5.59
CA MET B 185 1.48 -19.60 -6.53
C MET B 185 2.58 -18.59 -6.80
N LEU B 186 3.49 -18.40 -5.82
CA LEU B 186 4.73 -17.72 -6.10
C LEU B 186 5.61 -18.47 -7.07
N ASP B 187 5.70 -19.79 -6.88
CA ASP B 187 6.43 -20.64 -7.79
C ASP B 187 5.92 -20.56 -9.22
N ILE B 188 4.60 -20.49 -9.44
CA ILE B 188 4.06 -20.39 -10.79
C ILE B 188 4.33 -19.02 -11.43
N VAL B 189 3.96 -17.94 -10.74
CA VAL B 189 4.16 -16.58 -11.26
C VAL B 189 5.65 -16.24 -11.45
N LYS B 190 6.54 -16.80 -10.62
CA LYS B 190 7.99 -16.67 -10.78
C LYS B 190 8.52 -17.56 -11.92
N ARG B 191 8.06 -18.82 -11.95
CA ARG B 191 8.46 -19.79 -12.97
C ARG B 191 7.98 -19.44 -14.40
N TYR B 192 7.21 -18.35 -14.55
CA TYR B 192 6.95 -17.76 -15.86
C TYR B 192 7.52 -16.35 -16.02
N ASN B 193 8.37 -15.90 -15.07
CA ASN B 193 8.90 -14.54 -14.96
C ASN B 193 7.79 -13.48 -15.10
N TRP B 194 6.63 -13.78 -14.52
CA TRP B 194 5.62 -12.78 -14.24
C TRP B 194 6.03 -12.12 -12.94
N THR B 195 5.85 -10.81 -12.90
CA THR B 195 6.32 -10.02 -11.77
C THR B 195 5.32 -8.94 -11.38
N TYR B 196 4.32 -8.64 -12.23
CA TYR B 196 3.39 -7.54 -12.00
C TYR B 196 1.95 -8.04 -11.92
N VAL B 197 1.71 -8.89 -10.92
CA VAL B 197 0.45 -9.59 -10.83
C VAL B 197 -0.43 -8.90 -9.77
N SER B 198 -1.58 -8.36 -10.21
CA SER B 198 -2.58 -7.77 -9.31
C SER B 198 -3.24 -8.85 -8.46
N ALA B 199 -3.55 -8.54 -7.20
CA ALA B 199 -3.97 -9.53 -6.23
C ALA B 199 -5.41 -9.30 -5.82
N VAL B 200 -6.19 -10.38 -5.77
CA VAL B 200 -7.58 -10.37 -5.32
C VAL B 200 -7.71 -11.50 -4.30
N HIS B 201 -8.73 -11.43 -3.45
CA HIS B 201 -9.01 -12.49 -2.50
C HIS B 201 -10.42 -12.33 -1.98
N THR B 202 -11.01 -13.50 -1.67
CA THR B 202 -12.17 -13.55 -0.80
C THR B 202 -11.76 -13.17 0.63
N GLU B 203 -12.64 -12.50 1.38
CA GLU B 203 -12.34 -12.11 2.75
C GLU B 203 -12.61 -13.25 3.74
N GLY B 204 -11.71 -13.38 4.72
CA GLY B 204 -11.90 -14.28 5.83
C GLY B 204 -10.55 -14.87 6.23
N ASN B 205 -10.58 -15.74 7.25
CA ASN B 205 -9.43 -16.47 7.76
C ASN B 205 -8.71 -17.23 6.63
N TYR B 206 -9.46 -17.94 5.78
CA TYR B 206 -8.93 -18.53 4.56
C TYR B 206 -8.25 -17.51 3.63
N GLY B 207 -9.06 -16.61 3.06
CA GLY B 207 -8.67 -15.87 1.87
C GLY B 207 -7.72 -14.72 2.23
N GLU B 208 -8.00 -13.94 3.29
CA GLU B 208 -7.09 -12.91 3.78
C GLU B 208 -5.80 -13.49 4.35
N SER B 209 -5.85 -14.51 5.23
CA SER B 209 -4.61 -15.03 5.83
C SER B 209 -3.67 -15.57 4.76
N GLY B 210 -4.20 -16.47 3.91
CA GLY B 210 -3.54 -17.05 2.76
C GLY B 210 -2.91 -16.00 1.82
N MET B 211 -3.72 -15.01 1.40
CA MET B 211 -3.27 -13.95 0.50
C MET B 211 -2.23 -13.03 1.14
N ASP B 212 -2.40 -12.66 2.41
CA ASP B 212 -1.40 -11.87 3.16
C ASP B 212 -0.04 -12.55 3.25
N ALA B 213 -0.02 -13.86 3.56
CA ALA B 213 1.20 -14.66 3.58
C ALA B 213 1.87 -14.72 2.20
N PHE B 214 1.08 -14.99 1.16
CA PHE B 214 1.53 -14.91 -0.24
C PHE B 214 2.11 -13.55 -0.61
N LYS B 215 1.43 -12.48 -0.17
CA LYS B 215 1.75 -11.11 -0.54
C LYS B 215 3.13 -10.68 -0.03
N GLU B 216 3.40 -10.96 1.26
CA GLU B 216 4.69 -10.63 1.86
C GLU B 216 5.80 -11.52 1.27
N LEU B 217 5.52 -12.81 1.07
CA LEU B 217 6.43 -13.74 0.43
C LEU B 217 6.81 -13.26 -0.99
N ALA B 218 5.80 -12.77 -1.73
CA ALA B 218 5.93 -12.19 -3.06
C ALA B 218 6.79 -10.93 -3.07
N ALA B 219 6.54 -10.03 -2.12
CA ALA B 219 7.34 -8.84 -1.89
C ALA B 219 8.84 -9.16 -1.76
N GLN B 220 9.21 -10.01 -0.77
CA GLN B 220 10.62 -10.36 -0.53
C GLN B 220 11.28 -11.09 -1.71
N GLU B 221 10.51 -11.93 -2.41
CA GLU B 221 10.98 -12.70 -3.57
C GLU B 221 11.29 -11.84 -4.80
N GLY B 222 10.71 -10.63 -4.88
CA GLY B 222 10.91 -9.71 -6.00
C GLY B 222 9.71 -9.77 -6.96
N LEU B 223 8.49 -9.87 -6.41
CA LEU B 223 7.24 -9.73 -7.15
C LEU B 223 6.61 -8.36 -6.84
N CYS B 224 5.43 -8.13 -7.43
CA CYS B 224 4.73 -6.86 -7.35
C CYS B 224 3.23 -7.07 -7.53
N ILE B 225 2.50 -5.98 -7.29
CA ILE B 225 1.05 -5.90 -7.33
C ILE B 225 0.62 -4.54 -7.90
N ALA B 226 -0.68 -4.41 -8.16
CA ALA B 226 -1.30 -3.11 -8.47
C ALA B 226 -2.46 -2.80 -7.53
N HIS B 227 -3.36 -3.77 -7.29
CA HIS B 227 -4.39 -3.66 -6.27
C HIS B 227 -4.48 -4.96 -5.48
N SER B 228 -5.07 -4.85 -4.28
CA SER B 228 -5.29 -5.92 -3.33
C SER B 228 -6.77 -5.91 -2.93
N ASP B 229 -7.61 -6.46 -3.83
CA ASP B 229 -9.06 -6.48 -3.68
C ASP B 229 -9.51 -7.49 -2.63
N LYS B 230 -10.28 -6.96 -1.68
CA LYS B 230 -10.92 -7.73 -0.64
C LYS B 230 -12.41 -7.83 -1.01
N ILE B 231 -12.70 -8.64 -2.03
CA ILE B 231 -14.05 -8.93 -2.45
C ILE B 231 -14.67 -9.95 -1.50
N TYR B 232 -15.98 -9.85 -1.24
CA TYR B 232 -16.68 -10.85 -0.44
C TYR B 232 -17.28 -11.93 -1.31
N SER B 233 -17.49 -13.09 -0.68
CA SER B 233 -18.28 -14.20 -1.19
C SER B 233 -19.78 -13.88 -1.38
N ASN B 234 -20.26 -12.79 -0.77
CA ASN B 234 -21.66 -12.38 -0.83
C ASN B 234 -21.88 -11.08 -1.61
N ALA B 235 -20.81 -10.45 -2.11
CA ALA B 235 -20.87 -9.09 -2.64
C ALA B 235 -21.82 -8.99 -3.86
N GLY B 236 -22.35 -7.79 -4.07
CA GLY B 236 -23.26 -7.53 -5.20
C GLY B 236 -22.47 -7.59 -6.51
N GLU B 237 -23.20 -7.82 -7.61
CA GLU B 237 -22.69 -7.82 -8.98
C GLU B 237 -21.94 -6.52 -9.30
N LYS B 238 -22.47 -5.38 -8.83
CA LYS B 238 -21.79 -4.10 -8.92
C LYS B 238 -20.44 -4.05 -8.17
N SER B 239 -20.26 -4.86 -7.11
CA SER B 239 -19.05 -4.91 -6.30
C SER B 239 -17.92 -5.59 -7.08
N PHE B 240 -18.16 -6.81 -7.60
CA PHE B 240 -17.24 -7.49 -8.51
C PHE B 240 -16.95 -6.65 -9.76
N ASP B 241 -17.99 -5.99 -10.29
CA ASP B 241 -17.93 -5.06 -11.41
C ASP B 241 -16.92 -3.93 -11.16
N ARG B 242 -17.01 -3.30 -9.98
CA ARG B 242 -16.18 -2.16 -9.63
C ARG B 242 -14.74 -2.56 -9.25
N LEU B 243 -14.56 -3.75 -8.63
CA LEU B 243 -13.23 -4.29 -8.36
C LEU B 243 -12.52 -4.68 -9.66
N LEU B 244 -13.24 -5.40 -10.52
CA LEU B 244 -12.86 -5.65 -11.90
C LEU B 244 -12.62 -4.37 -12.72
N ARG B 245 -13.33 -3.28 -12.39
CA ARG B 245 -13.15 -2.00 -13.05
C ARG B 245 -11.82 -1.33 -12.70
N LYS B 246 -11.39 -1.42 -11.43
CA LYS B 246 -10.09 -0.90 -11.02
C LYS B 246 -8.96 -1.76 -11.60
N LEU B 247 -9.15 -3.09 -11.60
CA LEU B 247 -8.37 -4.06 -12.36
C LEU B 247 -8.27 -3.68 -13.85
N ARG B 248 -9.40 -3.28 -14.44
CA ARG B 248 -9.55 -2.93 -15.84
C ARG B 248 -8.82 -1.64 -16.22
N GLU B 249 -8.91 -0.60 -15.38
CA GLU B 249 -8.11 0.61 -15.54
C GLU B 249 -6.61 0.28 -15.51
N ARG B 250 -6.24 -0.70 -14.67
CA ARG B 250 -4.87 -1.18 -14.63
C ARG B 250 -4.47 -2.08 -15.82
N LEU B 251 -5.45 -2.71 -16.49
CA LEU B 251 -5.27 -3.73 -17.51
C LEU B 251 -4.34 -3.41 -18.71
N PRO B 252 -4.16 -2.15 -19.17
CA PRO B 252 -3.12 -1.84 -20.19
C PRO B 252 -1.68 -2.23 -19.82
N LYS B 253 -1.37 -2.18 -18.51
CA LYS B 253 -0.11 -2.66 -17.95
C LYS B 253 -0.19 -4.17 -17.65
N ALA B 254 -0.97 -4.50 -16.60
CA ALA B 254 -1.04 -5.83 -16.00
C ALA B 254 -1.94 -6.77 -16.80
N ARG B 255 -1.56 -8.04 -16.87
CA ARG B 255 -2.34 -9.08 -17.55
C ARG B 255 -2.53 -10.32 -16.68
N VAL B 256 -2.09 -10.29 -15.42
CA VAL B 256 -2.17 -11.47 -14.57
C VAL B 256 -2.80 -11.02 -13.25
N VAL B 257 -3.72 -11.85 -12.73
CA VAL B 257 -4.47 -11.53 -11.54
C VAL B 257 -4.43 -12.74 -10.59
N VAL B 258 -3.45 -12.75 -9.67
CA VAL B 258 -3.43 -13.71 -8.57
C VAL B 258 -4.68 -13.54 -7.70
N CYS B 259 -5.24 -14.67 -7.27
CA CYS B 259 -6.49 -14.71 -6.54
C CYS B 259 -6.33 -15.71 -5.40
N PHE B 260 -6.78 -15.37 -4.19
CA PHE B 260 -7.14 -16.38 -3.19
C PHE B 260 -8.66 -16.44 -3.07
N CYS B 261 -9.31 -16.42 -4.24
CA CYS B 261 -10.76 -16.37 -4.33
C CYS B 261 -11.33 -17.78 -4.22
N GLU B 262 -12.56 -17.85 -3.72
CA GLU B 262 -13.33 -19.07 -3.54
C GLU B 262 -14.27 -19.29 -4.73
N GLY B 263 -14.93 -20.46 -4.72
CA GLY B 263 -15.93 -20.93 -5.66
C GLY B 263 -16.86 -19.83 -6.18
N MET B 264 -17.79 -19.37 -5.34
CA MET B 264 -18.72 -18.28 -5.65
C MET B 264 -18.05 -16.92 -5.91
N THR B 265 -16.81 -16.70 -5.43
CA THR B 265 -16.15 -15.42 -5.58
C THR B 265 -15.45 -15.27 -6.93
N VAL B 266 -14.67 -16.28 -7.37
CA VAL B 266 -14.17 -16.33 -8.74
C VAL B 266 -15.33 -16.38 -9.74
N ARG B 267 -16.46 -16.98 -9.34
CA ARG B 267 -17.70 -16.97 -10.07
C ARG B 267 -18.23 -15.56 -10.31
N GLY B 268 -18.43 -14.80 -9.22
CA GLY B 268 -18.96 -13.45 -9.26
C GLY B 268 -18.04 -12.49 -10.01
N LEU B 269 -16.71 -12.67 -9.87
CA LEU B 269 -15.71 -11.94 -10.66
C LEU B 269 -15.84 -12.22 -12.15
N LEU B 270 -16.00 -13.51 -12.48
CA LEU B 270 -16.32 -13.96 -13.83
C LEU B 270 -17.64 -13.39 -14.35
N SER B 271 -18.68 -13.28 -13.50
CA SER B 271 -19.99 -12.70 -13.83
C SER B 271 -19.90 -11.21 -14.22
N ALA B 272 -19.05 -10.46 -13.51
CA ALA B 272 -18.65 -9.11 -13.90
C ALA B 272 -17.88 -9.07 -15.23
N MET B 273 -16.97 -10.04 -15.46
CA MET B 273 -16.25 -10.20 -16.73
C MET B 273 -17.17 -10.36 -17.94
N ARG B 274 -18.23 -11.19 -17.80
CA ARG B 274 -19.31 -11.31 -18.80
C ARG B 274 -19.95 -9.96 -19.10
N ARG B 275 -20.45 -9.28 -18.05
CA ARG B 275 -21.13 -7.99 -18.16
C ARG B 275 -20.30 -6.90 -18.82
N LEU B 276 -18.99 -7.12 -18.93
CA LEU B 276 -18.08 -6.21 -19.62
C LEU B 276 -17.64 -6.73 -21.00
N GLY B 277 -17.78 -8.03 -21.28
CA GLY B 277 -17.36 -8.66 -22.53
C GLY B 277 -15.85 -8.91 -22.54
N VAL B 278 -15.26 -9.24 -21.37
CA VAL B 278 -13.82 -9.39 -21.15
C VAL B 278 -13.54 -10.86 -20.77
N VAL B 279 -13.95 -11.76 -21.68
CA VAL B 279 -13.97 -13.20 -21.44
C VAL B 279 -12.59 -13.87 -21.25
N GLY B 280 -11.53 -13.45 -21.94
CA GLY B 280 -10.28 -14.22 -22.01
C GLY B 280 -9.00 -13.37 -21.92
N GLU B 281 -9.01 -12.25 -21.17
CA GLU B 281 -8.01 -11.18 -21.33
C GLU B 281 -6.83 -11.26 -20.36
N PHE B 282 -7.09 -11.23 -19.05
CA PHE B 282 -6.06 -11.43 -18.04
C PHE B 282 -6.04 -12.89 -17.58
N SER B 283 -4.82 -13.43 -17.41
CA SER B 283 -4.60 -14.76 -16.87
C SER B 283 -4.81 -14.72 -15.36
N LEU B 284 -6.06 -14.89 -14.92
CA LEU B 284 -6.37 -15.11 -13.51
C LEU B 284 -5.66 -16.39 -13.03
N ILE B 285 -5.16 -16.38 -11.80
CA ILE B 285 -4.35 -17.48 -11.29
C ILE B 285 -4.66 -17.63 -9.81
N GLY B 286 -5.62 -18.51 -9.52
CA GLY B 286 -6.18 -18.61 -8.20
C GLY B 286 -5.71 -19.86 -7.47
N SER B 287 -5.90 -19.85 -6.15
CA SER B 287 -5.70 -20.99 -5.27
C SER B 287 -6.80 -22.06 -5.47
N ASP B 288 -6.78 -23.10 -4.62
CA ASP B 288 -7.66 -24.27 -4.74
C ASP B 288 -9.14 -23.99 -4.41
N GLY B 289 -9.51 -22.74 -4.13
CA GLY B 289 -10.90 -22.32 -4.04
C GLY B 289 -11.67 -22.69 -5.31
N TRP B 290 -10.95 -22.83 -6.46
CA TRP B 290 -11.53 -23.23 -7.72
C TRP B 290 -10.59 -24.09 -8.58
N ALA B 291 -9.97 -25.11 -7.97
CA ALA B 291 -9.19 -26.08 -8.74
C ALA B 291 -10.09 -27.06 -9.49
N ASP B 292 -10.76 -27.93 -8.73
CA ASP B 292 -11.75 -28.87 -9.22
C ASP B 292 -13.17 -28.42 -8.96
N ARG B 293 -13.36 -27.16 -8.49
CA ARG B 293 -14.66 -26.54 -8.56
C ARG B 293 -14.97 -26.21 -10.01
N ASP B 294 -15.70 -27.13 -10.65
CA ASP B 294 -16.30 -26.94 -11.95
C ASP B 294 -17.54 -26.03 -11.84
N GLU B 295 -18.13 -25.91 -10.65
CA GLU B 295 -19.26 -25.01 -10.41
C GLU B 295 -18.93 -23.54 -10.74
N VAL B 296 -17.66 -23.13 -10.54
CA VAL B 296 -17.18 -21.77 -10.81
C VAL B 296 -17.25 -21.36 -12.28
N ILE B 297 -17.45 -22.37 -13.14
CA ILE B 297 -17.49 -22.24 -14.57
C ILE B 297 -18.72 -22.96 -15.15
N GLU B 298 -19.64 -23.46 -14.29
CA GLU B 298 -20.82 -24.20 -14.75
C GLU B 298 -21.74 -23.31 -15.58
N GLY B 299 -21.94 -23.72 -16.85
CA GLY B 299 -22.64 -22.93 -17.87
C GLY B 299 -21.89 -21.63 -18.21
N TYR B 300 -20.56 -21.59 -18.01
CA TYR B 300 -19.77 -20.36 -17.97
C TYR B 300 -18.36 -20.52 -18.57
N GLU B 301 -17.92 -21.76 -18.79
CA GLU B 301 -16.55 -22.20 -19.08
C GLU B 301 -15.73 -21.32 -20.01
N VAL B 302 -16.34 -20.94 -21.15
CA VAL B 302 -15.72 -20.21 -22.24
C VAL B 302 -15.14 -18.83 -21.84
N GLU B 303 -15.42 -18.37 -20.61
CA GLU B 303 -14.96 -17.12 -20.05
C GLU B 303 -13.85 -17.28 -19.00
N ALA B 304 -13.36 -18.50 -18.75
CA ALA B 304 -12.26 -18.75 -17.83
C ALA B 304 -11.13 -19.53 -18.51
N ASN B 305 -10.87 -19.23 -19.80
CA ASN B 305 -9.85 -19.91 -20.59
C ASN B 305 -8.48 -19.27 -20.39
N GLY B 306 -7.58 -20.07 -19.80
CA GLY B 306 -6.19 -19.70 -19.54
C GLY B 306 -5.97 -19.28 -18.09
N GLY B 307 -6.75 -19.87 -17.15
CA GLY B 307 -6.60 -19.62 -15.73
C GLY B 307 -5.84 -20.77 -15.08
N ILE B 308 -4.69 -20.47 -14.47
CA ILE B 308 -3.79 -21.48 -13.93
C ILE B 308 -4.08 -21.64 -12.42
N THR B 309 -5.02 -22.53 -12.13
CA THR B 309 -5.38 -22.87 -10.75
C THR B 309 -4.49 -24.01 -10.21
N ILE B 310 -4.56 -24.26 -8.91
CA ILE B 310 -3.80 -25.31 -8.24
C ILE B 310 -4.69 -25.95 -7.18
N LYS B 311 -4.38 -27.19 -6.79
CA LYS B 311 -4.98 -27.89 -5.66
C LYS B 311 -3.95 -28.68 -4.89
N LEU B 312 -4.46 -29.44 -3.91
CA LEU B 312 -3.71 -30.48 -3.23
C LEU B 312 -3.62 -31.72 -4.12
N GLN B 313 -2.42 -32.27 -4.26
CA GLN B 313 -2.20 -33.60 -4.79
C GLN B 313 -2.71 -34.59 -3.77
N SER B 314 -3.91 -35.09 -4.06
CA SER B 314 -4.39 -36.28 -3.42
C SER B 314 -4.53 -37.29 -4.55
N PRO B 315 -3.91 -38.47 -4.38
CA PRO B 315 -4.36 -39.68 -5.09
C PRO B 315 -5.78 -40.05 -4.70
N GLU B 316 -6.39 -40.95 -5.47
CA GLU B 316 -7.55 -41.67 -4.98
C GLU B 316 -7.09 -42.87 -4.11
N VAL B 317 -8.06 -43.50 -3.45
CA VAL B 317 -7.80 -44.66 -2.60
C VAL B 317 -8.81 -45.75 -2.94
N ARG B 318 -8.28 -46.95 -3.22
CA ARG B 318 -8.98 -47.96 -3.99
C ARG B 318 -9.55 -49.11 -3.18
N SER B 319 -8.82 -49.64 -2.19
CA SER B 319 -9.37 -50.68 -1.31
C SER B 319 -10.59 -50.15 -0.52
N PHE B 320 -10.57 -48.84 -0.23
CA PHE B 320 -11.73 -48.11 0.26
C PHE B 320 -12.92 -48.08 -0.72
N ASP B 321 -12.68 -47.86 -2.04
CA ASP B 321 -13.73 -48.01 -3.07
C ASP B 321 -14.43 -49.35 -3.01
N ASP B 322 -13.63 -50.42 -2.95
CA ASP B 322 -14.16 -51.78 -2.86
C ASP B 322 -14.91 -52.01 -1.55
N TYR B 323 -14.37 -51.55 -0.41
CA TYR B 323 -15.12 -51.63 0.84
C TYR B 323 -16.48 -50.91 0.77
N PHE B 324 -16.49 -49.72 0.17
CA PHE B 324 -17.68 -48.90 0.06
C PHE B 324 -18.75 -49.57 -0.81
N LEU B 325 -18.36 -49.98 -2.02
CA LEU B 325 -19.26 -50.57 -3.00
C LEU B 325 -19.64 -52.04 -2.69
N LYS B 326 -19.05 -52.65 -1.64
CA LYS B 326 -19.54 -53.90 -1.06
C LYS B 326 -20.49 -53.69 0.14
N LEU B 327 -20.72 -52.45 0.58
CA LEU B 327 -21.54 -52.15 1.77
C LEU B 327 -22.99 -52.62 1.60
N ARG B 328 -23.28 -53.78 2.21
CA ARG B 328 -24.61 -54.29 2.31
C ARG B 328 -25.32 -53.57 3.45
N LEU B 329 -26.37 -52.82 3.09
CA LEU B 329 -27.30 -52.17 4.02
C LEU B 329 -27.89 -53.13 5.06
N ASP B 330 -27.98 -54.42 4.70
CA ASP B 330 -28.44 -55.50 5.56
C ASP B 330 -27.36 -55.92 6.59
N THR B 331 -26.09 -56.06 6.15
CA THR B 331 -25.05 -56.70 6.95
C THR B 331 -24.34 -55.77 7.94
N ASN B 332 -24.43 -54.44 7.71
CA ASN B 332 -23.85 -53.45 8.61
C ASN B 332 -24.67 -53.39 9.90
N HIS B 333 -23.98 -53.43 11.05
CA HIS B 333 -24.57 -53.18 12.37
C HIS B 333 -23.67 -52.29 13.25
N ARG B 334 -22.81 -51.47 12.64
CA ARG B 334 -21.88 -50.60 13.37
C ARG B 334 -21.90 -49.16 12.85
N ASN B 335 -22.99 -48.74 12.19
CA ASN B 335 -23.04 -47.43 11.56
C ASN B 335 -24.49 -46.96 11.39
N PRO B 336 -25.03 -46.16 12.34
CA PRO B 336 -26.15 -45.27 12.02
C PRO B 336 -25.73 -44.19 11.02
N TRP B 337 -26.69 -43.59 10.32
CA TRP B 337 -26.50 -42.77 9.11
C TRP B 337 -26.00 -43.56 7.91
N PHE B 338 -26.13 -44.89 7.88
CA PHE B 338 -26.01 -45.59 6.62
C PHE B 338 -27.35 -45.65 5.92
N GLN B 339 -28.37 -46.02 6.69
CA GLN B 339 -29.79 -46.06 6.42
C GLN B 339 -30.22 -44.75 5.74
N GLU B 340 -29.91 -43.60 6.38
CA GLU B 340 -30.13 -42.28 5.82
C GLU B 340 -29.26 -41.96 4.61
N PHE B 341 -28.03 -42.49 4.55
CA PHE B 341 -27.23 -42.40 3.34
C PHE B 341 -27.93 -43.02 2.13
N TRP B 342 -28.48 -44.23 2.33
CA TRP B 342 -29.28 -44.92 1.34
C TRP B 342 -30.53 -44.13 0.97
N GLN B 343 -31.42 -43.93 1.96
CA GLN B 343 -32.72 -43.27 1.82
C GLN B 343 -32.67 -41.84 1.29
N HIS B 344 -31.49 -41.21 1.34
CA HIS B 344 -31.24 -39.93 0.72
C HIS B 344 -30.57 -40.05 -0.65
N ARG B 345 -29.80 -41.11 -0.91
CA ARG B 345 -29.16 -41.32 -2.21
C ARG B 345 -30.12 -41.96 -3.23
N PHE B 346 -31.00 -42.85 -2.75
CA PHE B 346 -31.93 -43.64 -3.56
C PHE B 346 -33.40 -43.35 -3.23
N GLN B 347 -33.66 -42.31 -2.41
CA GLN B 347 -34.97 -41.67 -2.25
C GLN B 347 -36.13 -42.61 -1.85
N CYS B 348 -35.79 -43.73 -1.21
CA CYS B 348 -36.72 -44.83 -1.00
C CYS B 348 -36.84 -45.06 0.50
N ARG B 349 -38.07 -45.17 0.99
CA ARG B 349 -38.31 -45.49 2.38
C ARG B 349 -38.37 -47.01 2.51
N LEU B 350 -37.40 -47.55 3.25
CA LEU B 350 -37.32 -48.96 3.56
C LEU B 350 -38.41 -49.26 4.60
N GLU B 351 -39.58 -49.72 4.12
CA GLU B 351 -40.77 -49.93 4.95
C GLU B 351 -40.54 -50.86 6.14
N GLY B 352 -39.78 -51.93 5.92
CA GLY B 352 -39.52 -52.87 6.99
C GLY B 352 -38.39 -52.43 7.88
N PHE B 353 -37.35 -51.82 7.31
CA PHE B 353 -36.19 -51.37 8.07
C PHE B 353 -36.56 -50.25 9.06
N PRO B 354 -35.83 -50.20 10.18
CA PRO B 354 -36.04 -49.16 11.19
C PRO B 354 -35.48 -47.81 10.70
N GLN B 355 -35.94 -46.72 11.33
CA GLN B 355 -35.61 -45.33 10.99
C GLN B 355 -35.97 -45.00 9.55
N GLU B 356 -37.12 -45.54 9.12
CA GLU B 356 -37.67 -45.28 7.81
C GLU B 356 -38.04 -43.82 7.67
N ASN B 357 -37.73 -43.30 6.49
CA ASN B 357 -37.98 -41.92 6.15
C ASN B 357 -39.34 -41.87 5.49
N SER B 358 -40.40 -41.84 6.32
CA SER B 358 -41.79 -41.74 5.89
C SER B 358 -42.14 -40.50 5.05
N ASN B 359 -41.14 -39.63 4.85
CA ASN B 359 -41.17 -38.38 4.12
C ASN B 359 -40.61 -38.54 2.69
N PHE B 360 -40.13 -39.73 2.31
CA PHE B 360 -39.72 -40.08 0.94
C PHE B 360 -40.70 -41.07 0.32
N LYS B 361 -41.02 -40.84 -0.96
CA LYS B 361 -42.13 -41.47 -1.65
C LYS B 361 -41.66 -42.51 -2.68
N ARG B 362 -41.46 -43.73 -2.18
CA ARG B 362 -41.46 -44.97 -2.93
C ARG B 362 -41.27 -46.09 -1.91
N ILE B 363 -40.83 -47.27 -2.37
CA ILE B 363 -40.32 -48.32 -1.51
C ILE B 363 -39.00 -48.79 -2.14
N CYS B 364 -38.09 -49.27 -1.28
CA CYS B 364 -36.79 -49.75 -1.72
C CYS B 364 -36.92 -51.15 -2.33
N THR B 365 -36.59 -51.22 -3.62
CA THR B 365 -36.37 -52.49 -4.30
C THR B 365 -35.09 -53.16 -3.74
N GLY B 366 -34.91 -54.46 -4.02
CA GLY B 366 -33.77 -55.22 -3.50
C GLY B 366 -32.46 -54.89 -4.25
N ASN B 367 -32.56 -54.32 -5.46
CA ASN B 367 -31.47 -54.09 -6.40
C ASN B 367 -31.24 -52.59 -6.61
N GLU B 368 -30.64 -51.95 -5.61
CA GLU B 368 -29.86 -50.72 -5.83
C GLU B 368 -28.50 -50.96 -5.21
N SER B 369 -27.49 -50.30 -5.79
CA SER B 369 -26.15 -50.29 -5.23
C SER B 369 -25.42 -49.04 -5.67
N LEU B 370 -24.44 -48.67 -4.84
CA LEU B 370 -23.70 -47.42 -4.86
C LEU B 370 -22.82 -47.23 -6.11
N GLU B 371 -22.65 -48.26 -6.96
CA GLU B 371 -21.86 -48.20 -8.20
C GLU B 371 -22.17 -46.97 -9.07
N GLU B 372 -23.46 -46.57 -9.09
CA GLU B 372 -23.96 -45.40 -9.81
C GLU B 372 -23.51 -44.10 -9.12
N ASN B 373 -23.14 -43.10 -9.94
CA ASN B 373 -22.78 -41.73 -9.53
C ASN B 373 -21.83 -41.68 -8.32
N TYR B 374 -20.78 -42.51 -8.36
CA TYR B 374 -19.82 -42.58 -7.27
C TYR B 374 -18.65 -41.65 -7.57
N VAL B 375 -18.30 -40.82 -6.57
CA VAL B 375 -17.11 -39.98 -6.62
C VAL B 375 -16.46 -40.07 -5.24
N GLN B 376 -15.40 -40.90 -5.16
CA GLN B 376 -14.47 -40.87 -4.04
C GLN B 376 -13.85 -39.47 -3.93
N ASP B 377 -14.00 -38.85 -2.76
CA ASP B 377 -13.58 -37.48 -2.50
C ASP B 377 -12.06 -37.33 -2.47
N SER B 378 -11.56 -36.16 -2.88
CA SER B 378 -10.15 -35.77 -2.78
C SER B 378 -9.61 -35.72 -1.34
N LYS B 379 -10.45 -35.37 -0.35
CA LYS B 379 -10.06 -35.37 1.06
C LYS B 379 -10.06 -36.76 1.72
N MET B 380 -10.22 -37.83 0.95
CA MET B 380 -10.30 -39.19 1.46
C MET B 380 -8.94 -39.83 1.73
N GLY B 381 -7.97 -39.61 0.83
CA GLY B 381 -6.57 -40.01 1.04
C GLY B 381 -6.05 -39.42 2.34
N PHE B 382 -6.40 -38.15 2.60
CA PHE B 382 -6.08 -37.43 3.83
C PHE B 382 -6.76 -37.98 5.09
N VAL B 383 -8.02 -38.40 5.00
CA VAL B 383 -8.70 -38.99 6.15
C VAL B 383 -8.02 -40.29 6.59
N ILE B 384 -7.63 -41.12 5.62
CA ILE B 384 -7.01 -42.41 5.92
C ILE B 384 -5.53 -42.26 6.33
N ASN B 385 -4.82 -41.27 5.76
CA ASN B 385 -3.51 -40.80 6.24
C ASN B 385 -3.56 -40.36 7.71
N ALA B 386 -4.58 -39.59 8.10
CA ALA B 386 -4.75 -39.11 9.47
C ALA B 386 -5.05 -40.23 10.45
N ILE B 387 -5.97 -41.14 10.09
CA ILE B 387 -6.30 -42.30 10.94
C ILE B 387 -5.06 -43.21 11.16
N TYR B 388 -4.21 -43.28 10.14
CA TYR B 388 -2.88 -43.85 10.28
C TYR B 388 -1.93 -43.09 11.18
N ALA B 389 -1.73 -41.79 10.95
CA ALA B 389 -0.84 -40.96 11.76
C ALA B 389 -1.14 -41.04 13.26
N MET B 390 -2.43 -41.24 13.61
CA MET B 390 -2.83 -41.60 14.97
C MET B 390 -2.43 -43.02 15.36
N ALA B 391 -2.77 -44.04 14.56
CA ALA B 391 -2.43 -45.43 14.85
C ALA B 391 -0.92 -45.69 14.97
N HIS B 392 -0.12 -44.96 14.18
CA HIS B 392 1.33 -44.95 14.28
C HIS B 392 1.84 -44.08 15.43
N GLY B 393 1.05 -43.08 15.89
CA GLY B 393 1.33 -42.31 17.09
C GLY B 393 1.18 -43.21 18.33
N LEU B 394 0.07 -43.95 18.44
CA LEU B 394 -0.20 -44.90 19.52
C LEU B 394 0.79 -46.07 19.51
N GLN B 395 1.15 -46.55 18.31
CA GLN B 395 2.21 -47.55 18.10
C GLN B 395 3.59 -47.05 18.55
N ASN B 396 4.07 -45.96 17.96
CA ASN B 396 5.39 -45.39 18.25
C ASN B 396 5.53 -45.07 19.75
N MET B 397 4.46 -44.53 20.36
CA MET B 397 4.35 -44.38 21.80
C MET B 397 4.52 -45.70 22.55
N HIS B 398 3.85 -46.76 22.08
CA HIS B 398 3.94 -48.08 22.68
C HIS B 398 5.34 -48.71 22.60
N HIS B 399 5.95 -48.65 21.41
CA HIS B 399 7.31 -49.10 21.15
C HIS B 399 8.36 -48.39 22.03
N ALA B 400 8.11 -47.13 22.40
CA ALA B 400 9.04 -46.30 23.17
C ALA B 400 8.65 -46.08 24.64
N LEU B 401 7.46 -46.53 25.11
CA LEU B 401 7.00 -46.33 26.49
C LEU B 401 6.33 -47.57 27.13
N CYS B 402 6.35 -48.73 26.48
CA CYS B 402 5.97 -50.00 27.13
C CYS B 402 6.92 -51.12 26.68
N PRO B 403 8.26 -50.91 26.80
CA PRO B 403 9.23 -51.81 26.16
C PRO B 403 9.25 -53.19 26.81
N GLY B 404 9.44 -54.21 25.97
CA GLY B 404 9.47 -55.61 26.39
C GLY B 404 8.06 -56.21 26.50
N HIS B 405 7.03 -55.42 26.80
CA HIS B 405 5.63 -55.86 26.85
C HIS B 405 4.93 -55.55 25.52
N VAL B 406 4.06 -56.47 25.11
CA VAL B 406 3.23 -56.39 23.92
C VAL B 406 1.82 -55.88 24.28
N GLY B 407 1.39 -54.84 23.56
CA GLY B 407 0.11 -54.17 23.81
C GLY B 407 0.08 -53.50 25.18
N LEU B 408 -1.12 -53.08 25.62
CA LEU B 408 -1.33 -52.22 26.79
C LEU B 408 -0.53 -52.67 28.02
N CYS B 409 0.39 -51.81 28.47
CA CYS B 409 1.02 -51.96 29.77
C CYS B 409 0.35 -50.94 30.71
N ASP B 410 0.77 -50.90 31.98
CA ASP B 410 0.19 -50.00 32.98
C ASP B 410 0.51 -48.53 32.68
N ALA B 411 1.77 -48.25 32.28
CA ALA B 411 2.12 -47.05 31.53
C ALA B 411 1.33 -47.08 30.23
N MET B 412 0.73 -45.95 29.85
CA MET B 412 -0.25 -45.93 28.77
C MET B 412 -1.56 -46.66 29.16
N LYS B 413 -2.01 -46.52 30.41
CA LYS B 413 -3.30 -47.05 30.87
C LYS B 413 -3.74 -46.36 32.18
N PRO B 414 -4.52 -45.25 32.11
CA PRO B 414 -4.95 -44.52 30.90
C PRO B 414 -3.80 -43.91 30.10
N ILE B 415 -3.92 -44.09 28.77
CA ILE B 415 -3.04 -43.49 27.78
C ILE B 415 -3.01 -41.96 27.90
N ASP B 416 -1.83 -41.44 28.31
CA ASP B 416 -1.56 -40.00 28.38
C ASP B 416 -1.70 -39.37 26.98
N GLY B 417 -2.04 -38.08 26.95
CA GLY B 417 -2.25 -37.33 25.72
C GLY B 417 -1.04 -36.48 25.33
N SER B 418 -0.33 -35.87 26.30
CA SER B 418 0.81 -34.99 26.05
C SER B 418 2.03 -35.74 25.49
N LYS B 419 2.35 -36.89 26.10
CA LYS B 419 3.40 -37.80 25.63
C LYS B 419 3.03 -38.43 24.30
N LEU B 420 1.74 -38.75 24.10
CA LEU B 420 1.21 -39.20 22.83
C LEU B 420 1.43 -38.16 21.74
N LEU B 421 1.14 -36.88 22.00
CA LEU B 421 1.46 -35.79 21.09
C LEU B 421 2.94 -35.74 20.73
N ASP B 422 3.83 -36.02 21.70
CA ASP B 422 5.27 -36.15 21.49
C ASP B 422 5.60 -37.19 20.42
N PHE B 423 5.19 -38.45 20.60
CA PHE B 423 5.48 -39.51 19.63
C PHE B 423 4.77 -39.29 18.30
N LEU B 424 3.47 -39.00 18.35
CA LEU B 424 2.59 -38.68 17.21
C LEU B 424 3.14 -37.59 16.28
N ILE B 425 3.85 -36.59 16.81
CA ILE B 425 4.51 -35.58 15.98
C ILE B 425 5.92 -36.01 15.52
N LYS B 426 6.60 -36.89 16.27
CA LYS B 426 7.91 -37.46 15.91
C LYS B 426 7.82 -38.78 15.12
N SER B 427 6.63 -39.14 14.61
CA SER B 427 6.40 -40.38 13.89
C SER B 427 6.21 -40.07 12.40
N SER B 428 7.28 -40.30 11.61
CA SER B 428 7.18 -40.44 10.16
C SER B 428 6.44 -41.73 9.81
N PHE B 429 5.95 -41.80 8.57
CA PHE B 429 5.11 -42.90 8.13
C PHE B 429 5.04 -42.89 6.61
N ILE B 430 4.45 -43.96 6.07
CA ILE B 430 4.02 -44.07 4.68
C ILE B 430 2.51 -44.37 4.71
N GLY B 431 1.75 -43.69 3.87
CA GLY B 431 0.31 -43.53 3.91
C GLY B 431 -0.41 -44.74 3.34
N VAL B 432 -1.49 -44.48 2.60
CA VAL B 432 -2.17 -45.47 1.78
C VAL B 432 -1.67 -45.43 0.33
N SER B 433 -1.52 -44.21 -0.21
CA SER B 433 -1.13 -43.94 -1.59
C SER B 433 0.39 -43.98 -1.78
N GLY B 434 1.10 -44.71 -0.90
CA GLY B 434 2.55 -44.86 -0.89
C GLY B 434 3.29 -43.56 -0.54
N GLU B 435 2.57 -42.47 -0.27
CA GLU B 435 3.13 -41.17 0.12
C GLU B 435 3.40 -41.13 1.61
N GLU B 436 4.31 -40.26 2.03
CA GLU B 436 4.71 -40.18 3.43
C GLU B 436 4.01 -39.05 4.15
N VAL B 437 3.25 -39.41 5.20
CA VAL B 437 2.77 -38.44 6.18
C VAL B 437 3.96 -38.00 7.04
N TRP B 438 3.89 -36.77 7.53
CA TRP B 438 5.09 -36.04 7.90
C TRP B 438 4.64 -34.80 8.65
N PHE B 439 5.29 -34.53 9.79
CA PHE B 439 4.95 -33.40 10.62
C PHE B 439 6.20 -32.60 10.93
N ASP B 440 6.07 -31.29 10.77
CA ASP B 440 7.09 -30.33 11.17
C ASP B 440 7.02 -30.11 12.70
N GLU B 441 7.77 -29.11 13.19
CA GLU B 441 7.60 -28.60 14.55
C GLU B 441 6.27 -27.83 14.69
N LYS B 442 5.78 -27.26 13.59
CA LYS B 442 4.48 -26.60 13.48
C LYS B 442 3.29 -27.55 13.33
N GLY B 443 3.51 -28.88 13.42
CA GLY B 443 2.45 -29.89 13.42
C GLY B 443 1.68 -29.94 12.09
N ASP B 444 2.24 -29.39 11.01
CA ASP B 444 1.64 -29.29 9.69
C ASP B 444 2.37 -30.25 8.73
N ALA B 445 1.80 -30.42 7.53
CA ALA B 445 2.22 -31.42 6.56
C ALA B 445 3.15 -30.87 5.47
N PRO B 446 3.70 -31.76 4.59
CA PRO B 446 4.61 -31.37 3.51
C PRO B 446 4.03 -30.40 2.48
N GLY B 447 2.87 -30.79 1.92
CA GLY B 447 2.17 -30.07 0.88
C GLY B 447 2.60 -30.59 -0.48
N ARG B 448 1.80 -31.52 -1.03
CA ARG B 448 1.92 -32.05 -2.38
C ARG B 448 0.68 -31.54 -3.13
N TYR B 449 0.90 -30.95 -4.31
CA TYR B 449 -0.09 -30.16 -5.03
C TYR B 449 -0.21 -30.65 -6.46
N ASP B 450 -1.34 -30.33 -7.10
CA ASP B 450 -1.59 -30.54 -8.52
C ASP B 450 -1.86 -29.18 -9.14
N ILE B 451 -1.15 -28.86 -10.21
CA ILE B 451 -1.18 -27.53 -10.80
C ILE B 451 -1.86 -27.66 -12.15
N MET B 452 -3.05 -27.07 -12.25
CA MET B 452 -4.04 -27.37 -13.26
C MET B 452 -4.37 -26.16 -14.11
N ASN B 453 -4.99 -26.44 -15.25
CA ASN B 453 -5.41 -25.45 -16.22
C ASN B 453 -6.73 -25.88 -16.88
N LEU B 454 -7.42 -24.88 -17.40
CA LEU B 454 -8.69 -24.94 -18.07
C LEU B 454 -8.49 -24.36 -19.48
N GLN B 455 -8.70 -25.20 -20.50
CA GLN B 455 -8.21 -24.95 -21.84
C GLN B 455 -9.04 -25.71 -22.87
N TYR B 456 -8.88 -25.35 -24.17
CA TYR B 456 -9.39 -26.11 -25.31
C TYR B 456 -8.88 -27.56 -25.28
N THR B 457 -9.74 -28.49 -24.83
CA THR B 457 -9.39 -29.90 -24.69
C THR B 457 -9.95 -30.76 -25.84
N GLU B 458 -10.95 -30.24 -26.58
CA GLU B 458 -11.68 -30.93 -27.63
C GLU B 458 -12.12 -29.87 -28.65
N ALA B 459 -13.22 -30.17 -29.37
CA ALA B 459 -14.01 -29.21 -30.12
C ALA B 459 -14.72 -28.24 -29.15
N ASN B 460 -14.01 -27.16 -28.78
CA ASN B 460 -14.50 -26.03 -27.97
C ASN B 460 -14.92 -26.43 -26.54
N ARG B 461 -14.49 -27.61 -26.08
CA ARG B 461 -14.92 -28.19 -24.81
C ARG B 461 -13.85 -27.96 -23.74
N TYR B 462 -14.32 -27.88 -22.50
CA TYR B 462 -13.52 -27.47 -21.36
C TYR B 462 -13.73 -28.42 -20.20
N ASP B 463 -12.62 -28.96 -19.71
CA ASP B 463 -12.53 -29.78 -18.52
C ASP B 463 -11.19 -29.49 -17.85
N TYR B 464 -11.22 -29.43 -16.51
CA TYR B 464 -10.06 -29.21 -15.67
C TYR B 464 -9.06 -30.35 -15.81
N VAL B 465 -7.86 -30.00 -16.28
CA VAL B 465 -6.82 -30.97 -16.51
C VAL B 465 -5.51 -30.42 -15.96
N HIS B 466 -4.68 -31.35 -15.50
CA HIS B 466 -3.31 -31.13 -15.11
C HIS B 466 -2.48 -30.40 -16.17
N VAL B 467 -1.38 -29.81 -15.71
CA VAL B 467 -0.17 -29.80 -16.50
C VAL B 467 0.87 -30.68 -15.81
N GLY B 468 0.87 -30.72 -14.48
CA GLY B 468 1.90 -31.43 -13.76
C GLY B 468 1.57 -31.30 -12.28
N THR B 469 2.53 -30.84 -11.49
CA THR B 469 2.44 -30.93 -10.05
C THR B 469 3.30 -29.88 -9.38
N TRP B 470 3.06 -29.72 -8.08
CA TRP B 470 4.05 -29.26 -7.14
C TRP B 470 4.40 -30.42 -6.22
N HIS B 471 5.51 -30.28 -5.52
CA HIS B 471 5.92 -31.20 -4.47
C HIS B 471 6.56 -30.33 -3.39
N GLU B 472 7.01 -30.93 -2.28
CA GLU B 472 7.67 -30.16 -1.23
C GLU B 472 8.87 -29.35 -1.77
N GLY B 473 8.67 -28.03 -1.89
CA GLY B 473 9.57 -27.06 -2.53
C GLY B 473 9.66 -27.20 -4.06
N VAL B 474 9.51 -28.41 -4.60
CA VAL B 474 9.70 -28.74 -6.00
C VAL B 474 8.50 -28.26 -6.82
N LEU B 475 8.81 -27.80 -8.04
CA LEU B 475 7.80 -27.55 -9.05
C LEU B 475 7.92 -28.62 -10.15
N ASN B 476 6.84 -28.80 -10.89
CA ASN B 476 6.79 -29.55 -12.14
C ASN B 476 5.72 -28.88 -12.99
N ILE B 477 6.18 -27.92 -13.78
CA ILE B 477 5.47 -27.41 -14.92
C ILE B 477 5.89 -28.26 -16.13
N ASP B 478 4.95 -29.05 -16.64
CA ASP B 478 5.16 -29.84 -17.86
C ASP B 478 4.58 -28.99 -19.00
N ASP B 479 5.24 -27.82 -19.21
CA ASP B 479 4.79 -26.64 -19.95
C ASP B 479 4.03 -26.88 -21.24
N TYR B 480 4.37 -27.93 -21.98
CA TYR B 480 3.82 -28.21 -23.32
C TYR B 480 2.30 -28.26 -23.34
N LYS B 481 1.72 -28.90 -22.32
CA LYS B 481 0.28 -29.03 -22.15
C LYS B 481 -0.40 -27.76 -21.66
N ILE B 482 0.35 -26.77 -21.14
CA ILE B 482 -0.22 -25.52 -20.63
C ILE B 482 -0.66 -24.62 -21.78
N GLN B 483 -1.98 -24.61 -22.00
CA GLN B 483 -2.76 -23.62 -22.73
C GLN B 483 -2.35 -23.39 -24.20
N MET B 484 -1.54 -24.28 -24.78
CA MET B 484 -1.13 -24.26 -26.20
C MET B 484 -0.56 -22.90 -26.63
N ASN B 485 0.48 -22.43 -25.92
CA ASN B 485 1.15 -21.16 -26.15
C ASN B 485 0.32 -19.92 -25.77
N LYS B 486 -0.97 -20.03 -25.43
CA LYS B 486 -1.73 -18.87 -24.92
C LYS B 486 -1.15 -18.41 -23.57
N SER B 487 -1.09 -19.30 -22.57
CA SER B 487 -0.31 -19.07 -21.33
C SER B 487 1.20 -19.15 -21.57
N GLY B 488 1.65 -19.55 -22.77
CA GLY B 488 3.04 -19.48 -23.19
C GLY B 488 3.39 -18.12 -23.82
N VAL B 489 2.42 -17.20 -24.01
CA VAL B 489 2.63 -15.87 -24.55
C VAL B 489 2.15 -14.77 -23.60
N VAL B 490 1.28 -15.09 -22.63
CA VAL B 490 0.84 -14.12 -21.63
C VAL B 490 2.06 -13.67 -20.80
N ARG B 491 2.14 -12.35 -20.60
CA ARG B 491 3.25 -11.72 -19.93
C ARG B 491 2.75 -10.38 -19.40
N SER B 492 3.32 -9.98 -18.28
CA SER B 492 3.06 -8.71 -17.65
C SER B 492 4.24 -8.36 -16.73
N VAL B 493 4.71 -7.13 -16.89
CA VAL B 493 5.62 -6.48 -15.96
C VAL B 493 5.29 -4.98 -16.01
N CYS B 494 5.44 -4.31 -14.87
CA CYS B 494 5.11 -2.89 -14.74
C CYS B 494 6.13 -1.98 -15.46
N SER B 495 7.28 -2.52 -15.89
CA SER B 495 8.25 -1.80 -16.72
C SER B 495 9.25 -2.78 -17.34
N GLU B 496 9.22 -2.85 -18.67
CA GLU B 496 9.95 -3.77 -19.53
C GLU B 496 11.45 -3.43 -19.47
N PRO B 497 12.29 -4.37 -18.98
CA PRO B 497 13.66 -4.07 -18.56
C PRO B 497 14.51 -3.53 -19.71
N CYS B 498 14.91 -2.26 -19.56
CA CYS B 498 15.82 -1.56 -20.46
C CYS B 498 17.22 -1.53 -19.81
N LEU B 499 17.66 -2.67 -19.27
CA LEU B 499 18.98 -2.88 -18.67
C LEU B 499 20.07 -2.92 -19.76
N LYS B 500 20.17 -1.82 -20.50
CA LYS B 500 21.24 -1.50 -21.42
C LYS B 500 21.67 -0.08 -21.02
N GLY B 501 22.96 0.21 -21.24
CA GLY B 501 23.49 1.53 -20.90
C GLY B 501 22.88 2.61 -21.79
N GLN B 502 23.08 3.88 -21.42
CA GLN B 502 22.34 5.01 -21.99
C GLN B 502 20.86 5.02 -21.59
N ILE B 503 20.32 3.95 -20.98
CA ILE B 503 18.90 3.86 -20.70
C ILE B 503 18.74 3.53 -19.22
N LYS B 504 18.71 4.60 -18.41
CA LYS B 504 18.36 4.55 -16.99
C LYS B 504 16.94 4.01 -16.76
N VAL B 505 16.74 3.55 -15.53
CA VAL B 505 15.44 3.32 -14.94
C VAL B 505 15.14 4.50 -14.00
N ILE B 506 14.29 5.42 -14.47
CA ILE B 506 13.88 6.60 -13.73
C ILE B 506 12.37 6.56 -13.43
N ARG B 507 12.09 6.37 -12.15
CA ARG B 507 10.78 6.10 -11.61
C ARG B 507 10.25 7.29 -10.81
N LYS B 508 8.98 7.15 -10.44
CA LYS B 508 8.40 7.83 -9.28
C LYS B 508 8.79 7.07 -8.00
N GLY B 509 8.58 7.67 -6.83
CA GLY B 509 8.70 7.03 -5.53
C GLY B 509 7.48 6.16 -5.22
N GLU B 510 7.02 5.31 -6.17
CA GLU B 510 5.80 4.55 -6.06
C GLU B 510 6.01 3.14 -5.50
N VAL B 511 6.60 2.27 -6.33
CA VAL B 511 6.88 0.89 -5.94
C VAL B 511 7.98 0.35 -6.87
N SER B 512 8.71 -0.65 -6.38
CA SER B 512 9.94 -1.16 -6.99
C SER B 512 9.78 -1.73 -8.41
N CYS B 513 8.61 -2.28 -8.76
CA CYS B 513 8.39 -2.80 -10.11
C CYS B 513 7.96 -1.70 -11.08
N CYS B 514 7.09 -0.79 -10.62
CA CYS B 514 6.54 0.28 -11.44
C CYS B 514 7.49 1.46 -11.45
N TRP B 515 8.43 1.38 -12.39
CA TRP B 515 9.35 2.47 -12.74
C TRP B 515 8.98 3.05 -14.10
N ILE B 516 9.91 3.81 -14.69
CA ILE B 516 9.88 4.17 -16.10
C ILE B 516 11.32 4.14 -16.66
N CYS B 517 11.48 3.65 -17.89
CA CYS B 517 12.75 3.73 -18.61
C CYS B 517 12.92 5.13 -19.21
N THR B 518 14.15 5.63 -19.21
CA THR B 518 14.50 6.91 -19.85
C THR B 518 15.88 6.75 -20.50
N ALA B 519 16.12 7.50 -21.58
CA ALA B 519 17.44 7.60 -22.19
C ALA B 519 18.24 8.73 -21.52
N CYS B 520 19.55 8.51 -21.37
CA CYS B 520 20.48 9.40 -20.68
C CYS B 520 20.91 10.57 -21.56
N LYS B 521 21.38 11.61 -20.89
CA LYS B 521 22.10 12.71 -21.54
C LYS B 521 23.48 12.20 -22.01
N GLU B 522 24.08 12.94 -22.97
CA GLU B 522 25.36 12.57 -23.55
C GLU B 522 26.45 12.53 -22.49
N ASN B 523 26.71 13.63 -21.76
CA ASN B 523 27.72 13.72 -20.68
C ASN B 523 27.65 12.59 -19.63
N GLU B 524 26.46 12.00 -19.43
CA GLU B 524 26.24 10.91 -18.50
C GLU B 524 26.60 9.52 -19.04
N TYR B 525 26.62 8.55 -18.12
CA TYR B 525 26.74 7.11 -18.39
C TYR B 525 26.38 6.33 -17.13
N VAL B 526 25.65 5.22 -17.24
CA VAL B 526 25.29 4.37 -16.10
C VAL B 526 26.49 3.67 -15.44
N GLN B 527 27.13 4.39 -14.49
CA GLN B 527 27.95 3.81 -13.43
C GLN B 527 27.03 3.23 -12.36
N ASP B 528 26.20 4.11 -11.76
CA ASP B 528 25.04 3.69 -10.99
C ASP B 528 23.94 3.36 -12.01
N GLU B 529 23.46 2.12 -12.04
CA GLU B 529 22.52 1.64 -13.05
C GLU B 529 21.26 2.50 -13.16
N PHE B 530 20.74 2.92 -12.00
CA PHE B 530 19.56 3.75 -11.93
C PHE B 530 19.80 5.15 -12.45
N THR B 531 21.01 5.69 -12.23
CA THR B 531 21.34 7.06 -12.48
C THR B 531 22.65 7.17 -13.26
N CYS B 532 22.56 7.50 -14.56
CA CYS B 532 23.72 7.79 -15.40
C CYS B 532 24.62 8.85 -14.74
N LYS B 533 25.83 8.43 -14.39
CA LYS B 533 26.91 9.26 -13.91
C LYS B 533 27.52 10.05 -15.06
N ALA B 534 27.23 11.35 -15.08
CA ALA B 534 28.07 12.35 -15.72
C ALA B 534 29.44 12.37 -15.07
N CYS B 535 30.43 11.76 -15.75
CA CYS B 535 31.80 11.93 -15.31
C CYS B 535 32.30 13.31 -15.73
N ASP B 536 33.46 13.64 -15.16
CA ASP B 536 34.18 14.90 -15.34
C ASP B 536 34.45 15.20 -16.82
N LEU B 537 34.59 16.50 -17.12
CA LEU B 537 35.16 16.95 -18.38
C LEU B 537 36.62 16.48 -18.49
N GLY B 538 36.98 16.01 -19.70
CA GLY B 538 38.26 15.40 -19.98
C GLY B 538 38.09 13.90 -20.21
N TRP B 539 37.08 13.26 -19.60
CA TRP B 539 36.65 11.91 -19.96
C TRP B 539 35.24 12.03 -20.54
N TRP B 540 35.06 11.56 -21.78
CA TRP B 540 33.77 11.54 -22.44
C TRP B 540 33.28 10.08 -22.45
N PRO B 541 31.95 9.89 -22.36
CA PRO B 541 31.37 8.57 -22.14
C PRO B 541 31.62 7.60 -23.29
N ASN B 542 32.32 6.50 -22.97
CA ASN B 542 32.55 5.38 -23.88
C ASN B 542 31.23 4.87 -24.44
N ALA B 543 31.28 4.30 -25.65
CA ALA B 543 30.11 3.76 -26.31
C ALA B 543 29.38 2.74 -25.43
N ASP B 544 28.05 2.79 -25.53
CA ASP B 544 27.13 2.05 -24.67
C ASP B 544 26.98 2.66 -23.27
N LEU B 545 27.70 3.74 -22.94
CA LEU B 545 27.67 4.44 -21.67
C LEU B 545 28.02 3.50 -20.49
N THR B 546 29.20 2.88 -20.61
CA THR B 546 29.74 1.92 -19.64
C THR B 546 30.95 2.50 -18.86
N GLY B 547 31.23 3.80 -18.99
CA GLY B 547 32.47 4.40 -18.52
C GLY B 547 32.67 5.73 -19.24
N CYS B 548 33.95 6.13 -19.33
CA CYS B 548 34.42 7.29 -20.06
C CYS B 548 35.94 7.27 -20.18
N GLU B 549 36.46 7.68 -21.35
CA GLU B 549 37.86 7.61 -21.77
C GLU B 549 38.31 9.00 -22.26
N PRO B 550 39.62 9.22 -22.56
CA PRO B 550 40.12 10.49 -23.14
C PRO B 550 39.40 10.98 -24.40
N ILE B 551 39.28 12.31 -24.49
CA ILE B 551 38.63 13.01 -25.60
C ILE B 551 39.71 13.40 -26.63
N PRO B 552 39.43 13.26 -27.95
CA PRO B 552 40.33 13.76 -29.00
C PRO B 552 40.51 15.29 -28.96
N VAL B 553 41.55 15.80 -29.64
CA VAL B 553 41.89 17.22 -29.61
C VAL B 553 42.01 17.75 -31.05
N ARG B 554 41.95 19.08 -31.21
CA ARG B 554 42.14 19.73 -32.51
C ARG B 554 43.09 20.90 -32.42
N TYR B 555 44.39 20.59 -32.46
CA TYR B 555 45.41 21.48 -33.01
C TYR B 555 45.40 21.37 -34.54
N LEU B 556 45.86 22.44 -35.19
CA LEU B 556 45.52 22.73 -36.58
C LEU B 556 46.77 23.27 -37.26
N GLU B 557 47.68 22.35 -37.63
CA GLU B 557 48.98 22.63 -38.26
C GLU B 557 48.85 22.98 -39.74
N TRP B 558 48.36 22.02 -40.54
CA TRP B 558 47.86 22.28 -41.88
C TRP B 558 46.36 22.64 -41.84
N SER B 559 45.64 22.05 -40.87
CA SER B 559 44.27 22.34 -40.47
C SER B 559 43.16 21.90 -41.44
N ASN B 560 43.50 21.65 -42.72
CA ASN B 560 42.69 21.06 -43.79
C ASN B 560 43.39 21.26 -45.13
N ILE B 561 42.74 20.76 -46.20
CA ILE B 561 42.97 21.17 -47.57
C ILE B 561 42.32 22.54 -47.83
N GLU B 562 41.10 22.81 -47.33
CA GLU B 562 40.55 24.17 -47.37
C GLU B 562 41.34 25.18 -46.51
N SER B 563 42.12 24.69 -45.52
CA SER B 563 43.11 25.49 -44.81
C SER B 563 44.49 25.42 -45.46
N ILE B 564 44.79 24.35 -46.23
CA ILE B 564 45.96 24.33 -47.11
C ILE B 564 45.86 25.42 -48.19
N ILE B 565 44.66 25.99 -48.39
CA ILE B 565 44.44 27.15 -49.23
C ILE B 565 45.03 28.42 -48.62
N ALA B 566 44.77 28.70 -47.33
CA ALA B 566 45.47 29.75 -46.57
C ALA B 566 46.99 29.56 -46.59
N ILE B 567 47.41 28.29 -46.46
CA ILE B 567 48.79 27.87 -46.58
C ILE B 567 49.34 28.08 -47.99
N ALA B 568 48.53 27.84 -49.03
CA ALA B 568 48.91 28.06 -50.43
C ALA B 568 49.23 29.53 -50.68
N PHE B 569 48.35 30.44 -50.22
CA PHE B 569 48.57 31.88 -50.35
C PHE B 569 49.69 32.42 -49.46
N SER B 570 49.86 31.87 -48.23
CA SER B 570 50.99 32.19 -47.36
C SER B 570 52.32 31.79 -48.00
N CYS B 571 52.37 30.56 -48.52
CA CYS B 571 53.52 30.01 -49.18
C CYS B 571 53.89 30.80 -50.43
N LEU B 572 52.92 31.02 -51.32
CA LEU B 572 53.07 31.73 -52.58
C LEU B 572 53.49 33.19 -52.41
N GLY B 573 52.94 33.86 -51.39
CA GLY B 573 53.34 35.21 -51.04
C GLY B 573 54.82 35.22 -50.63
N ILE B 574 55.31 34.19 -49.90
CA ILE B 574 56.72 34.16 -49.49
C ILE B 574 57.63 33.93 -50.69
N LEU B 575 57.17 33.16 -51.70
CA LEU B 575 57.95 32.89 -52.90
C LEU B 575 58.24 34.18 -53.66
N VAL B 576 57.19 34.99 -53.91
CA VAL B 576 57.35 36.26 -54.62
C VAL B 576 58.15 37.29 -53.81
N THR B 577 57.97 37.35 -52.47
CA THR B 577 58.72 38.28 -51.62
C THR B 577 60.18 37.85 -51.37
N LEU B 578 60.48 36.55 -51.45
CA LEU B 578 61.87 36.07 -51.55
C LEU B 578 62.49 36.53 -52.87
N PHE B 579 61.72 36.49 -53.96
CA PHE B 579 62.15 37.00 -55.27
C PHE B 579 62.37 38.52 -55.21
N VAL B 580 61.53 39.27 -54.45
CA VAL B 580 61.75 40.69 -54.28
C VAL B 580 63.03 40.95 -53.49
N THR B 581 63.29 40.23 -52.39
CA THR B 581 64.60 40.28 -51.73
C THR B 581 65.77 39.81 -52.63
N LEU B 582 65.54 38.95 -53.63
CA LEU B 582 66.57 38.62 -54.59
C LEU B 582 66.89 39.83 -55.47
N ILE B 583 66.00 40.18 -56.41
CA ILE B 583 66.27 41.15 -57.47
C ILE B 583 66.13 42.63 -57.07
N PHE B 584 65.47 42.95 -55.94
CA PHE B 584 65.34 44.32 -55.41
C PHE B 584 66.64 44.79 -54.74
N VAL B 585 67.05 44.12 -53.65
CA VAL B 585 68.30 44.45 -52.93
C VAL B 585 69.57 44.11 -53.73
N LEU B 586 69.51 43.09 -54.62
CA LEU B 586 70.61 42.76 -55.54
C LEU B 586 70.96 43.89 -56.50
N TYR B 587 69.95 44.67 -56.94
CA TYR B 587 70.18 45.81 -57.81
C TYR B 587 71.03 46.88 -57.09
N ARG B 588 70.72 47.13 -55.80
CA ARG B 588 71.32 48.14 -54.91
C ARG B 588 71.07 49.60 -55.36
N ASP B 589 70.97 49.84 -56.67
CA ASP B 589 70.85 51.15 -57.28
C ASP B 589 69.59 51.20 -58.14
N THR B 590 68.63 52.05 -57.74
CA THR B 590 67.35 52.25 -58.40
C THR B 590 66.84 53.65 -58.00
N PRO B 591 66.91 54.65 -58.92
CA PRO B 591 66.63 56.07 -58.61
C PRO B 591 65.34 56.38 -57.84
N VAL B 592 64.22 55.73 -58.22
CA VAL B 592 62.94 55.93 -57.56
C VAL B 592 62.94 55.42 -56.11
N VAL B 593 63.55 54.24 -55.86
CA VAL B 593 63.72 53.69 -54.51
C VAL B 593 64.52 54.62 -53.58
N LYS B 594 65.67 55.13 -54.06
CA LYS B 594 66.60 55.95 -53.28
C LYS B 594 66.49 57.45 -53.59
N SER B 595 65.32 57.93 -54.05
CA SER B 595 65.07 59.36 -54.30
C SER B 595 65.24 60.20 -53.02
N SER B 596 64.55 59.80 -51.96
CA SER B 596 64.63 60.39 -50.62
C SER B 596 65.72 59.70 -49.78
N SER B 597 65.63 59.83 -48.45
CA SER B 597 66.54 59.20 -47.49
C SER B 597 66.56 57.69 -47.64
N ARG B 598 67.77 57.14 -47.72
CA ARG B 598 68.03 55.69 -47.82
C ARG B 598 67.53 54.93 -46.59
N GLU B 599 67.67 55.53 -45.41
CA GLU B 599 67.24 54.97 -44.13
C GLU B 599 65.74 54.67 -44.13
N LEU B 600 64.91 55.58 -44.70
CA LEU B 600 63.47 55.38 -44.87
C LEU B 600 63.13 54.14 -45.72
N CYS B 601 63.88 53.93 -46.83
CA CYS B 601 63.78 52.75 -47.68
C CYS B 601 64.07 51.44 -46.91
N TYR B 602 65.15 51.42 -46.12
CA TYR B 602 65.52 50.28 -45.27
C TYR B 602 64.46 49.96 -44.20
N ILE B 603 63.86 51.00 -43.59
CA ILE B 603 62.77 50.84 -42.62
C ILE B 603 61.52 50.19 -43.23
N ILE B 604 61.17 50.56 -44.48
CA ILE B 604 60.05 49.95 -45.22
C ILE B 604 60.27 48.45 -45.44
N LEU B 605 61.46 48.05 -45.94
CA LEU B 605 61.89 46.65 -46.12
C LEU B 605 61.73 45.83 -44.83
N ALA B 606 62.24 46.37 -43.72
CA ALA B 606 62.09 45.78 -42.40
C ALA B 606 60.61 45.58 -42.06
N GLY B 607 59.82 46.66 -42.17
CA GLY B 607 58.37 46.73 -41.95
C GLY B 607 57.60 45.65 -42.70
N ILE B 608 57.80 45.53 -44.01
CA ILE B 608 57.08 44.57 -44.84
C ILE B 608 57.37 43.10 -44.51
N PHE B 609 58.64 42.76 -44.27
CA PHE B 609 59.01 41.37 -44.02
C PHE B 609 58.82 40.97 -42.56
N LEU B 610 58.76 41.93 -41.61
CA LEU B 610 58.23 41.66 -40.27
C LEU B 610 56.70 41.46 -40.30
N GLY B 611 56.03 42.12 -41.26
CA GLY B 611 54.62 41.89 -41.51
C GLY B 611 54.37 40.52 -42.12
N TYR B 612 55.38 39.89 -42.73
CA TYR B 612 55.18 38.65 -43.45
C TYR B 612 56.11 37.50 -43.05
N VAL B 613 56.81 37.66 -41.92
CA VAL B 613 57.59 36.57 -41.32
C VAL B 613 56.67 35.64 -40.49
N CYS B 614 55.75 36.24 -39.73
CA CYS B 614 54.86 35.53 -38.82
C CYS B 614 53.67 34.85 -39.52
N PRO B 615 52.95 35.50 -40.48
CA PRO B 615 51.87 34.83 -41.26
C PRO B 615 52.29 33.63 -42.12
N PHE B 616 53.59 33.44 -42.35
CA PHE B 616 54.12 32.19 -42.90
C PHE B 616 54.10 31.04 -41.86
N THR B 617 53.97 31.38 -40.58
CA THR B 617 53.87 30.45 -39.47
C THR B 617 52.77 30.87 -38.47
N LEU B 618 51.65 31.42 -38.96
CA LEU B 618 50.47 31.57 -38.09
C LEU B 618 49.81 30.21 -37.78
N ILE B 619 50.22 29.18 -38.53
CA ILE B 619 50.23 27.81 -38.08
C ILE B 619 51.22 27.66 -36.89
N ALA B 620 50.72 27.17 -35.76
CA ALA B 620 51.57 26.93 -34.60
C ALA B 620 50.80 26.06 -33.62
N LYS B 621 51.54 25.41 -32.71
CA LYS B 621 50.97 24.53 -31.71
C LYS B 621 51.06 25.18 -30.32
N PRO B 622 49.92 25.32 -29.61
CA PRO B 622 49.88 25.83 -28.24
C PRO B 622 50.26 24.74 -27.24
N THR B 623 51.35 25.02 -26.53
CA THR B 623 51.87 24.23 -25.43
C THR B 623 52.35 25.24 -24.38
N THR B 624 52.59 24.84 -23.12
CA THR B 624 53.09 25.77 -22.09
C THR B 624 54.44 26.43 -22.47
N THR B 625 55.37 25.60 -23.00
CA THR B 625 56.66 26.05 -23.54
C THR B 625 56.50 26.88 -24.84
N SER B 626 55.60 26.42 -25.73
CA SER B 626 55.30 27.06 -27.00
C SER B 626 54.30 28.21 -26.85
N CYS B 627 53.95 28.59 -25.63
CA CYS B 627 52.89 29.56 -25.44
C CYS B 627 53.37 30.97 -25.75
N TYR B 628 54.63 31.27 -25.40
CA TYR B 628 55.33 32.45 -25.90
C TYR B 628 55.41 32.44 -27.43
N LEU B 629 55.64 31.28 -28.06
CA LEU B 629 55.66 31.14 -29.51
C LEU B 629 54.28 31.31 -30.16
N GLN B 630 53.24 30.70 -29.58
CA GLN B 630 51.87 30.70 -30.09
C GLN B 630 51.18 32.04 -29.84
N ARG B 631 50.86 32.31 -28.57
CA ARG B 631 50.12 33.49 -28.13
C ARG B 631 50.82 34.80 -28.48
N LEU B 632 52.15 34.76 -28.72
CA LEU B 632 52.83 35.83 -29.46
C LEU B 632 52.24 35.99 -30.85
N LEU B 633 52.38 34.98 -31.71
CA LEU B 633 51.85 34.99 -33.07
C LEU B 633 50.35 35.22 -33.20
N VAL B 634 49.55 35.13 -32.12
CA VAL B 634 48.16 35.57 -32.13
C VAL B 634 48.05 37.06 -32.47
N GLY B 635 48.62 37.91 -31.62
CA GLY B 635 48.49 39.36 -31.74
C GLY B 635 49.73 40.00 -32.35
N LEU B 636 50.92 39.39 -32.23
CA LEU B 636 52.20 39.96 -32.67
C LEU B 636 52.49 39.65 -34.14
N SER B 637 51.88 38.58 -34.70
CA SER B 637 51.79 38.44 -36.15
C SER B 637 50.97 39.61 -36.73
N SER B 638 49.76 39.82 -36.19
CA SER B 638 48.90 40.94 -36.52
C SER B 638 49.54 42.32 -36.24
N ALA B 639 50.32 42.42 -35.14
CA ALA B 639 51.01 43.63 -34.73
C ALA B 639 52.06 44.03 -35.75
N MET B 640 52.94 43.07 -36.09
CA MET B 640 53.94 43.28 -37.12
C MET B 640 53.34 43.43 -38.52
N CYS B 641 52.23 42.73 -38.80
CA CYS B 641 51.44 42.89 -40.02
C CYS B 641 50.99 44.32 -40.24
N TYR B 642 50.55 44.96 -39.14
CA TYR B 642 50.25 46.37 -39.19
C TYR B 642 51.49 47.27 -39.06
N SER B 643 52.57 46.82 -38.40
CA SER B 643 53.82 47.58 -38.34
C SER B 643 54.38 47.86 -39.74
N ALA B 644 54.22 46.91 -40.66
CA ALA B 644 54.42 47.10 -42.11
C ALA B 644 53.58 48.25 -42.68
N LEU B 645 52.27 48.20 -42.43
CA LEU B 645 51.34 49.17 -42.98
C LEU B 645 51.59 50.58 -42.41
N VAL B 646 51.83 50.71 -41.09
CA VAL B 646 52.20 51.98 -40.48
C VAL B 646 53.56 52.55 -40.90
N THR B 647 54.56 51.69 -41.21
CA THR B 647 55.83 52.18 -41.79
C THR B 647 55.61 52.89 -43.12
N LYS B 648 54.80 52.30 -44.02
CA LYS B 648 54.47 52.90 -45.31
C LYS B 648 53.54 54.11 -45.21
N THR B 649 52.50 54.03 -44.37
CA THR B 649 51.60 55.13 -44.09
C THR B 649 52.36 56.38 -43.57
N ASN B 650 53.26 56.16 -42.60
CA ASN B 650 54.06 57.24 -42.03
C ASN B 650 55.18 57.69 -42.96
N ARG B 651 55.68 56.85 -43.88
CA ARG B 651 56.59 57.34 -44.92
C ARG B 651 55.91 58.39 -45.81
N ILE B 652 54.69 58.07 -46.29
CA ILE B 652 53.95 58.97 -47.17
C ILE B 652 53.40 60.20 -46.44
N ALA B 653 52.97 60.06 -45.17
CA ALA B 653 52.42 61.17 -44.40
C ALA B 653 53.51 62.10 -43.85
N ARG B 654 54.68 61.54 -43.49
CA ARG B 654 55.85 62.30 -43.07
C ARG B 654 56.52 63.01 -44.24
N ILE B 655 56.41 62.47 -45.47
CA ILE B 655 56.90 63.17 -46.66
C ILE B 655 55.89 64.21 -47.16
N LEU B 656 54.60 64.04 -46.85
CA LEU B 656 53.59 65.06 -47.10
C LEU B 656 53.79 66.23 -46.13
N ALA B 657 53.82 65.96 -44.82
CA ALA B 657 54.10 66.96 -43.78
C ALA B 657 55.44 67.67 -44.01
N GLY B 658 56.54 66.88 -44.06
CA GLY B 658 57.90 67.35 -44.16
C GLY B 658 58.19 68.16 -45.44
N SER B 659 57.58 67.79 -46.57
CA SER B 659 57.70 68.60 -47.79
C SER B 659 56.54 69.60 -47.85
N LYS B 660 56.54 70.47 -48.87
CA LYS B 660 55.55 71.54 -49.02
C LYS B 660 54.16 71.04 -49.48
N LYS B 661 53.96 69.72 -49.55
CA LYS B 661 52.72 69.08 -49.96
C LYS B 661 51.60 69.26 -48.90
N LYS B 662 51.84 68.80 -47.67
CA LYS B 662 51.10 69.27 -46.50
C LYS B 662 51.83 70.49 -45.94
N ILE B 663 51.25 71.65 -46.24
CA ILE B 663 51.65 72.92 -45.69
C ILE B 663 51.07 73.09 -44.28
N CYS B 664 51.94 73.47 -43.34
CA CYS B 664 51.60 73.54 -41.93
C CYS B 664 52.67 74.37 -41.21
N THR B 665 52.24 75.06 -40.15
CA THR B 665 53.14 75.80 -39.26
C THR B 665 53.94 74.84 -38.33
N ARG B 666 53.34 73.71 -37.94
CA ARG B 666 53.99 72.65 -37.19
C ARG B 666 54.35 71.51 -38.16
N LYS B 667 55.46 71.71 -38.86
CA LYS B 667 56.16 70.69 -39.61
C LYS B 667 57.45 70.36 -38.82
N PRO B 668 57.41 69.36 -37.92
CA PRO B 668 58.57 69.02 -37.10
C PRO B 668 59.60 68.16 -37.85
N ARG B 669 60.47 68.81 -38.65
CA ARG B 669 61.65 68.16 -39.24
C ARG B 669 62.89 68.43 -38.39
N PHE B 670 63.98 67.73 -38.77
CA PHE B 670 65.30 67.86 -38.17
C PHE B 670 66.31 68.28 -39.26
N MET B 671 67.59 68.38 -38.90
CA MET B 671 68.67 68.82 -39.80
C MET B 671 69.34 67.67 -40.56
N SER B 672 69.45 66.50 -39.92
CA SER B 672 70.05 65.29 -40.47
C SER B 672 68.96 64.23 -40.44
N ALA B 673 68.43 63.89 -41.63
CA ALA B 673 67.23 63.07 -41.81
C ALA B 673 67.23 61.70 -41.14
N TRP B 674 68.38 61.21 -40.64
CA TRP B 674 68.45 60.06 -39.74
C TRP B 674 67.57 60.25 -38.48
N ALA B 675 67.42 61.50 -37.99
CA ALA B 675 66.45 61.84 -36.95
C ALA B 675 64.99 61.69 -37.42
N GLN B 676 64.69 62.08 -38.67
CA GLN B 676 63.38 61.85 -39.34
C GLN B 676 63.09 60.38 -39.64
N VAL B 677 64.05 59.48 -39.39
CA VAL B 677 63.85 58.05 -39.53
C VAL B 677 63.98 57.31 -38.18
N ILE B 678 64.72 57.88 -37.20
CA ILE B 678 64.70 57.41 -35.82
C ILE B 678 63.34 57.61 -35.17
N ILE B 679 62.65 58.73 -35.51
CA ILE B 679 61.23 58.90 -35.19
C ILE B 679 60.40 57.72 -35.73
N ALA B 680 60.62 57.30 -36.99
CA ALA B 680 59.93 56.16 -37.59
C ALA B 680 60.21 54.84 -36.84
N SER B 681 61.49 54.55 -36.51
CA SER B 681 61.88 53.39 -35.70
C SER B 681 61.14 53.32 -34.36
N ILE B 682 61.00 54.48 -33.69
CA ILE B 682 60.30 54.56 -32.41
C ILE B 682 58.77 54.54 -32.60
N LEU B 683 58.23 55.14 -33.68
CA LEU B 683 56.82 55.05 -34.05
C LEU B 683 56.36 53.63 -34.48
N ILE B 684 57.30 52.70 -34.65
CA ILE B 684 57.02 51.28 -34.81
C ILE B 684 57.25 50.53 -33.49
N SER B 685 58.29 50.94 -32.73
CA SER B 685 58.57 50.40 -31.40
C SER B 685 57.45 50.71 -30.38
N VAL B 686 56.65 51.78 -30.59
CA VAL B 686 55.47 52.06 -29.78
C VAL B 686 54.43 50.94 -29.91
N GLN B 687 53.99 50.57 -31.12
CA GLN B 687 53.08 49.44 -31.29
C GLN B 687 53.65 48.09 -30.81
N LEU B 688 54.95 47.86 -31.03
CA LEU B 688 55.70 46.73 -30.46
C LEU B 688 55.53 46.66 -28.94
N THR B 689 55.77 47.80 -28.25
CA THR B 689 55.64 47.87 -26.80
C THR B 689 54.20 47.65 -26.34
N LEU B 690 53.18 48.29 -26.96
CA LEU B 690 51.77 48.10 -26.61
C LEU B 690 51.31 46.63 -26.68
N VAL B 691 51.74 45.90 -27.72
CA VAL B 691 51.35 44.51 -27.93
C VAL B 691 52.08 43.54 -27.00
N VAL B 692 53.41 43.69 -26.80
CA VAL B 692 54.11 42.86 -25.82
C VAL B 692 53.66 43.16 -24.38
N THR B 693 53.21 44.40 -24.11
CA THR B 693 52.59 44.81 -22.84
C THR B 693 51.27 44.05 -22.60
N LEU B 694 50.32 44.15 -23.54
CA LEU B 694 49.02 43.46 -23.49
C LEU B 694 49.11 41.93 -23.54
N ILE B 695 50.26 41.38 -23.99
CA ILE B 695 50.58 39.99 -23.75
C ILE B 695 50.98 39.79 -22.29
N ILE B 696 52.11 40.33 -21.83
CA ILE B 696 52.67 40.06 -20.49
C ILE B 696 51.82 40.55 -19.30
N MET B 697 50.70 41.25 -19.56
CA MET B 697 49.60 41.45 -18.62
C MET B 697 48.89 40.14 -18.26
N GLU B 698 48.84 39.16 -19.19
CA GLU B 698 48.30 37.82 -18.99
C GLU B 698 49.27 36.86 -19.68
N PRO B 699 50.10 36.10 -18.92
CA PRO B 699 51.10 35.23 -19.54
C PRO B 699 50.50 34.15 -20.43
N PRO B 700 51.32 33.54 -21.30
CA PRO B 700 50.76 32.65 -22.31
C PRO B 700 50.15 31.34 -21.73
N MET B 701 48.91 31.03 -22.17
CA MET B 701 48.20 29.75 -22.01
C MET B 701 47.02 29.65 -23.00
N PRO B 702 46.45 28.44 -23.22
CA PRO B 702 45.07 28.30 -23.72
C PRO B 702 44.05 28.16 -22.57
N ILE B 703 42.76 28.39 -22.87
CA ILE B 703 41.65 28.00 -22.00
C ILE B 703 40.70 27.12 -22.81
N LEU B 704 40.78 25.79 -22.58
CA LEU B 704 40.06 24.78 -23.35
C LEU B 704 38.56 24.73 -22.97
N SER B 705 37.83 25.82 -23.24
CA SER B 705 36.37 25.84 -23.36
C SER B 705 35.86 24.87 -24.44
N TYR B 706 35.23 23.79 -24.01
CA TYR B 706 34.52 22.92 -24.92
C TYR B 706 33.05 23.36 -24.83
N PRO B 707 32.54 24.19 -25.78
CA PRO B 707 31.10 24.50 -25.88
C PRO B 707 30.10 23.34 -25.74
N SER B 708 30.58 22.10 -25.86
CA SER B 708 29.81 20.89 -25.64
C SER B 708 30.75 19.73 -25.28
N ILE B 709 30.16 18.62 -24.85
CA ILE B 709 30.83 17.33 -24.69
C ILE B 709 31.27 16.72 -26.06
N LYS B 710 30.86 17.34 -27.18
CA LYS B 710 31.19 16.95 -28.54
C LYS B 710 32.38 17.76 -29.06
N GLU B 711 32.17 19.08 -29.23
CA GLU B 711 33.09 20.02 -29.85
C GLU B 711 34.34 20.23 -28.99
N VAL B 712 35.48 19.80 -29.53
CA VAL B 712 36.79 19.95 -28.92
C VAL B 712 37.71 20.60 -29.97
N TYR B 713 38.19 21.81 -29.66
CA TYR B 713 39.00 22.60 -30.57
C TYR B 713 40.05 23.39 -29.80
N LEU B 714 41.06 23.84 -30.54
CA LEU B 714 42.07 24.73 -30.02
C LEU B 714 41.52 26.16 -29.92
N ILE B 715 41.22 26.56 -28.70
CA ILE B 715 40.64 27.84 -28.40
C ILE B 715 41.43 28.47 -27.26
N CYS B 716 42.39 29.30 -27.65
CA CYS B 716 43.19 30.11 -26.75
C CYS B 716 42.33 31.25 -26.16
N ASN B 717 42.70 31.73 -24.96
CA ASN B 717 42.15 32.95 -24.38
C ASN B 717 42.31 34.11 -25.36
N THR B 718 41.23 34.89 -25.46
CA THR B 718 41.30 36.20 -26.06
C THR B 718 40.31 37.09 -25.32
N SER B 719 40.81 37.90 -24.37
CA SER B 719 40.07 39.04 -23.84
C SER B 719 39.78 39.95 -25.03
N ASN B 720 38.50 40.15 -25.36
CA ASN B 720 38.10 40.88 -26.56
C ASN B 720 38.68 42.31 -26.61
N LEU B 721 39.07 42.86 -25.44
CA LEU B 721 39.89 44.04 -25.26
C LEU B 721 41.17 44.03 -26.12
N GLY B 722 41.91 42.91 -26.05
CA GLY B 722 43.15 42.66 -26.79
C GLY B 722 42.93 42.40 -28.29
N VAL B 723 41.69 42.43 -28.77
CA VAL B 723 41.36 42.41 -30.19
C VAL B 723 41.01 43.83 -30.62
N VAL B 724 40.08 44.49 -29.93
CA VAL B 724 39.57 45.81 -30.29
C VAL B 724 40.62 46.93 -30.10
N ALA B 725 41.57 46.77 -29.16
CA ALA B 725 42.65 47.74 -28.95
C ALA B 725 43.70 47.74 -30.08
N PRO B 726 44.42 46.61 -30.36
CA PRO B 726 45.36 46.56 -31.50
C PRO B 726 44.72 46.88 -32.85
N LEU B 727 43.53 46.32 -33.13
CA LEU B 727 42.67 46.67 -34.27
C LEU B 727 42.45 48.17 -34.44
N GLY B 728 41.99 48.82 -33.37
CA GLY B 728 41.68 50.24 -33.34
C GLY B 728 42.95 51.07 -33.56
N TYR B 729 44.09 50.67 -32.97
CA TYR B 729 45.40 51.29 -33.19
C TYR B 729 45.86 51.24 -34.64
N ASN B 730 45.60 50.10 -35.29
CA ASN B 730 45.87 49.91 -36.70
C ASN B 730 45.04 50.89 -37.54
N GLY B 731 43.72 50.80 -37.42
CA GLY B 731 42.76 51.65 -38.12
C GLY B 731 43.00 53.15 -37.92
N LEU B 732 43.38 53.58 -36.70
CA LEU B 732 43.59 55.00 -36.38
C LEU B 732 44.87 55.57 -37.01
N LEU B 733 45.97 54.79 -37.01
CA LEU B 733 47.22 55.21 -37.66
C LEU B 733 47.07 55.25 -39.19
N ILE B 734 46.31 54.31 -39.77
CA ILE B 734 45.99 54.32 -41.20
C ILE B 734 45.18 55.57 -41.56
N MET B 735 44.12 55.85 -40.80
CA MET B 735 43.24 56.98 -41.12
C MET B 735 43.86 58.34 -40.90
N SER B 736 44.80 58.50 -39.96
CA SER B 736 45.54 59.75 -39.82
C SER B 736 46.50 59.98 -41.01
N CYS B 737 47.11 58.91 -41.51
CA CYS B 737 48.04 59.00 -42.63
C CYS B 737 47.35 59.13 -43.98
N THR B 738 46.21 58.44 -44.16
CA THR B 738 45.35 58.60 -45.34
C THR B 738 44.62 59.95 -45.32
N TYR B 739 44.44 60.55 -44.13
CA TYR B 739 43.98 61.92 -43.98
C TYR B 739 45.01 62.94 -44.49
N TYR B 740 46.30 62.73 -44.18
CA TYR B 740 47.38 63.50 -44.80
C TYR B 740 47.50 63.22 -46.31
N ALA B 741 47.27 61.96 -46.70
CA ALA B 741 47.35 61.48 -48.09
C ALA B 741 46.03 61.53 -48.84
N PHE B 742 45.11 62.43 -48.43
CA PHE B 742 43.96 62.80 -49.23
C PHE B 742 44.36 63.53 -50.53
N LYS B 743 45.60 64.01 -50.60
CA LYS B 743 46.14 64.79 -51.71
C LYS B 743 47.02 63.96 -52.67
N THR B 744 47.19 62.65 -52.40
CA THR B 744 47.80 61.72 -53.35
C THR B 744 46.76 60.74 -53.94
N ARG B 745 45.58 60.62 -53.32
CA ARG B 745 44.41 59.99 -53.95
C ARG B 745 43.80 60.85 -55.08
N ASN B 746 44.44 61.98 -55.40
CA ASN B 746 44.02 62.96 -56.40
C ASN B 746 45.10 63.11 -57.48
N VAL B 747 46.38 63.09 -57.10
CA VAL B 747 47.51 63.34 -58.01
C VAL B 747 48.83 62.74 -57.45
N PRO B 748 49.48 61.84 -58.21
CA PRO B 748 50.90 61.50 -57.99
C PRO B 748 51.84 62.41 -58.81
N ALA B 749 53.06 62.61 -58.31
CA ALA B 749 54.11 63.39 -58.98
C ALA B 749 55.31 62.52 -59.39
N ASN B 750 55.03 61.27 -59.77
CA ASN B 750 56.03 60.20 -59.91
C ASN B 750 55.55 59.20 -60.97
N PHE B 751 55.98 57.93 -60.84
CA PHE B 751 55.44 56.82 -61.63
C PHE B 751 54.22 56.21 -60.89
N ASN B 752 53.35 57.09 -60.35
CA ASN B 752 52.05 56.76 -59.78
C ASN B 752 52.10 56.04 -58.41
N GLU B 753 53.27 56.08 -57.74
CA GLU B 753 53.53 55.47 -56.43
C GLU B 753 52.47 55.87 -55.38
N ALA B 754 52.52 57.12 -54.92
CA ALA B 754 51.74 57.59 -53.78
C ALA B 754 50.21 57.47 -53.96
N LYS B 755 49.74 57.58 -55.21
CA LYS B 755 48.34 57.33 -55.56
C LYS B 755 47.94 55.86 -55.40
N TYR B 756 48.78 54.94 -55.93
CA TYR B 756 48.62 53.50 -55.67
C TYR B 756 48.79 53.12 -54.21
N ILE B 757 49.49 53.95 -53.41
CA ILE B 757 49.66 53.69 -52.00
C ILE B 757 48.47 54.20 -51.17
N ALA B 758 47.79 55.30 -51.57
CA ALA B 758 46.47 55.63 -51.02
C ALA B 758 45.40 54.59 -51.43
N PHE B 759 45.56 53.99 -52.62
CA PHE B 759 44.79 52.84 -53.06
C PHE B 759 45.11 51.60 -52.20
N THR B 760 46.38 51.41 -51.80
CA THR B 760 46.79 50.41 -50.82
C THR B 760 46.11 50.62 -49.47
N MET B 761 46.11 51.87 -48.97
CA MET B 761 45.47 52.26 -47.70
C MET B 761 43.99 51.88 -47.69
N TYR B 762 43.25 52.29 -48.74
CA TYR B 762 41.86 51.88 -48.95
C TYR B 762 41.70 50.36 -48.95
N THR B 763 42.28 49.69 -49.96
CA THR B 763 42.12 48.25 -50.22
C THR B 763 42.55 47.33 -49.05
N THR B 764 43.40 47.82 -48.14
CA THR B 764 43.85 47.11 -46.94
C THR B 764 43.01 47.46 -45.70
N CYS B 765 42.66 48.74 -45.48
CA CYS B 765 41.84 49.16 -44.33
C CYS B 765 40.41 48.63 -44.42
N ILE B 766 39.88 48.50 -45.65
CA ILE B 766 38.55 47.92 -45.88
C ILE B 766 38.49 46.45 -45.46
N ILE B 767 39.51 45.64 -45.80
CA ILE B 767 39.52 44.23 -45.46
C ILE B 767 39.76 44.01 -43.96
N TRP B 768 40.58 44.87 -43.32
CA TRP B 768 40.74 44.86 -41.88
C TRP B 768 39.43 45.16 -41.15
N LEU B 769 38.84 46.34 -41.43
CA LEU B 769 37.65 46.84 -40.74
C LEU B 769 36.33 46.22 -41.25
N ALA B 770 36.40 45.32 -42.25
CA ALA B 770 35.31 44.43 -42.64
C ALA B 770 35.53 43.01 -42.11
N PHE B 771 36.74 42.69 -41.66
CA PHE B 771 37.08 41.42 -41.03
C PHE B 771 36.64 41.34 -39.55
N VAL B 772 36.50 42.50 -38.89
CA VAL B 772 36.16 42.53 -37.47
C VAL B 772 34.86 41.80 -37.03
N PRO B 773 33.73 41.85 -37.78
CA PRO B 773 32.52 41.12 -37.35
C PRO B 773 32.57 39.62 -37.67
N ILE B 774 33.43 39.20 -38.62
CA ILE B 774 33.61 37.79 -38.99
C ILE B 774 34.68 37.10 -38.10
N TYR B 775 35.35 37.87 -37.23
CA TYR B 775 36.14 37.35 -36.12
C TYR B 775 35.41 37.49 -34.79
N PHE B 776 34.59 38.54 -34.65
CA PHE B 776 33.92 38.90 -33.41
C PHE B 776 32.61 38.12 -33.25
N GLY B 777 31.67 38.37 -34.17
CA GLY B 777 30.29 37.89 -34.08
C GLY B 777 30.13 36.45 -34.56
N SER B 778 31.19 35.86 -35.15
CA SER B 778 31.22 34.47 -35.60
C SER B 778 31.65 33.52 -34.46
N ASN B 779 31.94 32.28 -34.85
CA ASN B 779 32.36 31.18 -34.01
C ASN B 779 33.87 30.92 -34.19
N TYR B 780 34.32 30.72 -35.43
CA TYR B 780 35.70 30.32 -35.72
C TYR B 780 36.59 31.55 -35.91
N LYS B 781 37.82 31.46 -35.40
CA LYS B 781 38.66 32.61 -35.10
C LYS B 781 40.06 32.52 -35.70
N ILE B 782 40.70 31.36 -35.57
CA ILE B 782 42.15 31.19 -35.80
C ILE B 782 42.55 31.46 -37.25
N ILE B 783 41.99 30.68 -38.20
CA ILE B 783 42.31 30.85 -39.61
C ILE B 783 41.78 32.18 -40.18
N THR B 784 40.76 32.75 -39.53
CA THR B 784 40.18 34.02 -39.90
C THR B 784 41.14 35.18 -39.58
N THR B 785 41.80 35.17 -38.40
CA THR B 785 42.91 36.11 -38.12
C THR B 785 44.06 35.95 -39.12
N CYS B 786 44.37 34.69 -39.51
CA CYS B 786 45.34 34.40 -40.55
C CYS B 786 44.95 35.04 -41.88
N PHE B 787 43.69 34.89 -42.29
CA PHE B 787 43.13 35.54 -43.46
C PHE B 787 43.32 37.05 -43.40
N ALA B 788 42.80 37.71 -42.35
CA ALA B 788 42.94 39.14 -42.14
C ALA B 788 44.35 39.67 -42.35
N VAL B 789 45.31 39.10 -41.60
CA VAL B 789 46.66 39.62 -41.51
C VAL B 789 47.55 39.20 -42.69
N SER B 790 47.44 37.94 -43.16
CA SER B 790 48.11 37.48 -44.38
C SER B 790 47.63 38.25 -45.61
N LEU B 791 46.30 38.37 -45.79
CA LEU B 791 45.67 39.16 -46.86
C LEU B 791 46.14 40.61 -46.82
N SER B 792 46.05 41.27 -45.65
CA SER B 792 46.45 42.67 -45.47
C SER B 792 47.89 42.93 -45.90
N VAL B 793 48.84 42.09 -45.46
CA VAL B 793 50.24 42.28 -45.82
C VAL B 793 50.51 41.90 -47.27
N THR B 794 50.09 40.71 -47.73
CA THR B 794 50.28 40.28 -49.13
C THR B 794 49.72 41.27 -50.17
N VAL B 795 48.58 41.91 -49.89
CA VAL B 795 47.99 42.91 -50.77
C VAL B 795 48.64 44.30 -50.62
N ALA B 796 49.14 44.64 -49.42
CA ALA B 796 49.96 45.84 -49.22
C ALA B 796 51.25 45.79 -50.05
N LEU B 797 51.95 44.65 -50.01
CA LEU B 797 53.08 44.32 -50.87
C LEU B 797 52.72 44.39 -52.36
N GLY B 798 51.67 43.66 -52.75
CA GLY B 798 51.14 43.59 -54.10
C GLY B 798 50.76 44.96 -54.71
N CYS B 799 50.55 45.98 -53.87
CA CYS B 799 50.02 47.27 -54.28
C CYS B 799 51.00 48.44 -54.05
N MET B 800 52.14 48.21 -53.38
CA MET B 800 53.13 49.26 -53.16
C MET B 800 54.54 48.84 -53.59
N PHE B 801 54.82 47.53 -53.62
CA PHE B 801 56.18 47.03 -53.77
C PHE B 801 56.42 46.18 -55.03
N THR B 802 55.40 45.44 -55.46
CA THR B 802 55.46 44.73 -56.73
C THR B 802 55.42 45.62 -57.99
N PRO B 803 54.76 46.82 -57.98
CA PRO B 803 54.83 47.72 -59.14
C PRO B 803 56.25 48.30 -59.33
N LYS B 804 56.85 48.81 -58.24
CA LYS B 804 58.14 49.49 -58.26
C LYS B 804 59.28 48.65 -58.84
N MET B 805 59.29 47.34 -58.54
CA MET B 805 60.30 46.42 -59.05
C MET B 805 60.36 46.35 -60.59
N TYR B 806 59.21 46.53 -61.25
CA TYR B 806 59.12 46.69 -62.69
C TYR B 806 59.31 48.12 -63.20
N ILE B 807 58.92 49.17 -62.44
CA ILE B 807 59.03 50.54 -62.95
C ILE B 807 60.47 51.09 -62.95
N ILE B 808 61.43 50.44 -62.26
CA ILE B 808 62.78 50.96 -62.09
C ILE B 808 63.82 49.96 -62.65
N ILE B 809 63.42 49.19 -63.68
CA ILE B 809 64.28 48.22 -64.39
C ILE B 809 65.27 48.98 -65.26
N GLN C 1 -13.95 -28.76 47.74
CA GLN C 1 -13.59 -29.19 49.14
C GLN C 1 -12.53 -30.29 48.95
N VAL C 2 -11.28 -29.98 49.30
CA VAL C 2 -10.18 -30.93 49.20
C VAL C 2 -10.11 -31.77 50.49
N GLN C 3 -10.28 -33.08 50.33
CA GLN C 3 -10.19 -34.04 51.42
C GLN C 3 -8.77 -34.59 51.57
N LEU C 4 -8.41 -34.92 52.81
CA LEU C 4 -7.06 -35.28 53.21
C LEU C 4 -7.00 -36.69 53.80
N VAL C 5 -5.81 -37.28 53.69
CA VAL C 5 -5.40 -38.53 54.29
C VAL C 5 -3.91 -38.45 54.64
N GLU C 6 -3.52 -39.09 55.74
CA GLU C 6 -2.12 -39.22 56.17
C GLU C 6 -1.57 -40.57 55.72
N SER C 7 -0.24 -40.67 55.71
CA SER C 7 0.48 -41.89 55.35
C SER C 7 1.87 -41.85 55.99
N GLY C 8 2.28 -42.96 56.63
CA GLY C 8 3.64 -43.10 57.16
C GLY C 8 3.70 -42.94 58.68
N GLY C 9 2.79 -43.61 59.42
CA GLY C 9 2.94 -43.77 60.87
C GLY C 9 4.00 -44.85 61.17
N GLY C 10 4.62 -44.82 62.36
CA GLY C 10 5.60 -45.84 62.73
C GLY C 10 6.03 -45.69 64.19
N LEU C 11 6.08 -46.83 64.90
CA LEU C 11 6.61 -46.97 66.26
C LEU C 11 8.11 -47.20 66.17
N VAL C 12 8.87 -46.10 66.26
CA VAL C 12 10.32 -46.11 66.12
C VAL C 12 10.88 -45.45 67.37
N GLN C 13 11.90 -46.06 67.96
CA GLN C 13 12.73 -45.52 69.03
C GLN C 13 13.27 -44.10 68.78
N ALA C 14 13.87 -43.50 69.81
CA ALA C 14 14.54 -42.21 69.68
C ALA C 14 15.68 -42.24 68.65
N GLY C 15 16.00 -41.06 68.09
CA GLY C 15 17.06 -40.86 67.10
C GLY C 15 16.65 -41.27 65.68
N GLY C 16 15.65 -42.17 65.52
CA GLY C 16 15.21 -42.67 64.23
C GLY C 16 14.39 -41.57 63.53
N SER C 17 15.00 -40.98 62.49
CA SER C 17 14.40 -39.95 61.65
C SER C 17 13.28 -40.57 60.80
N LEU C 18 12.04 -40.08 60.94
CA LEU C 18 10.84 -40.74 60.44
C LEU C 18 10.04 -39.79 59.54
N ARG C 19 9.35 -40.37 58.55
CA ARG C 19 8.64 -39.65 57.50
C ARG C 19 7.13 -39.73 57.67
N LEU C 20 6.45 -38.60 57.46
CA LEU C 20 4.99 -38.50 57.40
C LEU C 20 4.62 -37.75 56.14
N SER C 21 3.66 -38.29 55.38
CA SER C 21 3.26 -37.80 54.08
C SER C 21 1.73 -37.66 54.07
N CYS C 22 1.19 -36.44 54.17
CA CYS C 22 -0.25 -36.22 54.03
C CYS C 22 -0.60 -35.90 52.59
N ALA C 23 -1.26 -36.86 51.93
CA ALA C 23 -1.79 -36.70 50.59
C ALA C 23 -3.20 -36.08 50.65
N ALA C 24 -3.43 -35.11 49.77
CA ALA C 24 -4.69 -34.49 49.44
C ALA C 24 -5.33 -35.19 48.25
N SER C 25 -6.61 -34.86 48.03
CA SER C 25 -7.46 -35.53 47.05
C SER C 25 -8.41 -34.50 46.45
N GLY C 26 -7.98 -33.87 45.34
CA GLY C 26 -8.85 -33.00 44.57
C GLY C 26 -8.03 -31.99 43.80
N ARG C 27 -8.67 -31.36 42.79
CA ARG C 27 -8.16 -30.17 42.12
C ARG C 27 -7.99 -29.00 43.10
N THR C 28 -7.40 -27.89 42.64
CA THR C 28 -7.36 -26.63 43.40
C THR C 28 -6.60 -26.80 44.74
N PHE C 29 -5.33 -27.22 44.66
CA PHE C 29 -4.52 -27.52 45.85
C PHE C 29 -3.23 -26.72 45.93
N THR C 30 -2.73 -26.17 44.81
CA THR C 30 -1.67 -25.16 44.85
C THR C 30 -2.15 -23.80 45.40
N SER C 31 -3.44 -23.72 45.79
CA SER C 31 -4.07 -22.57 46.45
C SER C 31 -4.38 -22.81 47.94
N TYR C 32 -3.79 -23.84 48.56
CA TYR C 32 -3.96 -24.14 49.98
C TYR C 32 -2.61 -24.19 50.66
N ALA C 33 -2.53 -23.64 51.87
CA ALA C 33 -1.45 -23.88 52.82
C ALA C 33 -1.80 -25.13 53.65
N MET C 34 -0.79 -25.78 54.23
CA MET C 34 -1.00 -26.97 55.05
C MET C 34 -0.33 -26.82 56.41
N GLY C 35 -0.77 -27.67 57.33
CA GLY C 35 -0.35 -27.69 58.71
C GLY C 35 -0.25 -29.13 59.18
N TRP C 36 0.54 -29.32 60.23
CA TRP C 36 0.70 -30.55 60.98
C TRP C 36 0.50 -30.24 62.44
N PHE C 37 -0.42 -31.00 63.04
CA PHE C 37 -0.80 -30.90 64.44
C PHE C 37 -0.46 -32.20 65.14
N ARG C 38 -0.34 -32.16 66.48
CA ARG C 38 -0.21 -33.38 67.29
C ARG C 38 -0.87 -33.22 68.64
N GLN C 39 -1.34 -34.34 69.21
CA GLN C 39 -1.84 -34.38 70.58
C GLN C 39 -1.23 -35.58 71.28
N ALA C 40 -0.39 -35.31 72.30
CA ALA C 40 0.16 -36.35 73.17
C ALA C 40 -0.93 -37.06 73.98
N PRO C 41 -0.64 -38.23 74.60
CA PRO C 41 -1.64 -38.97 75.39
C PRO C 41 -2.17 -38.14 76.57
N GLY C 42 -3.43 -37.71 76.48
CA GLY C 42 -4.03 -36.75 77.41
C GLY C 42 -3.31 -35.40 77.31
N LYS C 43 -3.46 -34.72 76.17
CA LYS C 43 -2.82 -33.43 75.91
C LYS C 43 -3.76 -32.55 75.08
N GLU C 44 -3.18 -31.58 74.35
CA GLU C 44 -3.89 -30.70 73.42
C GLU C 44 -3.28 -30.85 72.02
N ARG C 45 -4.10 -30.64 70.99
CA ARG C 45 -3.70 -30.72 69.60
C ARG C 45 -2.80 -29.54 69.20
N GLU C 46 -1.54 -29.55 69.65
CA GLU C 46 -0.53 -28.55 69.35
C GLU C 46 -0.34 -28.41 67.85
N SER C 47 0.01 -27.20 67.42
CA SER C 47 0.39 -26.91 66.06
C SER C 47 1.88 -27.21 65.86
N VAL C 48 2.20 -28.45 65.44
CA VAL C 48 3.58 -28.90 65.22
C VAL C 48 4.34 -28.00 64.24
N ALA C 49 3.78 -27.86 63.03
CA ALA C 49 4.39 -27.12 61.95
C ALA C 49 3.35 -26.83 60.88
N ALA C 50 3.78 -26.15 59.83
CA ALA C 50 2.96 -25.76 58.69
C ALA C 50 3.84 -25.19 57.59
N ILE C 51 3.23 -25.01 56.43
CA ILE C 51 3.83 -24.41 55.27
C ILE C 51 2.79 -23.54 54.58
N SER C 52 3.27 -22.46 53.95
CA SER C 52 2.57 -21.58 53.01
C SER C 52 1.84 -22.36 51.91
N SER C 53 0.95 -21.66 51.20
CA SER C 53 0.29 -22.24 50.04
C SER C 53 1.24 -22.50 48.87
N SER C 54 1.92 -21.46 48.37
CA SER C 54 2.77 -21.62 47.19
C SER C 54 3.99 -22.54 47.42
N GLY C 55 4.33 -22.80 48.71
CA GLY C 55 5.58 -23.41 49.11
C GLY C 55 6.67 -22.35 49.02
N GLY C 56 7.69 -22.49 49.86
CA GLY C 56 8.75 -21.49 49.94
C GLY C 56 8.45 -20.47 51.03
N SER C 57 7.73 -20.90 52.09
CA SER C 57 7.77 -20.26 53.40
C SER C 57 7.14 -21.22 54.41
N THR C 58 7.95 -21.66 55.35
CA THR C 58 7.63 -22.74 56.27
C THR C 58 7.69 -22.24 57.71
N HIS C 59 6.91 -22.93 58.56
CA HIS C 59 6.74 -22.60 59.96
C HIS C 59 6.85 -23.88 60.78
N TYR C 60 7.57 -23.78 61.89
CA TYR C 60 7.74 -24.84 62.86
C TYR C 60 7.47 -24.22 64.22
N ALA C 61 6.76 -24.95 65.09
CA ALA C 61 6.63 -24.58 66.49
C ALA C 61 8.00 -24.49 67.16
N ASP C 62 8.08 -23.67 68.21
CA ASP C 62 9.25 -23.56 69.08
C ASP C 62 9.70 -24.93 69.63
N SER C 63 8.71 -25.71 70.08
CA SER C 63 8.86 -27.02 70.71
C SER C 63 9.55 -28.09 69.83
N VAL C 64 9.63 -27.87 68.51
CA VAL C 64 10.33 -28.74 67.57
C VAL C 64 11.22 -27.93 66.59
N LYS C 65 11.44 -26.64 66.89
CA LYS C 65 11.98 -25.62 65.98
C LYS C 65 13.21 -26.05 65.21
N GLY C 66 13.11 -25.92 63.88
CA GLY C 66 14.19 -26.14 62.92
C GLY C 66 14.61 -27.61 62.77
N ARG C 67 14.28 -28.50 63.73
CA ARG C 67 14.63 -29.91 63.70
C ARG C 67 13.87 -30.64 62.59
N PHE C 68 12.55 -30.44 62.55
CA PHE C 68 11.67 -31.12 61.60
C PHE C 68 11.60 -30.31 60.31
N THR C 69 11.32 -31.01 59.22
CA THR C 69 11.43 -30.49 57.87
C THR C 69 10.12 -30.73 57.14
N ILE C 70 9.42 -29.63 56.80
CA ILE C 70 8.19 -29.69 56.03
C ILE C 70 8.45 -29.17 54.61
N SER C 71 8.04 -29.97 53.62
CA SER C 71 8.05 -29.61 52.21
C SER C 71 6.71 -29.99 51.60
N ARG C 72 6.43 -29.44 50.43
CA ARG C 72 5.22 -29.75 49.70
C ARG C 72 5.53 -29.99 48.22
N ASP C 73 4.78 -30.93 47.64
CA ASP C 73 4.67 -31.10 46.20
C ASP C 73 3.18 -30.95 45.85
N ASN C 74 2.94 -30.04 44.89
CA ASN C 74 1.61 -29.63 44.43
C ASN C 74 1.08 -30.50 43.31
N SER C 75 1.97 -31.03 42.45
CA SER C 75 1.62 -32.01 41.42
C SER C 75 1.03 -33.30 42.04
N LYS C 76 1.57 -33.69 43.20
CA LYS C 76 1.14 -34.88 43.92
C LYS C 76 -0.01 -34.62 44.89
N ASN C 77 -0.22 -33.35 45.27
CA ASN C 77 -1.15 -32.94 46.33
C ASN C 77 -0.68 -33.50 47.67
N THR C 78 0.59 -33.34 48.02
CA THR C 78 1.13 -34.02 49.20
C THR C 78 2.14 -33.12 49.91
N VAL C 79 2.15 -33.22 51.24
CA VAL C 79 3.10 -32.56 52.12
C VAL C 79 3.90 -33.64 52.85
N TYR C 80 5.17 -33.33 53.18
CA TYR C 80 6.07 -34.26 53.81
C TYR C 80 6.69 -33.61 55.05
N LEU C 81 6.37 -34.14 56.24
CA LEU C 81 7.06 -33.81 57.48
C LEU C 81 8.06 -34.92 57.77
N GLN C 82 9.34 -34.65 57.47
CA GLN C 82 10.44 -35.52 57.84
C GLN C 82 11.08 -34.95 59.11
N MET C 83 10.98 -35.71 60.20
CA MET C 83 11.46 -35.30 61.52
C MET C 83 12.80 -35.99 61.79
N ASN C 84 13.74 -35.26 62.38
CA ASN C 84 15.01 -35.82 62.86
C ASN C 84 14.97 -35.97 64.37
N SER C 85 15.97 -36.73 64.86
CA SER C 85 16.39 -36.79 66.26
C SER C 85 15.22 -37.05 67.20
N LEU C 86 14.30 -37.95 66.79
CA LEU C 86 13.05 -38.24 67.48
C LEU C 86 13.31 -38.57 68.95
N LYS C 87 12.44 -38.11 69.83
CA LYS C 87 12.59 -38.33 71.28
C LYS C 87 11.22 -38.71 71.83
N PRO C 88 11.12 -39.54 72.90
CA PRO C 88 9.84 -40.07 73.38
C PRO C 88 8.66 -39.12 73.65
N GLU C 89 8.92 -37.80 73.75
CA GLU C 89 7.89 -36.76 73.82
C GLU C 89 7.46 -36.23 72.43
N ASP C 90 8.16 -36.61 71.36
CA ASP C 90 7.73 -36.49 69.96
C ASP C 90 6.70 -37.58 69.58
N THR C 91 6.18 -38.31 70.58
CA THR C 91 5.06 -39.21 70.47
C THR C 91 3.74 -38.46 70.67
N ALA C 92 2.81 -38.65 69.74
CA ALA C 92 1.50 -38.04 69.75
C ALA C 92 0.75 -38.48 68.51
N VAL C 93 -0.58 -38.32 68.53
CA VAL C 93 -1.39 -38.48 67.34
C VAL C 93 -1.16 -37.29 66.40
N TYR C 94 -0.66 -37.50 65.17
CA TYR C 94 -0.32 -36.42 64.24
C TYR C 94 -1.37 -36.27 63.15
N TYR C 95 -2.02 -35.10 63.09
CA TYR C 95 -3.08 -34.81 62.12
C TYR C 95 -2.57 -33.76 61.12
N CYS C 96 -2.92 -33.89 59.83
CA CYS C 96 -2.70 -32.84 58.85
C CYS C 96 -3.96 -31.99 58.68
N ALA C 97 -3.77 -30.73 58.30
CA ALA C 97 -4.84 -29.75 58.27
C ALA C 97 -4.56 -28.74 57.15
N ALA C 98 -5.46 -28.65 56.16
CA ALA C 98 -5.34 -27.63 55.12
C ALA C 98 -5.87 -26.30 55.68
N ALA C 99 -4.99 -25.30 55.73
CA ALA C 99 -5.31 -23.95 56.21
C ALA C 99 -5.34 -22.97 55.06
N MET C 100 -6.39 -22.14 55.06
CA MET C 100 -6.60 -21.09 54.08
C MET C 100 -7.28 -19.92 54.80
N TYR C 101 -7.08 -18.68 54.29
CA TYR C 101 -7.63 -17.44 54.87
C TYR C 101 -7.25 -17.26 56.33
N GLY C 102 -5.96 -17.47 56.58
CA GLY C 102 -5.42 -17.41 57.91
C GLY C 102 -4.92 -16.02 58.19
N SER C 103 -4.82 -15.71 59.50
CA SER C 103 -4.07 -14.60 60.01
C SER C 103 -2.56 -14.94 60.08
N ARG C 104 -1.77 -14.19 60.86
CA ARG C 104 -0.39 -14.57 61.17
C ARG C 104 -0.33 -15.99 61.76
N TRP C 105 0.71 -16.77 61.43
CA TRP C 105 0.85 -18.12 61.97
C TRP C 105 1.08 -18.06 63.49
N PRO C 106 0.49 -18.99 64.28
CA PRO C 106 -0.31 -20.14 63.85
C PRO C 106 -1.82 -19.91 63.89
N ASP C 107 -2.25 -18.66 63.69
CA ASP C 107 -3.66 -18.30 63.74
C ASP C 107 -4.19 -18.30 62.31
N TRP C 108 -4.34 -19.51 61.76
CA TRP C 108 -4.96 -19.75 60.46
C TRP C 108 -6.36 -20.35 60.61
N GLU C 109 -7.03 -20.59 59.49
CA GLU C 109 -8.28 -21.35 59.47
C GLU C 109 -8.04 -22.73 58.89
N TYR C 110 -7.70 -23.66 59.77
CA TYR C 110 -7.60 -25.09 59.50
C TYR C 110 -9.01 -25.70 59.52
N ASP C 111 -9.59 -25.80 58.33
CA ASP C 111 -10.95 -26.27 58.07
C ASP C 111 -10.94 -27.71 57.55
N TYR C 112 -10.05 -28.00 56.58
CA TYR C 112 -9.93 -29.33 55.96
C TYR C 112 -9.00 -30.23 56.77
N TRP C 113 -9.44 -30.56 58.00
CA TRP C 113 -8.75 -31.51 58.85
C TRP C 113 -8.69 -32.90 58.24
N GLY C 114 -7.52 -33.51 58.39
CA GLY C 114 -7.14 -34.82 57.88
C GLY C 114 -7.81 -35.94 58.63
N GLN C 115 -7.24 -37.14 58.48
CA GLN C 115 -7.74 -38.36 59.09
C GLN C 115 -7.18 -38.56 60.50
N GLY C 116 -5.86 -38.48 60.62
CA GLY C 116 -5.11 -38.63 61.86
C GLY C 116 -4.27 -39.90 61.82
N THR C 117 -3.22 -39.92 62.65
CA THR C 117 -2.26 -41.02 62.77
C THR C 117 -1.82 -41.17 64.23
N GLN C 118 -0.95 -42.17 64.45
CA GLN C 118 -0.15 -42.26 65.66
C GLN C 118 1.28 -42.57 65.23
N VAL C 119 2.20 -41.68 65.63
CA VAL C 119 3.61 -41.77 65.28
C VAL C 119 4.39 -41.65 66.60
N THR C 120 4.58 -42.81 67.23
CA THR C 120 5.20 -42.90 68.54
C THR C 120 6.72 -42.96 68.41
N VAL C 121 7.35 -42.40 69.45
CA VAL C 121 8.76 -42.51 69.68
C VAL C 121 8.96 -43.38 70.94
N SER C 122 9.26 -44.67 70.71
CA SER C 122 9.53 -45.61 71.78
C SER C 122 10.93 -45.41 72.38
N SER C 123 11.32 -46.34 73.25
CA SER C 123 12.67 -46.40 73.83
C SER C 123 13.65 -47.11 72.82
N GLN D 1 -25.46 -45.58 27.30
CA GLN D 1 -26.26 -46.72 26.76
C GLN D 1 -27.68 -46.60 27.35
N VAL D 2 -28.65 -47.29 26.71
CA VAL D 2 -30.08 -47.19 27.04
C VAL D 2 -30.43 -48.04 28.29
N GLN D 3 -31.31 -47.49 29.14
CA GLN D 3 -31.86 -48.16 30.31
C GLN D 3 -33.36 -47.93 30.27
N LEU D 4 -34.16 -49.00 30.26
CA LEU D 4 -35.60 -48.91 30.03
C LEU D 4 -36.41 -49.08 31.31
N VAL D 5 -37.72 -48.84 31.16
CA VAL D 5 -38.75 -49.03 32.17
C VAL D 5 -40.13 -49.15 31.51
N GLU D 6 -40.92 -50.15 31.91
CA GLU D 6 -42.19 -50.50 31.27
C GLU D 6 -43.29 -50.47 32.30
N SER D 7 -44.32 -49.69 32.00
CA SER D 7 -45.49 -49.45 32.83
C SER D 7 -46.74 -49.54 31.95
N GLY D 8 -47.91 -49.42 32.59
CA GLY D 8 -49.21 -49.38 31.91
C GLY D 8 -49.88 -50.76 31.86
N GLY D 9 -49.12 -51.87 31.98
CA GLY D 9 -49.66 -53.23 32.14
C GLY D 9 -50.43 -53.34 33.46
N GLY D 10 -51.46 -54.19 33.49
CA GLY D 10 -52.31 -54.38 34.67
C GLY D 10 -53.57 -55.12 34.28
N LEU D 11 -54.38 -55.44 35.30
CA LEU D 11 -55.60 -56.25 35.25
C LEU D 11 -56.77 -55.50 34.62
N VAL D 12 -57.04 -55.83 33.34
CA VAL D 12 -58.14 -55.25 32.59
C VAL D 12 -58.95 -56.41 31.96
N GLN D 13 -60.07 -56.06 31.28
CA GLN D 13 -61.08 -57.02 30.84
C GLN D 13 -60.96 -57.37 29.36
N ALA D 14 -61.81 -58.32 28.94
CA ALA D 14 -62.03 -58.69 27.56
C ALA D 14 -62.86 -57.59 26.86
N GLY D 15 -62.15 -56.67 26.18
CA GLY D 15 -62.72 -55.47 25.58
C GLY D 15 -62.16 -54.21 26.24
N GLY D 16 -61.28 -54.34 27.25
CA GLY D 16 -60.74 -53.23 28.01
C GLY D 16 -59.51 -52.68 27.30
N SER D 17 -59.57 -51.40 26.92
CA SER D 17 -58.49 -50.74 26.23
C SER D 17 -57.53 -50.14 27.26
N LEU D 18 -56.25 -50.55 27.23
CA LEU D 18 -55.25 -50.21 28.24
C LEU D 18 -54.01 -49.60 27.59
N ARG D 19 -53.38 -48.67 28.32
CA ARG D 19 -52.12 -48.01 27.97
C ARG D 19 -50.92 -48.96 28.11
N LEU D 20 -49.84 -48.69 27.37
CA LEU D 20 -48.56 -49.33 27.61
C LEU D 20 -47.51 -48.22 27.47
N SER D 21 -46.98 -47.74 28.59
CA SER D 21 -45.99 -46.67 28.62
C SER D 21 -44.60 -47.24 28.88
N CYS D 22 -43.77 -47.26 27.82
CA CYS D 22 -42.38 -47.69 27.90
C CYS D 22 -41.50 -46.46 27.91
N ALA D 23 -41.19 -46.00 29.13
CA ALA D 23 -40.25 -44.92 29.37
C ALA D 23 -38.80 -45.40 29.33
N ALA D 24 -37.88 -44.48 29.06
CA ALA D 24 -36.48 -44.81 28.76
C ALA D 24 -35.52 -43.80 29.35
N SER D 25 -34.28 -44.26 29.50
CA SER D 25 -33.05 -43.49 29.68
C SER D 25 -32.31 -43.46 28.33
N GLY D 26 -31.11 -42.86 28.36
CA GLY D 26 -30.29 -42.59 27.20
C GLY D 26 -30.89 -41.40 26.47
N ARG D 27 -30.03 -40.57 25.88
CA ARG D 27 -30.46 -39.39 25.18
C ARG D 27 -30.55 -39.60 23.66
N THR D 28 -29.92 -40.66 23.15
CA THR D 28 -29.99 -41.03 21.73
C THR D 28 -31.39 -41.54 21.32
N PHE D 29 -32.28 -41.87 22.29
CA PHE D 29 -33.54 -42.60 22.16
C PHE D 29 -34.39 -42.39 20.89
N THR D 30 -34.44 -41.17 20.35
CA THR D 30 -35.11 -40.90 19.08
C THR D 30 -34.38 -41.46 17.83
N SER D 31 -33.18 -42.02 18.00
CA SER D 31 -32.45 -42.80 17.00
C SER D 31 -32.96 -44.24 16.93
N TYR D 32 -33.36 -44.81 18.08
CA TYR D 32 -33.80 -46.20 18.19
C TYR D 32 -35.20 -46.37 17.62
N ALA D 33 -35.60 -47.64 17.42
CA ALA D 33 -36.95 -48.04 17.06
C ALA D 33 -37.43 -48.98 18.16
N MET D 34 -38.68 -48.81 18.60
CA MET D 34 -39.24 -49.65 19.67
C MET D 34 -40.00 -50.82 19.07
N GLY D 35 -40.11 -51.86 19.87
CA GLY D 35 -41.07 -52.92 19.65
C GLY D 35 -41.44 -53.47 21.00
N TRP D 36 -42.59 -54.14 21.04
CA TRP D 36 -43.10 -54.86 22.20
C TRP D 36 -43.22 -56.30 21.76
N PHE D 37 -42.40 -57.15 22.38
CA PHE D 37 -42.52 -58.58 22.22
C PHE D 37 -43.63 -59.10 23.13
N ARG D 38 -44.23 -60.20 22.72
CA ARG D 38 -45.36 -60.82 23.37
C ARG D 38 -44.98 -62.26 23.72
N GLN D 39 -44.70 -62.50 25.01
CA GLN D 39 -44.46 -63.82 25.56
C GLN D 39 -45.21 -63.98 26.90
N ALA D 40 -46.46 -64.49 26.85
CA ALA D 40 -47.12 -64.93 28.09
C ALA D 40 -46.53 -66.27 28.55
N PRO D 41 -46.71 -66.64 29.83
CA PRO D 41 -46.32 -67.99 30.28
C PRO D 41 -47.01 -69.10 29.46
N GLY D 42 -46.22 -70.11 29.07
CA GLY D 42 -46.68 -71.26 28.31
C GLY D 42 -46.68 -71.03 26.79
N LYS D 43 -46.51 -69.79 26.30
CA LYS D 43 -46.37 -69.47 24.89
C LYS D 43 -45.18 -68.54 24.72
N GLU D 44 -44.18 -69.02 23.95
CA GLU D 44 -42.89 -68.37 23.71
C GLU D 44 -43.00 -66.95 23.10
N ARG D 45 -41.85 -66.30 22.86
CA ARG D 45 -41.83 -64.92 22.40
C ARG D 45 -42.13 -64.78 20.91
N GLU D 46 -43.10 -63.90 20.60
CA GLU D 46 -43.40 -63.47 19.24
C GLU D 46 -43.52 -61.94 19.25
N SER D 47 -42.88 -61.29 18.27
CA SER D 47 -42.98 -59.85 18.06
C SER D 47 -44.36 -59.48 17.52
N VAL D 48 -45.10 -58.67 18.29
CA VAL D 48 -46.43 -58.22 17.92
C VAL D 48 -46.50 -56.72 17.63
N ALA D 49 -45.80 -55.87 18.39
CA ALA D 49 -45.93 -54.43 18.21
C ALA D 49 -44.56 -53.83 17.92
N ALA D 50 -44.56 -52.74 17.15
CA ALA D 50 -43.35 -52.10 16.68
C ALA D 50 -43.61 -50.75 16.04
N ILE D 51 -42.56 -49.94 16.05
CA ILE D 51 -42.60 -48.56 15.64
C ILE D 51 -41.18 -48.17 15.28
N SER D 52 -41.04 -47.46 14.16
CA SER D 52 -39.77 -46.94 13.66
C SER D 52 -39.16 -45.88 14.58
N SER D 53 -38.03 -45.28 14.17
CA SER D 53 -37.41 -44.20 14.93
C SER D 53 -38.23 -42.91 14.96
N SER D 54 -38.51 -42.39 13.76
CA SER D 54 -39.10 -41.08 13.53
C SER D 54 -40.55 -40.96 14.01
N GLY D 55 -41.14 -42.08 14.45
CA GLY D 55 -42.59 -42.22 14.49
C GLY D 55 -42.86 -42.85 13.13
N GLY D 56 -43.03 -42.01 12.09
CA GLY D 56 -43.18 -42.41 10.70
C GLY D 56 -44.27 -43.47 10.54
N SER D 57 -44.09 -44.41 9.61
CA SER D 57 -44.87 -45.63 9.57
C SER D 57 -44.49 -46.53 10.77
N THR D 58 -45.34 -47.50 11.04
CA THR D 58 -45.25 -48.29 12.25
C THR D 58 -45.83 -49.66 11.92
N HIS D 59 -45.83 -50.56 12.92
CA HIS D 59 -46.12 -51.96 12.67
C HIS D 59 -46.91 -52.58 13.82
N TYR D 60 -47.92 -53.36 13.46
CA TYR D 60 -48.72 -54.18 14.36
C TYR D 60 -48.77 -55.56 13.74
N ALA D 61 -48.79 -56.60 14.57
CA ALA D 61 -49.00 -57.97 14.14
C ALA D 61 -50.42 -58.05 13.62
N ASP D 62 -50.56 -58.44 12.35
CA ASP D 62 -51.80 -58.58 11.60
C ASP D 62 -52.96 -59.19 12.39
N SER D 63 -52.64 -60.24 13.17
CA SER D 63 -53.42 -60.93 14.19
C SER D 63 -54.17 -59.97 15.15
N VAL D 64 -53.58 -58.82 15.41
CA VAL D 64 -54.11 -57.76 16.25
C VAL D 64 -54.04 -56.37 15.57
N LYS D 65 -53.89 -56.32 14.24
CA LYS D 65 -53.87 -55.06 13.50
C LYS D 65 -55.29 -54.48 13.44
N GLY D 66 -55.42 -53.27 13.98
CA GLY D 66 -56.69 -52.61 14.22
C GLY D 66 -57.19 -52.81 15.66
N ARG D 67 -56.52 -53.67 16.46
CA ARG D 67 -56.85 -53.89 17.87
C ARG D 67 -55.88 -53.18 18.82
N PHE D 68 -55.09 -52.24 18.31
CA PHE D 68 -54.09 -51.51 19.09
C PHE D 68 -53.93 -50.10 18.50
N THR D 69 -53.15 -49.27 19.19
CA THR D 69 -52.48 -48.14 18.58
C THR D 69 -51.09 -47.99 19.19
N ILE D 70 -50.16 -47.38 18.46
CA ILE D 70 -48.81 -47.10 18.90
C ILE D 70 -48.54 -45.61 18.70
N SER D 71 -47.77 -45.06 19.62
CA SER D 71 -47.41 -43.66 19.68
C SER D 71 -45.99 -43.57 20.23
N ARG D 72 -45.34 -42.45 19.97
CA ARG D 72 -44.04 -42.21 20.53
C ARG D 72 -43.80 -40.74 20.71
N ASP D 73 -42.96 -40.44 21.70
CA ASP D 73 -42.46 -39.12 21.98
C ASP D 73 -40.95 -39.24 22.06
N ASN D 74 -40.29 -38.74 21.01
CA ASN D 74 -38.89 -38.33 21.04
C ASN D 74 -38.62 -37.29 22.14
N SER D 75 -39.64 -36.46 22.41
CA SER D 75 -39.63 -35.35 23.36
C SER D 75 -39.33 -35.85 24.77
N LYS D 76 -40.21 -36.73 25.29
CA LYS D 76 -40.16 -37.22 26.66
C LYS D 76 -39.29 -38.48 26.85
N ASN D 77 -38.56 -38.90 25.79
CA ASN D 77 -37.72 -40.10 25.77
C ASN D 77 -38.53 -41.37 26.07
N THR D 78 -39.75 -41.47 25.50
CA THR D 78 -40.70 -42.50 25.92
C THR D 78 -41.66 -42.83 24.77
N VAL D 79 -41.88 -44.14 24.57
CA VAL D 79 -42.86 -44.66 23.63
C VAL D 79 -44.12 -45.12 24.37
N TYR D 80 -45.20 -45.26 23.60
CA TYR D 80 -46.52 -45.63 24.08
C TYR D 80 -47.20 -46.62 23.14
N LEU D 81 -48.11 -47.41 23.69
CA LEU D 81 -49.04 -48.25 22.94
C LEU D 81 -50.38 -48.17 23.66
N GLN D 82 -51.40 -48.77 23.05
CA GLN D 82 -52.73 -48.93 23.58
C GLN D 82 -53.22 -50.27 23.02
N MET D 83 -53.75 -51.15 23.87
CA MET D 83 -54.54 -52.31 23.41
C MET D 83 -56.00 -51.88 23.31
N ASN D 84 -56.69 -52.38 22.29
CA ASN D 84 -58.14 -52.26 22.07
C ASN D 84 -58.68 -53.66 21.88
N SER D 85 -59.95 -53.85 22.28
CA SER D 85 -60.66 -55.11 22.14
C SER D 85 -59.89 -56.26 22.82
N LEU D 86 -59.37 -56.01 24.04
CA LEU D 86 -58.53 -56.95 24.79
C LEU D 86 -59.20 -58.32 24.93
N LYS D 87 -58.39 -59.37 25.07
CA LYS D 87 -58.85 -60.73 25.29
C LYS D 87 -58.02 -61.31 26.42
N PRO D 88 -58.53 -62.36 27.10
CA PRO D 88 -57.76 -63.08 28.13
C PRO D 88 -56.34 -63.49 27.75
N GLU D 89 -56.14 -63.86 26.47
CA GLU D 89 -54.89 -64.32 25.89
C GLU D 89 -54.04 -63.22 25.25
N ASP D 90 -54.59 -62.01 25.04
CA ASP D 90 -53.82 -60.87 24.54
C ASP D 90 -52.72 -60.43 25.49
N THR D 91 -52.85 -60.78 26.77
CA THR D 91 -51.75 -60.76 27.72
C THR D 91 -50.48 -61.46 27.20
N ALA D 92 -49.36 -60.92 27.66
CA ALA D 92 -48.04 -61.47 27.49
C ALA D 92 -47.05 -60.58 28.21
N VAL D 93 -45.84 -61.11 28.48
CA VAL D 93 -44.73 -60.28 28.91
C VAL D 93 -44.41 -59.33 27.76
N TYR D 94 -44.59 -58.04 28.04
CA TYR D 94 -44.50 -56.99 27.05
C TYR D 94 -43.12 -56.38 27.13
N TYR D 95 -42.16 -57.19 26.65
CA TYR D 95 -40.76 -56.80 26.50
C TYR D 95 -40.68 -55.73 25.43
N CYS D 96 -40.75 -54.48 25.90
CA CYS D 96 -40.41 -53.32 25.12
C CYS D 96 -38.90 -53.38 24.88
N ALA D 97 -38.54 -53.89 23.70
CA ALA D 97 -37.17 -53.97 23.24
C ALA D 97 -36.97 -52.89 22.19
N ALA D 98 -35.70 -52.58 21.91
CA ALA D 98 -35.36 -51.41 21.12
C ALA D 98 -34.17 -51.73 20.22
N ALA D 99 -34.40 -51.62 18.90
CA ALA D 99 -33.42 -51.90 17.88
C ALA D 99 -33.09 -50.61 17.13
N MET D 100 -31.80 -50.35 16.93
CA MET D 100 -31.35 -49.27 16.06
C MET D 100 -31.29 -49.78 14.62
N TYR D 101 -30.39 -50.72 14.32
CA TYR D 101 -30.32 -51.36 13.00
C TYR D 101 -31.44 -52.37 12.83
N GLY D 102 -31.40 -53.11 11.73
CA GLY D 102 -32.31 -54.22 11.57
C GLY D 102 -32.48 -54.56 10.11
N SER D 103 -33.41 -55.48 9.89
CA SER D 103 -33.87 -55.89 8.57
C SER D 103 -35.27 -55.32 8.34
N ARG D 104 -35.97 -55.92 7.37
CA ARG D 104 -37.41 -55.88 7.30
C ARG D 104 -38.05 -56.29 8.64
N TRP D 105 -39.10 -55.59 9.07
CA TRP D 105 -39.83 -55.96 10.28
C TRP D 105 -40.41 -57.39 10.14
N PRO D 106 -40.40 -58.23 11.20
CA PRO D 106 -40.01 -57.98 12.60
C PRO D 106 -38.66 -58.58 13.04
N ASP D 107 -37.61 -58.42 12.23
CA ASP D 107 -36.31 -59.07 12.45
C ASP D 107 -35.21 -58.01 12.59
N TRP D 108 -35.36 -57.15 13.60
CA TRP D 108 -34.57 -55.93 13.73
C TRP D 108 -33.26 -56.00 14.51
N GLU D 109 -32.93 -57.11 15.19
CA GLU D 109 -31.77 -57.15 16.09
C GLU D 109 -31.96 -56.14 17.25
N TYR D 110 -32.98 -56.42 18.06
CA TYR D 110 -33.39 -55.64 19.22
C TYR D 110 -32.28 -55.62 20.25
N ASP D 111 -31.60 -54.46 20.33
CA ASP D 111 -30.37 -54.32 21.07
C ASP D 111 -30.64 -54.10 22.57
N TYR D 112 -31.34 -53.00 22.91
CA TYR D 112 -31.54 -52.58 24.30
C TYR D 112 -32.96 -52.90 24.75
N TRP D 113 -33.02 -53.66 25.85
CA TRP D 113 -34.26 -54.24 26.34
C TRP D 113 -34.73 -53.52 27.59
N GLY D 114 -36.03 -53.66 27.80
CA GLY D 114 -36.68 -53.28 29.03
C GLY D 114 -37.03 -54.54 29.80
N GLN D 115 -37.49 -54.34 31.04
CA GLN D 115 -37.96 -55.41 31.90
C GLN D 115 -39.17 -56.13 31.32
N GLY D 116 -40.08 -55.39 30.69
CA GLY D 116 -41.42 -55.79 30.26
C GLY D 116 -42.28 -56.43 31.34
N THR D 117 -43.58 -56.40 31.07
CA THR D 117 -44.58 -56.68 32.09
C THR D 117 -45.45 -57.82 31.59
N GLN D 118 -45.53 -58.91 32.37
CA GLN D 118 -46.56 -59.92 32.19
C GLN D 118 -47.88 -59.29 32.63
N VAL D 119 -48.52 -58.58 31.69
CA VAL D 119 -49.74 -57.83 31.91
C VAL D 119 -50.82 -58.81 32.38
N THR D 120 -51.14 -58.79 33.67
CA THR D 120 -52.20 -59.65 34.21
C THR D 120 -53.51 -59.32 33.47
N VAL D 121 -54.15 -60.30 32.83
CA VAL D 121 -55.37 -60.02 32.09
C VAL D 121 -56.41 -61.08 32.46
N SER D 122 -57.59 -60.57 32.76
CA SER D 122 -58.81 -61.32 32.92
C SER D 122 -59.83 -60.83 31.89
N SER D 123 -61.06 -61.33 32.03
CA SER D 123 -62.23 -60.75 31.36
C SER D 123 -62.95 -59.72 32.30
#